data_2J6E
#
_entry.id   2J6E
#
_cell.length_a   241.980
_cell.length_b   75.610
_cell.length_c   102.400
_cell.angle_alpha   90.00
_cell.angle_beta   91.13
_cell.angle_gamma   90.00
#
_symmetry.space_group_name_H-M   'C 1 2 1'
#
loop_
_entity.id
_entity.type
_entity.pdbx_description
1 polymer 'IG GAMMA-1 CHAIN C REGION'
2 polymer IGM
3 polymer IGM
4 branched beta-D-galactopyranose-(1-4)-2-acetamido-2-deoxy-beta-D-glucopyranose-(1-2)-alpha-D-mannopyranose-(1-6)-[2-acetamido-2-deoxy-beta-D-glucopyranose-(1-2)-beta-D-mannopyranose-(1-3)]beta-D-mannopyranose-(1-4)-2-acetamido-2-deoxy-beta-D-glucopyranose-(1-4)-[beta-L-fucopyranose-(1-6)]2-acetamido-2-deoxy-beta-D-glucopyranose
5 non-polymer 'CADMIUM ION'
6 non-polymer 'ZINC ION'
7 non-polymer 'CACODYLATE ION'
8 non-polymer (4S)-2-METHYL-2,4-PENTANEDIOL
9 non-polymer 'ACETATE ION'
10 water water
#
loop_
_entity_poly.entity_id
_entity_poly.type
_entity_poly.pdbx_seq_one_letter_code
_entity_poly.pdbx_strand_id
1 'polypeptide(L)'
;EPKSCDKTHTCPPCPAPELLGGPSVFLFPPKPKDTLMISRTPEVTCVVVDVSHEEPEVKFNWYVDGVEVHNAKTKPREEQ
YNSTYRVVSVLTVLHQDWLNGKEYKCKVSNKALPAPIEKTISKAKGQPREPQVYTLPPSRDELTKNQVSLTCLVKGFYPS
DIAVEWESNGQPENNYKTTPPVLDSDGSFFLYSKLTVDKSRWQQGNVFSCSVMHEALHNHYTQKSLSLSPGK
;
A,B
2 'polypeptide(L)'
;LLLVAAPRWLSQLQLQESGPGLVKPSETLSLTCTVSGGSISRGSHYWGWIRQPPGKGLEWIGSIYYSGNTYFNPSLKSRV
TISVDTSKNQFSLKLSSVTAADTAVYYCARLGPDDYTLDGMDVWGQGTTVTVSSGSASAPTLFPLVSCDTSSVAVGCLAQ
DFLPDSITFSWKYKNNSDISSTRGFPSVLRGGKYAATSQVLLPSKDVMQGTDEHVVCKVQHPNGNKEKNVP
;
H,I
3 'polypeptide(L)'
;MAGFPLLLTLLTHCAGSWAQSVLTQPPSASGTPGQRVTISCSGSSSNIGSNYVYWYQQLPGTAPKLLIYRNNQRPSGVPD
RFSGSKSGTSASLAISGLRSEDEADYYCATWDDSLSAVIFGGGTKLTVLGQPKAAPSVTLFPPSSEELQANKATLVCLIS
DFFPGAVTVAWKADGAPVKAGVETTKPSKQSNNKYAASSYLSLTPEQWKSHRSYSCQVTHEGSTVEKTVAPTEC
;
L,M
#
# COMPACT_ATOMS: atom_id res chain seq x y z
N GLY A 21 20.10 -31.21 56.09
CA GLY A 21 20.05 -29.97 55.24
C GLY A 21 21.33 -29.75 54.44
N GLY A 22 21.75 -30.81 53.75
CA GLY A 22 22.97 -30.75 52.97
C GLY A 22 22.89 -29.83 51.76
N PRO A 23 23.63 -30.15 50.70
CA PRO A 23 23.56 -29.29 49.52
C PRO A 23 22.31 -29.67 48.75
N SER A 24 21.93 -28.87 47.77
CA SER A 24 20.77 -29.20 46.97
C SER A 24 21.24 -29.19 45.51
N VAL A 25 20.57 -29.96 44.66
CA VAL A 25 20.97 -30.06 43.28
C VAL A 25 20.01 -29.43 42.28
N PHE A 26 20.50 -29.19 41.07
CA PHE A 26 19.70 -28.61 40.00
C PHE A 26 20.20 -29.18 38.69
N LEU A 27 19.28 -29.62 37.84
CA LEU A 27 19.64 -30.23 36.58
C LEU A 27 19.07 -29.41 35.43
N PHE A 28 19.94 -28.71 34.71
CA PHE A 28 19.52 -27.85 33.60
C PHE A 28 19.59 -28.53 32.23
N PRO A 29 18.71 -28.15 31.31
CA PRO A 29 18.70 -28.74 29.96
C PRO A 29 19.67 -28.04 29.04
N PRO A 30 19.85 -28.59 27.83
CA PRO A 30 20.77 -27.99 26.87
C PRO A 30 20.11 -26.78 26.25
N LYS A 31 20.89 -25.86 25.73
CA LYS A 31 20.31 -24.68 25.08
C LYS A 31 19.57 -25.16 23.83
N PRO A 32 18.37 -24.61 23.58
CA PRO A 32 17.60 -25.00 22.42
C PRO A 32 18.40 -24.98 21.11
N LYS A 33 19.23 -23.96 20.93
CA LYS A 33 20.01 -23.85 19.72
C LYS A 33 20.97 -25.05 19.54
N ASP A 34 21.71 -25.39 20.58
CA ASP A 34 22.64 -26.49 20.48
C ASP A 34 21.99 -27.83 20.18
N THR A 35 20.67 -27.93 20.29
CA THR A 35 20.04 -29.21 20.00
C THR A 35 19.37 -29.30 18.64
N LEU A 36 19.23 -28.15 17.97
CA LEU A 36 18.59 -28.11 16.68
C LEU A 36 19.61 -27.96 15.55
N MET A 37 20.82 -27.58 15.92
CA MET A 37 21.87 -27.43 14.93
C MET A 37 22.80 -28.63 15.16
N ILE A 38 22.48 -29.71 14.47
CA ILE A 38 23.21 -30.97 14.55
C ILE A 38 24.72 -30.89 14.69
N SER A 39 25.32 -29.85 14.09
CA SER A 39 26.76 -29.64 14.13
C SER A 39 27.31 -29.15 15.48
N ARG A 40 26.45 -28.88 16.45
CA ARG A 40 26.94 -28.42 17.75
C ARG A 40 26.91 -29.55 18.77
N THR A 41 27.23 -29.23 20.04
CA THR A 41 27.25 -30.24 21.10
C THR A 41 26.46 -29.89 22.35
N PRO A 42 25.20 -30.30 22.38
CA PRO A 42 24.29 -30.05 23.49
C PRO A 42 24.70 -30.87 24.71
N GLU A 43 24.38 -30.37 25.90
CA GLU A 43 24.75 -31.06 27.13
C GLU A 43 23.92 -30.68 28.36
N VAL A 44 23.68 -31.63 29.27
CA VAL A 44 22.92 -31.32 30.48
C VAL A 44 23.89 -30.98 31.59
N THR A 45 23.52 -30.05 32.44
CA THR A 45 24.37 -29.61 33.53
C THR A 45 23.74 -29.95 34.85
N CYS A 46 24.49 -30.62 35.70
CA CYS A 46 24.00 -30.99 37.01
C CYS A 46 24.77 -30.13 38.00
N VAL A 47 24.09 -29.17 38.61
CA VAL A 47 24.76 -28.26 39.54
C VAL A 47 24.50 -28.55 41.00
N VAL A 48 25.54 -28.86 41.75
CA VAL A 48 25.34 -29.11 43.17
C VAL A 48 25.80 -27.84 43.86
N VAL A 49 24.91 -27.26 44.65
CA VAL A 49 25.22 -26.02 45.34
C VAL A 49 25.07 -26.28 46.84
N ASP A 50 25.69 -25.41 47.65
CA ASP A 50 25.68 -25.53 49.12
C ASP A 50 26.54 -26.66 49.65
N VAL A 51 27.72 -26.87 49.07
CA VAL A 51 28.62 -27.91 49.53
C VAL A 51 29.55 -27.29 50.57
N SER A 52 29.55 -27.87 51.76
CA SER A 52 30.38 -27.40 52.87
C SER A 52 31.88 -27.56 52.63
N HIS A 53 32.68 -26.97 53.52
CA HIS A 53 34.12 -27.10 53.43
C HIS A 53 34.49 -28.41 54.08
N GLU A 54 33.67 -28.85 55.04
CA GLU A 54 33.98 -30.09 55.75
C GLU A 54 33.94 -31.32 54.85
N GLU A 55 33.07 -31.34 53.85
CA GLU A 55 32.97 -32.48 52.94
C GLU A 55 32.75 -31.94 51.56
N PRO A 56 33.81 -31.43 50.93
CA PRO A 56 33.68 -30.88 49.59
C PRO A 56 33.60 -31.88 48.47
N GLU A 57 33.87 -33.15 48.75
CA GLU A 57 33.85 -34.15 47.70
C GLU A 57 32.47 -34.71 47.39
N VAL A 58 32.02 -34.48 46.15
CA VAL A 58 30.71 -34.94 45.69
C VAL A 58 30.88 -35.82 44.45
N LYS A 59 30.15 -36.93 44.41
CA LYS A 59 30.22 -37.88 43.30
C LYS A 59 29.03 -37.82 42.36
N PHE A 60 29.29 -37.77 41.07
CA PHE A 60 28.21 -37.74 40.10
C PHE A 60 28.01 -39.10 39.48
N ASN A 61 26.75 -39.45 39.23
CA ASN A 61 26.38 -40.72 38.60
C ASN A 61 25.38 -40.39 37.50
N TRP A 62 25.75 -40.54 36.25
CA TRP A 62 24.80 -40.22 35.18
C TRP A 62 24.09 -41.43 34.58
N TYR A 63 22.89 -41.19 34.04
CA TYR A 63 22.14 -42.25 33.40
C TYR A 63 21.36 -41.68 32.23
N VAL A 64 21.16 -42.52 31.22
CA VAL A 64 20.40 -42.16 30.04
C VAL A 64 19.39 -43.30 29.92
N ASP A 65 18.19 -43.07 30.46
CA ASP A 65 17.11 -44.06 30.45
C ASP A 65 17.51 -45.25 31.31
N GLY A 66 18.09 -44.99 32.46
CA GLY A 66 18.49 -46.06 33.34
C GLY A 66 19.84 -46.61 33.01
N VAL A 67 20.26 -46.51 31.75
CA VAL A 67 21.57 -47.02 31.40
C VAL A 67 22.68 -46.03 31.80
N GLU A 68 23.29 -46.26 32.96
CA GLU A 68 24.37 -45.41 33.45
C GLU A 68 25.46 -45.18 32.41
N VAL A 69 25.98 -43.96 32.35
CA VAL A 69 27.05 -43.62 31.42
C VAL A 69 28.26 -43.13 32.18
N HIS A 70 29.36 -42.90 31.46
CA HIS A 70 30.62 -42.46 32.08
C HIS A 70 31.36 -41.38 31.30
N ASN A 71 30.69 -40.71 30.36
CA ASN A 71 31.36 -39.69 29.56
C ASN A 71 31.15 -38.28 30.09
N ALA A 72 30.79 -38.18 31.36
CA ALA A 72 30.56 -36.89 31.99
C ALA A 72 31.90 -36.28 32.41
N LYS A 73 31.99 -34.96 32.40
CA LYS A 73 33.21 -34.26 32.80
C LYS A 73 32.85 -33.31 33.94
N THR A 74 33.47 -33.50 35.09
CA THR A 74 33.21 -32.62 36.23
C THR A 74 34.23 -31.47 36.27
N LYS A 75 33.74 -30.24 36.39
CA LYS A 75 34.63 -29.09 36.46
C LYS A 75 35.11 -29.04 37.92
N PRO A 76 36.33 -28.54 38.17
CA PRO A 76 36.80 -28.48 39.55
C PRO A 76 35.91 -27.57 40.41
N ARG A 77 35.61 -28.02 41.63
CA ARG A 77 34.73 -27.28 42.51
C ARG A 77 35.16 -25.85 42.75
N GLU A 78 34.21 -24.95 42.56
CA GLU A 78 34.46 -23.55 42.74
C GLU A 78 34.01 -23.02 44.09
N GLU A 79 34.91 -22.26 44.69
CA GLU A 79 34.75 -21.62 46.00
C GLU A 79 33.71 -20.52 45.87
N GLN A 80 32.75 -20.46 46.80
CA GLN A 80 31.70 -19.43 46.81
C GLN A 80 31.87 -18.40 47.92
N TYR A 81 31.32 -17.21 47.74
CA TYR A 81 31.45 -16.18 48.75
C TYR A 81 30.73 -16.46 50.04
N ASN A 82 29.74 -17.36 50.02
CA ASN A 82 29.05 -17.68 51.26
C ASN A 82 29.63 -18.92 51.93
N SER A 83 30.96 -19.06 51.87
CA SER A 83 31.62 -20.18 52.50
C SER A 83 31.12 -21.56 52.15
N THR A 84 30.86 -21.81 50.86
CA THR A 84 30.42 -23.14 50.40
C THR A 84 30.87 -23.30 48.97
N TYR A 85 30.69 -24.50 48.43
CA TYR A 85 31.07 -24.78 47.06
C TYR A 85 29.90 -24.91 46.11
N ARG A 86 30.23 -24.83 44.82
CA ARG A 86 29.30 -24.99 43.72
C ARG A 86 30.06 -25.92 42.79
N VAL A 87 29.56 -27.14 42.65
CA VAL A 87 30.22 -28.15 41.82
C VAL A 87 29.40 -28.37 40.56
N VAL A 88 30.06 -28.53 39.42
CA VAL A 88 29.33 -28.76 38.19
C VAL A 88 29.72 -30.00 37.41
N SER A 89 28.74 -30.67 36.83
CA SER A 89 29.01 -31.87 36.06
C SER A 89 28.24 -31.80 34.77
N VAL A 90 28.88 -32.01 33.64
CA VAL A 90 28.16 -31.92 32.39
C VAL A 90 28.18 -33.20 31.60
N LEU A 91 27.12 -33.41 30.84
CA LEU A 91 26.98 -34.59 30.03
C LEU A 91 26.66 -34.22 28.58
N THR A 92 27.56 -34.50 27.64
CA THR A 92 27.22 -34.17 26.28
C THR A 92 26.09 -35.13 25.94
N VAL A 93 25.14 -34.68 25.11
CA VAL A 93 24.04 -35.57 24.73
C VAL A 93 24.00 -35.63 23.21
N LEU A 94 23.56 -36.76 22.68
CA LEU A 94 23.47 -36.91 21.23
C LEU A 94 22.28 -36.20 20.64
N HIS A 95 22.55 -35.41 19.61
CA HIS A 95 21.51 -34.70 18.92
C HIS A 95 20.22 -35.50 18.92
N GLN A 96 20.33 -36.78 18.58
CA GLN A 96 19.18 -37.64 18.51
C GLN A 96 18.63 -38.19 19.83
N ASP A 97 19.46 -38.35 20.84
CA ASP A 97 18.95 -38.87 22.10
C ASP A 97 18.01 -37.87 22.74
N TRP A 98 18.39 -36.59 22.74
CA TRP A 98 17.57 -35.57 23.37
C TRP A 98 16.24 -35.34 22.64
N LEU A 99 16.32 -35.17 21.33
CA LEU A 99 15.12 -34.94 20.53
C LEU A 99 14.20 -36.16 20.48
N ASN A 100 14.67 -37.33 20.91
CA ASN A 100 13.83 -38.52 20.89
C ASN A 100 13.32 -38.72 22.29
N GLY A 101 13.43 -37.68 23.09
CA GLY A 101 12.93 -37.76 24.45
C GLY A 101 13.64 -38.62 25.46
N LYS A 102 14.91 -38.96 25.24
CA LYS A 102 15.65 -39.77 26.22
C LYS A 102 15.66 -39.05 27.56
N GLU A 103 15.63 -39.79 28.66
CA GLU A 103 15.68 -39.18 29.98
C GLU A 103 17.07 -39.22 30.58
N TYR A 104 17.51 -38.09 31.13
CA TYR A 104 18.82 -38.00 31.73
C TYR A 104 18.70 -37.81 33.23
N LYS A 105 19.29 -38.74 33.98
CA LYS A 105 19.27 -38.69 35.43
C LYS A 105 20.68 -38.52 35.98
N CYS A 106 20.80 -37.58 36.91
CA CYS A 106 22.04 -37.25 37.55
C CYS A 106 21.89 -37.64 39.02
N LYS A 107 22.72 -38.56 39.50
CA LYS A 107 22.68 -38.99 40.89
C LYS A 107 23.82 -38.29 41.63
N VAL A 108 23.50 -37.64 42.74
CA VAL A 108 24.49 -36.90 43.51
C VAL A 108 24.72 -37.43 44.91
N SER A 109 25.98 -37.68 45.23
CA SER A 109 26.32 -38.20 46.54
C SER A 109 27.43 -37.41 47.20
N ASN A 110 27.21 -37.06 48.47
CA ASN A 110 28.15 -36.29 49.26
C ASN A 110 27.87 -36.62 50.74
N LYS A 111 28.91 -36.62 51.56
CA LYS A 111 28.76 -36.98 52.96
C LYS A 111 27.64 -36.27 53.73
N ALA A 112 27.39 -35.00 53.44
CA ALA A 112 26.35 -34.26 54.15
C ALA A 112 24.97 -34.54 53.58
N LEU A 113 24.84 -35.70 52.96
CA LEU A 113 23.57 -36.09 52.37
C LEU A 113 23.15 -37.45 52.87
N PRO A 114 22.11 -37.50 53.72
CA PRO A 114 21.65 -38.80 54.21
C PRO A 114 21.59 -39.78 53.04
N ALA A 115 20.80 -39.42 52.04
CA ALA A 115 20.67 -40.27 50.87
C ALA A 115 20.95 -39.46 49.59
N PRO A 116 21.56 -40.10 48.57
CA PRO A 116 21.87 -39.41 47.32
C PRO A 116 20.63 -38.71 46.79
N ILE A 117 20.84 -37.62 46.04
CA ILE A 117 19.75 -36.86 45.43
C ILE A 117 19.71 -37.09 43.92
N GLU A 118 18.58 -37.59 43.43
CA GLU A 118 18.42 -37.86 42.02
C GLU A 118 17.56 -36.78 41.36
N LYS A 119 17.86 -36.46 40.11
CA LYS A 119 17.11 -35.45 39.36
C LYS A 119 16.97 -35.91 37.92
N THR A 120 15.85 -35.57 37.28
CA THR A 120 15.65 -35.98 35.89
C THR A 120 15.13 -34.90 34.93
N ILE A 121 15.54 -34.98 33.68
CA ILE A 121 15.06 -34.03 32.66
C ILE A 121 15.01 -34.72 31.31
N SER A 122 14.42 -34.06 30.34
CA SER A 122 14.28 -34.61 28.99
C SER A 122 13.29 -33.73 28.25
N LYS A 123 13.32 -33.76 26.93
CA LYS A 123 12.41 -32.95 26.14
C LYS A 123 10.99 -33.12 26.68
N ALA A 124 10.15 -32.10 26.50
CA ALA A 124 8.77 -32.24 26.98
C ALA A 124 8.11 -33.35 26.20
N LYS A 125 7.18 -34.06 26.83
CA LYS A 125 6.49 -35.12 26.12
C LYS A 125 5.32 -34.47 25.37
N GLY A 126 4.74 -35.18 24.42
CA GLY A 126 3.64 -34.61 23.65
C GLY A 126 4.10 -34.38 22.22
N GLN A 127 3.23 -34.67 21.27
CA GLN A 127 3.49 -34.53 19.82
C GLN A 127 3.94 -33.13 19.42
N PRO A 128 5.01 -33.05 18.62
CA PRO A 128 5.58 -31.79 18.14
C PRO A 128 4.67 -31.13 17.12
N ARG A 129 4.76 -29.81 17.02
CA ARG A 129 3.94 -29.05 16.08
C ARG A 129 4.81 -28.01 15.34
N GLU A 130 4.69 -27.96 14.01
CA GLU A 130 5.45 -27.02 13.19
C GLU A 130 4.88 -25.61 13.27
N PRO A 131 5.65 -24.64 13.79
CA PRO A 131 5.22 -23.25 13.92
C PRO A 131 5.20 -22.53 12.59
N GLN A 132 4.44 -21.43 12.54
CA GLN A 132 4.38 -20.62 11.33
C GLN A 132 5.12 -19.36 11.69
N VAL A 133 5.82 -18.77 10.74
CA VAL A 133 6.55 -17.56 11.03
C VAL A 133 5.99 -16.43 10.20
N TYR A 134 5.64 -15.33 10.87
CA TYR A 134 5.09 -14.17 10.20
C TYR A 134 5.88 -12.93 10.56
N THR A 135 6.22 -12.13 9.56
CA THR A 135 6.98 -10.92 9.77
C THR A 135 5.97 -9.82 9.58
N LEU A 136 5.98 -8.81 10.43
CA LEU A 136 4.99 -7.76 10.29
C LEU A 136 5.63 -6.39 10.39
N PRO A 137 5.40 -5.56 9.38
CA PRO A 137 5.93 -4.19 9.30
C PRO A 137 5.54 -3.29 10.47
N PRO A 138 6.15 -2.10 10.57
CA PRO A 138 5.82 -1.18 11.65
C PRO A 138 4.53 -0.48 11.29
N SER A 139 3.83 0.05 12.30
CA SER A 139 2.59 0.77 12.05
C SER A 139 3.01 2.06 11.40
N ARG A 140 2.24 2.51 10.44
CA ARG A 140 2.60 3.73 9.77
C ARG A 140 2.93 4.85 10.76
N ASP A 141 2.26 4.91 11.90
CA ASP A 141 2.54 6.00 12.83
C ASP A 141 3.75 5.86 13.75
N GLU A 142 4.53 4.81 13.57
CA GLU A 142 5.72 4.69 14.40
C GLU A 142 6.81 5.37 13.58
N LEU A 143 6.50 5.62 12.32
CA LEU A 143 7.42 6.25 11.39
C LEU A 143 7.67 7.74 11.66
N THR A 144 7.13 8.29 12.74
CA THR A 144 7.38 9.69 13.04
C THR A 144 8.50 9.68 14.08
N LYS A 145 8.87 8.48 14.50
CA LYS A 145 9.94 8.29 15.47
C LYS A 145 11.25 8.06 14.69
N ASN A 146 12.36 7.96 15.41
CA ASN A 146 13.67 7.76 14.79
C ASN A 146 14.04 6.28 14.63
N GLN A 147 13.33 5.42 15.36
CA GLN A 147 13.57 3.99 15.29
C GLN A 147 12.23 3.30 15.05
N VAL A 148 12.23 2.26 14.21
CA VAL A 148 11.00 1.53 13.93
C VAL A 148 11.12 0.12 14.48
N SER A 149 9.97 -0.51 14.68
CA SER A 149 9.93 -1.85 15.23
C SER A 149 9.42 -2.86 14.21
N LEU A 150 10.25 -3.84 13.88
CA LEU A 150 9.84 -4.86 12.95
C LEU A 150 9.42 -6.00 13.86
N THR A 151 8.37 -6.71 13.46
CA THR A 151 7.86 -7.78 14.29
C THR A 151 7.84 -9.13 13.61
N CYS A 152 8.27 -10.15 14.36
CA CYS A 152 8.29 -11.50 13.86
C CYS A 152 7.44 -12.35 14.79
N LEU A 153 6.38 -12.94 14.22
CA LEU A 153 5.46 -13.76 14.98
C LEU A 153 5.66 -15.24 14.69
N VAL A 154 5.99 -16.00 15.73
CA VAL A 154 6.19 -17.45 15.58
C VAL A 154 5.05 -18.14 16.29
N LYS A 155 4.11 -18.72 15.55
CA LYS A 155 3.00 -19.40 16.21
C LYS A 155 2.76 -20.86 15.84
N GLY A 156 2.20 -21.58 16.79
CA GLY A 156 1.85 -22.96 16.59
C GLY A 156 2.95 -23.95 16.79
N PHE A 157 3.92 -23.64 17.65
CA PHE A 157 4.97 -24.61 17.84
C PHE A 157 4.89 -25.38 19.14
N TYR A 158 5.49 -26.57 19.09
CA TYR A 158 5.55 -27.42 20.25
C TYR A 158 6.57 -28.50 19.96
N PRO A 159 7.39 -28.85 20.96
CA PRO A 159 7.39 -28.29 22.30
C PRO A 159 7.90 -26.87 22.32
N SER A 160 7.91 -26.26 23.50
CA SER A 160 8.32 -24.87 23.66
C SER A 160 9.78 -24.48 23.47
N ASP A 161 10.69 -25.42 23.28
CA ASP A 161 12.09 -25.04 23.08
C ASP A 161 12.22 -24.41 21.72
N ILE A 162 12.71 -23.19 21.68
CA ILE A 162 12.85 -22.50 20.41
C ILE A 162 13.96 -21.47 20.50
N ALA A 163 14.48 -21.05 19.37
CA ALA A 163 15.54 -20.06 19.36
C ALA A 163 15.14 -19.07 18.30
N VAL A 164 15.47 -17.80 18.48
CA VAL A 164 15.11 -16.80 17.47
C VAL A 164 16.11 -15.68 17.37
N GLU A 165 16.65 -15.45 16.19
CA GLU A 165 17.58 -14.36 16.01
C GLU A 165 17.37 -13.64 14.70
N TRP A 166 17.40 -12.32 14.76
CA TRP A 166 17.21 -11.46 13.60
C TRP A 166 18.52 -11.26 12.91
N GLU A 167 18.46 -10.94 11.63
CA GLU A 167 19.67 -10.72 10.86
C GLU A 167 19.44 -9.93 9.58
N SER A 168 20.48 -9.25 9.12
CA SER A 168 20.44 -8.45 7.91
C SER A 168 21.78 -8.56 7.22
N ASN A 169 21.76 -8.46 5.89
CA ASN A 169 22.98 -8.55 5.07
C ASN A 169 24.13 -9.33 5.70
N GLY A 170 23.83 -10.52 6.22
CA GLY A 170 24.88 -11.33 6.82
C GLY A 170 25.09 -11.22 8.32
N GLN A 171 25.57 -10.07 8.77
CA GLN A 171 25.81 -9.91 10.20
C GLN A 171 24.51 -10.00 10.97
N PRO A 172 24.56 -10.44 12.22
CA PRO A 172 23.36 -10.54 13.04
C PRO A 172 22.91 -9.14 13.41
N GLU A 173 22.04 -9.03 14.40
CA GLU A 173 21.53 -7.74 14.82
C GLU A 173 21.68 -7.50 16.31
N ASN A 174 21.76 -6.24 16.70
CA ASN A 174 21.96 -5.91 18.13
C ASN A 174 20.69 -5.57 18.86
N ASN A 175 19.90 -4.67 18.29
CA ASN A 175 18.72 -4.29 19.00
C ASN A 175 17.45 -5.07 18.68
N TYR A 176 17.33 -6.23 19.33
CA TYR A 176 16.16 -7.09 19.20
C TYR A 176 16.03 -7.89 20.47
N LYS A 177 14.80 -8.10 20.91
CA LYS A 177 14.50 -8.86 22.11
C LYS A 177 13.40 -9.86 21.76
N THR A 178 13.33 -10.98 22.46
CA THR A 178 12.29 -11.95 22.15
C THR A 178 11.48 -12.40 23.35
N THR A 179 10.16 -12.24 23.25
CA THR A 179 9.28 -12.64 24.34
C THR A 179 9.50 -14.11 24.65
N PRO A 180 9.09 -14.53 25.85
CA PRO A 180 9.25 -15.95 26.20
C PRO A 180 8.15 -16.68 25.47
N PRO A 181 8.25 -18.00 25.33
CA PRO A 181 7.17 -18.69 24.63
C PRO A 181 5.92 -18.49 25.47
N VAL A 182 4.76 -18.63 24.85
CA VAL A 182 3.51 -18.47 25.56
C VAL A 182 2.51 -19.52 25.12
N LEU A 183 1.89 -20.17 26.10
CA LEU A 183 0.91 -21.22 25.87
C LEU A 183 -0.40 -20.70 25.29
N ASP A 184 -0.68 -21.04 24.03
CA ASP A 184 -1.90 -20.61 23.35
C ASP A 184 -3.11 -21.43 23.78
N SER A 185 -4.27 -21.09 23.24
CA SER A 185 -5.51 -21.77 23.59
C SER A 185 -5.67 -23.14 22.96
N ASP A 186 -4.93 -23.39 21.90
CA ASP A 186 -4.99 -24.67 21.19
C ASP A 186 -3.95 -25.65 21.71
N GLY A 187 -3.20 -25.27 22.74
CA GLY A 187 -2.21 -26.16 23.29
C GLY A 187 -0.80 -25.96 22.81
N SER A 188 -0.60 -25.20 21.74
CA SER A 188 0.75 -24.97 21.26
C SER A 188 1.29 -23.66 21.82
N PHE A 189 2.49 -23.27 21.41
CA PHE A 189 3.08 -22.03 21.90
C PHE A 189 3.24 -21.00 20.81
N PHE A 190 3.37 -19.74 21.22
CA PHE A 190 3.59 -18.64 20.29
C PHE A 190 4.49 -17.62 20.97
N LEU A 191 5.29 -16.92 20.19
CA LEU A 191 6.15 -15.89 20.73
C LEU A 191 6.35 -14.85 19.67
N TYR A 192 6.76 -13.67 20.10
CA TYR A 192 7.01 -12.57 19.20
C TYR A 192 8.44 -12.12 19.45
N SER A 193 9.13 -11.73 18.38
CA SER A 193 10.48 -11.23 18.56
C SER A 193 10.41 -9.83 18.02
N LYS A 194 11.08 -8.89 18.70
CA LYS A 194 11.05 -7.51 18.25
C LYS A 194 12.41 -6.96 17.85
N LEU A 195 12.53 -6.54 16.60
CA LEU A 195 13.77 -5.96 16.11
C LEU A 195 13.55 -4.47 16.00
N THR A 196 14.49 -3.68 16.53
CA THR A 196 14.42 -2.23 16.48
C THR A 196 15.52 -1.77 15.52
N VAL A 197 15.20 -0.85 14.63
CA VAL A 197 16.19 -0.40 13.67
C VAL A 197 16.07 1.09 13.39
N ASP A 198 17.19 1.75 13.08
CA ASP A 198 17.12 3.17 12.76
C ASP A 198 16.11 3.33 11.61
N LYS A 199 15.10 4.15 11.85
CA LYS A 199 14.06 4.39 10.86
C LYS A 199 14.59 4.46 9.44
N SER A 200 15.76 5.08 9.25
CA SER A 200 16.35 5.23 7.92
C SER A 200 16.70 3.92 7.25
N ARG A 201 17.28 2.99 7.99
CA ARG A 201 17.63 1.68 7.42
C ARG A 201 16.35 1.07 6.84
N TRP A 202 15.25 1.18 7.57
CA TRP A 202 13.98 0.64 7.11
C TRP A 202 13.52 1.33 5.82
N GLN A 203 13.37 2.65 5.84
CA GLN A 203 12.91 3.34 4.65
C GLN A 203 13.76 3.16 3.39
N GLN A 204 15.07 2.94 3.55
CA GLN A 204 15.94 2.75 2.40
C GLN A 204 15.47 1.59 1.57
N GLY A 205 15.41 0.41 2.18
CA GLY A 205 14.96 -0.76 1.46
C GLY A 205 15.65 -2.01 1.93
N ASN A 206 16.45 -1.88 2.98
CA ASN A 206 17.17 -3.01 3.51
C ASN A 206 16.23 -4.15 3.77
N VAL A 207 16.77 -5.37 3.73
CA VAL A 207 15.98 -6.57 3.94
C VAL A 207 16.41 -7.25 5.21
N PHE A 208 15.53 -7.29 6.19
CA PHE A 208 15.86 -7.96 7.44
C PHE A 208 15.27 -9.36 7.50
N SER A 209 15.91 -10.24 8.27
CA SER A 209 15.42 -11.59 8.35
C SER A 209 15.17 -12.09 9.73
N CYS A 210 14.17 -12.97 9.85
CA CYS A 210 13.83 -13.55 11.12
C CYS A 210 14.22 -15.01 11.01
N SER A 211 15.21 -15.44 11.77
CA SER A 211 15.66 -16.83 11.71
C SER A 211 15.12 -17.60 12.90
N VAL A 212 14.42 -18.70 12.63
CA VAL A 212 13.86 -19.47 13.71
C VAL A 212 14.34 -20.88 13.69
N MET A 213 14.61 -21.43 14.86
CA MET A 213 15.06 -22.80 14.99
C MET A 213 14.16 -23.61 15.92
N HIS A 214 13.48 -24.60 15.36
CA HIS A 214 12.60 -25.46 16.13
C HIS A 214 12.68 -26.86 15.56
N GLU A 215 12.67 -27.87 16.41
CA GLU A 215 12.77 -29.22 15.89
C GLU A 215 11.74 -29.49 14.80
N ALA A 216 10.49 -29.19 15.08
CA ALA A 216 9.39 -29.43 14.14
C ALA A 216 9.59 -28.82 12.78
N LEU A 217 10.38 -27.77 12.69
CA LEU A 217 10.62 -27.15 11.40
C LEU A 217 11.46 -28.07 10.50
N HIS A 218 11.58 -27.70 9.24
CA HIS A 218 12.35 -28.52 8.31
C HIS A 218 13.80 -28.25 8.51
N ASN A 219 14.54 -29.30 8.80
CA ASN A 219 15.95 -29.18 9.05
C ASN A 219 16.10 -28.36 10.32
N HIS A 220 15.00 -28.28 11.08
CA HIS A 220 14.98 -27.55 12.34
C HIS A 220 15.15 -26.05 12.18
N TYR A 221 15.05 -25.58 10.96
CA TYR A 221 15.25 -24.17 10.71
C TYR A 221 14.34 -23.61 9.65
N THR A 222 14.05 -22.33 9.79
CA THR A 222 13.28 -21.65 8.79
C THR A 222 13.53 -20.19 8.97
N GLN A 223 13.28 -19.45 7.90
CA GLN A 223 13.54 -18.04 7.88
C GLN A 223 12.48 -17.31 7.07
N LYS A 224 12.11 -16.15 7.56
CA LYS A 224 11.11 -15.32 6.93
C LYS A 224 11.73 -13.93 6.85
N SER A 225 11.63 -13.31 5.69
CA SER A 225 12.21 -11.98 5.49
C SER A 225 11.15 -10.89 5.36
N LEU A 226 11.47 -9.74 5.94
CA LEU A 226 10.60 -8.57 5.96
C LEU A 226 11.36 -7.39 5.41
N SER A 227 10.71 -6.56 4.61
CA SER A 227 11.39 -5.40 4.06
C SER A 227 10.40 -4.48 3.38
N LEU A 228 10.81 -3.24 3.12
CA LEU A 228 9.94 -2.25 2.49
C LEU A 228 10.09 -2.30 0.96
N SER A 229 9.11 -2.94 0.32
CA SER A 229 9.11 -3.14 -1.13
C SER A 229 9.09 -1.85 -1.96
N PRO A 230 9.45 -1.92 -3.16
N PRO B 23 8.74 -25.74 54.62
CA PRO B 23 7.68 -24.77 54.19
C PRO B 23 8.33 -23.52 53.60
N SER B 24 7.73 -22.99 52.54
CA SER B 24 8.22 -21.79 51.88
C SER B 24 7.10 -20.75 51.86
N VAL B 25 7.45 -19.48 51.69
CA VAL B 25 6.44 -18.42 51.64
C VAL B 25 6.36 -17.79 50.26
N PHE B 26 5.18 -17.28 49.94
CA PHE B 26 4.93 -16.66 48.66
C PHE B 26 4.01 -15.44 48.81
N LEU B 27 4.58 -14.25 48.73
CA LEU B 27 3.81 -13.02 48.84
C LEU B 27 3.55 -12.44 47.46
N PHE B 28 2.28 -12.29 47.11
CA PHE B 28 1.89 -11.77 45.80
C PHE B 28 1.28 -10.35 45.83
N PRO B 29 1.52 -9.57 44.77
CA PRO B 29 1.01 -8.20 44.63
C PRO B 29 -0.36 -8.11 43.97
N PRO B 30 -0.98 -6.92 43.98
CA PRO B 30 -2.31 -6.72 43.38
C PRO B 30 -2.35 -6.69 41.84
N LYS B 31 -3.48 -7.11 41.31
CA LYS B 31 -3.70 -7.14 39.87
C LYS B 31 -3.61 -5.72 39.30
N PRO B 32 -2.80 -5.54 38.27
CA PRO B 32 -2.73 -4.18 37.74
C PRO B 32 -4.14 -3.60 37.50
N LYS B 33 -5.00 -4.36 36.85
CA LYS B 33 -6.34 -3.86 36.58
C LYS B 33 -6.98 -3.32 37.85
N ASP B 34 -6.91 -4.10 38.92
CA ASP B 34 -7.52 -3.69 40.18
C ASP B 34 -6.98 -2.37 40.76
N THR B 35 -5.67 -2.16 40.75
CA THR B 35 -5.13 -0.93 41.32
C THR B 35 -5.31 0.31 40.44
N LEU B 36 -5.94 0.15 39.27
CA LEU B 36 -6.15 1.28 38.36
C LEU B 36 -7.59 1.74 38.27
N MET B 37 -8.53 0.84 38.54
CA MET B 37 -9.95 1.19 38.53
C MET B 37 -10.38 1.35 40.00
N ILE B 38 -10.77 2.55 40.38
CA ILE B 38 -11.16 2.85 41.75
C ILE B 38 -12.25 1.95 42.33
N SER B 39 -13.30 1.69 41.55
CA SER B 39 -14.41 0.86 41.98
C SER B 39 -13.89 -0.48 42.48
N ARG B 40 -12.96 -1.04 41.72
CA ARG B 40 -12.36 -2.32 42.02
C ARG B 40 -11.57 -2.22 43.32
N THR B 41 -11.30 -3.38 43.92
CA THR B 41 -10.58 -3.45 45.17
C THR B 41 -9.31 -4.28 45.10
N PRO B 42 -8.14 -3.62 45.00
CA PRO B 42 -6.87 -4.34 44.94
C PRO B 42 -6.61 -5.08 46.26
N GLU B 43 -5.63 -5.97 46.27
CA GLU B 43 -5.28 -6.70 47.49
C GLU B 43 -4.01 -7.50 47.31
N VAL B 44 -3.20 -7.59 48.37
CA VAL B 44 -1.96 -8.36 48.30
C VAL B 44 -2.23 -9.74 48.90
N THR B 45 -1.74 -10.79 48.24
CA THR B 45 -1.96 -12.16 48.71
C THR B 45 -0.70 -12.84 49.24
N CYS B 46 -0.83 -13.50 50.39
CA CYS B 46 0.28 -14.21 51.03
C CYS B 46 -0.07 -15.69 51.05
N VAL B 47 0.87 -16.54 50.67
CA VAL B 47 0.60 -17.97 50.65
C VAL B 47 1.70 -18.77 51.35
N VAL B 48 1.37 -19.98 51.79
CA VAL B 48 2.32 -20.87 52.45
C VAL B 48 2.29 -22.24 51.77
N VAL B 49 3.32 -22.52 50.97
CA VAL B 49 3.43 -23.79 50.24
C VAL B 49 4.15 -24.87 51.04
N ASP B 50 3.63 -26.10 50.93
CA ASP B 50 4.20 -27.26 51.61
C ASP B 50 4.12 -27.14 53.14
N VAL B 51 2.92 -27.39 53.65
CA VAL B 51 2.64 -27.33 55.08
C VAL B 51 1.87 -28.61 55.47
N SER B 52 2.59 -29.56 56.05
CA SER B 52 2.02 -30.84 56.47
C SER B 52 0.78 -30.74 57.35
N HIS B 53 0.13 -31.88 57.58
CA HIS B 53 -1.08 -31.95 58.40
C HIS B 53 -0.81 -31.81 59.89
N GLU B 54 0.42 -32.11 60.30
CA GLU B 54 0.82 -32.04 61.72
C GLU B 54 0.54 -30.66 62.31
N GLU B 55 1.41 -29.72 62.01
CA GLU B 55 1.28 -28.35 62.51
C GLU B 55 0.90 -27.40 61.36
N PRO B 56 -0.39 -27.37 60.99
CA PRO B 56 -0.84 -26.50 59.91
C PRO B 56 -1.09 -25.07 60.41
N GLU B 57 -1.77 -24.99 61.56
CA GLU B 57 -2.11 -23.71 62.20
C GLU B 57 -1.02 -22.66 62.05
N VAL B 58 -1.36 -21.54 61.42
CA VAL B 58 -0.43 -20.45 61.17
C VAL B 58 -0.82 -19.10 61.78
N LYS B 59 0.00 -18.09 61.48
CA LYS B 59 -0.20 -16.72 61.95
C LYS B 59 0.15 -15.75 60.83
N PHE B 60 -0.57 -14.63 60.78
CA PHE B 60 -0.34 -13.62 59.74
C PHE B 60 -0.29 -12.21 60.32
N ASN B 61 0.82 -11.53 60.09
CA ASN B 61 1.02 -10.16 60.57
C ASN B 61 1.30 -9.25 59.39
N TRP B 62 0.44 -8.25 59.18
CA TRP B 62 0.61 -7.34 58.06
C TRP B 62 0.94 -5.90 58.44
N TYR B 63 2.06 -5.41 57.93
CA TYR B 63 2.51 -4.05 58.21
C TYR B 63 2.77 -3.26 56.93
N VAL B 64 2.37 -2.00 56.93
CA VAL B 64 2.53 -1.09 55.81
C VAL B 64 3.60 -0.02 56.09
N ASP B 65 4.81 -0.23 55.57
CA ASP B 65 5.91 0.71 55.79
C ASP B 65 6.15 0.85 57.29
N GLY B 66 6.13 -0.29 57.98
CA GLY B 66 6.31 -0.29 59.41
C GLY B 66 4.95 -0.25 60.08
N VAL B 67 4.27 0.88 59.98
CA VAL B 67 2.94 1.06 60.56
C VAL B 67 2.07 -0.14 60.23
N GLU B 68 1.05 -0.41 61.04
CA GLU B 68 0.18 -1.55 60.80
C GLU B 68 -1.30 -1.23 60.91
N VAL B 69 -2.12 -2.23 60.60
CA VAL B 69 -3.58 -2.18 60.67
C VAL B 69 -4.04 -3.63 60.69
N HIS B 70 -5.10 -3.90 61.46
CA HIS B 70 -5.64 -5.26 61.55
C HIS B 70 -6.86 -5.41 60.64
N ASN B 71 -6.67 -6.10 59.52
CA ASN B 71 -7.74 -6.34 58.56
C ASN B 71 -7.21 -7.11 57.36
N ALA B 72 -7.24 -8.43 57.45
CA ALA B 72 -6.75 -9.27 56.37
C ALA B 72 -7.41 -10.63 56.33
N LYS B 73 -8.60 -10.70 55.73
CA LYS B 73 -9.36 -11.95 55.62
C LYS B 73 -8.39 -13.10 55.37
N THR B 74 -8.72 -14.28 55.86
CA THR B 74 -7.85 -15.44 55.68
C THR B 74 -8.56 -16.76 55.49
N LYS B 75 -8.77 -17.13 54.23
CA LYS B 75 -9.43 -18.39 53.89
C LYS B 75 -8.74 -19.58 54.55
N PRO B 76 -9.50 -20.67 54.77
CA PRO B 76 -9.02 -21.92 55.40
C PRO B 76 -7.93 -22.64 54.63
N ARG B 77 -7.37 -23.69 55.24
CA ARG B 77 -6.30 -24.44 54.60
C ARG B 77 -6.82 -25.47 53.60
N GLU B 78 -6.93 -25.02 52.36
CA GLU B 78 -7.41 -25.84 51.25
C GLU B 78 -6.54 -27.09 51.10
N GLU B 79 -7.10 -28.24 51.47
CA GLU B 79 -6.38 -29.51 51.37
C GLU B 79 -5.65 -29.57 50.03
N GLN B 80 -4.48 -30.19 50.00
CA GLN B 80 -3.72 -30.25 48.74
C GLN B 80 -3.37 -31.67 48.29
N TYR B 81 -2.92 -31.78 47.04
CA TYR B 81 -2.57 -33.06 46.43
C TYR B 81 -1.14 -33.55 46.69
N ASN B 82 -0.57 -33.16 47.82
CA ASN B 82 0.77 -33.60 48.18
C ASN B 82 1.01 -33.54 49.70
N SER B 83 0.16 -34.25 50.44
CA SER B 83 0.24 -34.32 51.90
C SER B 83 0.45 -32.96 52.56
N THR B 84 -0.08 -31.90 51.95
CA THR B 84 0.07 -30.57 52.52
C THR B 84 -1.15 -29.71 52.25
N TYR B 85 -1.05 -28.42 52.58
CA TYR B 85 -2.15 -27.50 52.35
C TYR B 85 -1.64 -26.25 51.64
N ARG B 86 -2.57 -25.33 51.38
CA ARG B 86 -2.26 -24.06 50.73
C ARG B 86 -2.92 -22.96 51.56
N VAL B 87 -2.15 -22.39 52.48
CA VAL B 87 -2.67 -21.33 53.34
C VAL B 87 -2.50 -19.98 52.65
N VAL B 88 -3.61 -19.28 52.42
CA VAL B 88 -3.60 -17.98 51.76
C VAL B 88 -4.19 -16.89 52.65
N SER B 89 -3.51 -15.74 52.68
CA SER B 89 -3.95 -14.61 53.48
C SER B 89 -3.99 -13.37 52.59
N VAL B 90 -5.18 -12.78 52.43
CA VAL B 90 -5.33 -11.59 51.58
C VAL B 90 -5.60 -10.33 52.37
N LEU B 91 -4.99 -9.23 51.94
CA LEU B 91 -5.15 -7.93 52.58
C LEU B 91 -5.55 -6.88 51.54
N THR B 92 -6.65 -6.19 51.79
CA THR B 92 -7.13 -5.16 50.87
C THR B 92 -6.35 -3.87 51.09
N VAL B 93 -5.86 -3.29 50.01
CA VAL B 93 -5.08 -2.06 50.11
C VAL B 93 -5.72 -0.87 49.43
N LEU B 94 -5.15 0.31 49.68
CA LEU B 94 -5.67 1.52 49.08
C LEU B 94 -4.91 1.83 47.80
N HIS B 95 -5.64 2.10 46.72
CA HIS B 95 -5.06 2.40 45.42
C HIS B 95 -3.77 3.22 45.44
N GLN B 96 -3.92 4.53 45.65
CA GLN B 96 -2.79 5.45 45.67
C GLN B 96 -1.69 5.02 46.62
N ASP B 97 -2.02 4.16 47.58
CA ASP B 97 -0.99 3.70 48.49
C ASP B 97 -0.12 2.71 47.73
N TRP B 98 -0.74 1.85 46.93
CA TRP B 98 0.03 0.91 46.15
C TRP B 98 0.76 1.72 45.09
N LEU B 99 -0.01 2.50 44.33
CA LEU B 99 0.53 3.34 43.27
C LEU B 99 1.62 4.28 43.79
N ASN B 100 1.56 4.60 45.08
CA ASN B 100 2.57 5.45 45.68
C ASN B 100 3.52 4.58 46.48
N GLY B 101 4.31 3.78 45.76
CA GLY B 101 5.28 2.88 46.37
C GLY B 101 5.24 2.60 47.86
N LYS B 102 4.21 1.90 48.31
CA LYS B 102 4.08 1.56 49.72
C LYS B 102 4.55 0.11 49.86
N GLU B 103 5.14 -0.24 50.99
CA GLU B 103 5.61 -1.62 51.19
C GLU B 103 4.65 -2.42 52.07
N TYR B 104 4.63 -3.74 51.87
CA TYR B 104 3.74 -4.60 52.64
C TYR B 104 4.46 -5.85 53.14
N LYS B 105 4.35 -6.11 54.44
CA LYS B 105 5.00 -7.26 55.07
C LYS B 105 4.04 -8.34 55.57
N CYS B 106 4.38 -9.59 55.29
CA CYS B 106 3.58 -10.73 55.73
C CYS B 106 4.47 -11.70 56.52
N LYS B 107 4.19 -11.86 57.81
CA LYS B 107 4.97 -12.75 58.68
C LYS B 107 4.20 -14.04 58.95
N VAL B 108 4.67 -15.12 58.35
CA VAL B 108 4.07 -16.45 58.50
C VAL B 108 4.72 -17.19 59.67
N SER B 109 3.95 -17.45 60.73
CA SER B 109 4.47 -18.15 61.92
C SER B 109 4.08 -19.63 61.96
N ASN B 110 5.08 -20.51 61.86
CA ASN B 110 4.83 -21.96 61.87
C ASN B 110 5.74 -22.73 62.82
N LYS B 111 5.68 -24.06 62.73
CA LYS B 111 6.48 -24.97 63.56
C LYS B 111 7.87 -25.19 62.98
N ALA B 112 7.94 -25.88 61.84
CA ALA B 112 9.22 -26.17 61.18
C ALA B 112 9.85 -24.89 60.66
N LEU B 113 9.51 -23.77 61.30
CA LEU B 113 10.02 -22.46 60.95
C LEU B 113 10.47 -21.73 62.21
N PRO B 114 11.76 -21.84 62.57
CA PRO B 114 12.32 -21.20 63.77
C PRO B 114 12.15 -19.69 63.68
N ALA B 115 12.59 -19.13 62.56
CA ALA B 115 12.49 -17.70 62.29
C ALA B 115 11.46 -17.53 61.19
N PRO B 116 10.16 -17.69 61.54
CA PRO B 116 9.04 -17.57 60.60
C PRO B 116 9.27 -16.59 59.45
N ILE B 117 9.60 -17.14 58.29
CA ILE B 117 9.88 -16.38 57.08
C ILE B 117 8.97 -15.17 56.86
N GLU B 118 9.57 -14.06 56.42
CA GLU B 118 8.83 -12.83 56.15
C GLU B 118 9.02 -12.42 54.70
N LYS B 119 8.18 -11.53 54.22
CA LYS B 119 8.26 -11.06 52.85
C LYS B 119 7.81 -9.60 52.76
N THR B 120 8.39 -8.88 51.82
CA THR B 120 8.07 -7.48 51.58
C THR B 120 7.99 -7.21 50.08
N ILE B 121 7.02 -6.41 49.66
CA ILE B 121 6.86 -6.07 48.25
C ILE B 121 6.23 -4.69 48.08
N SER B 122 6.58 -3.98 47.01
CA SER B 122 6.04 -2.65 46.74
C SER B 122 6.08 -2.39 45.26
N LYS B 123 5.48 -1.29 44.80
CA LYS B 123 5.50 -0.99 43.38
C LYS B 123 6.94 -0.77 42.94
N ALA B 124 7.20 -0.93 41.66
CA ALA B 124 8.54 -0.75 41.12
C ALA B 124 8.97 0.71 41.19
N LYS B 125 10.24 0.94 41.54
CA LYS B 125 10.80 2.28 41.62
C LYS B 125 11.13 2.75 40.21
N GLY B 126 11.33 4.04 40.04
CA GLY B 126 11.70 4.53 38.73
C GLY B 126 10.66 5.35 38.03
N GLN B 127 11.12 6.41 37.39
CA GLN B 127 10.28 7.34 36.63
C GLN B 127 9.33 6.61 35.69
N PRO B 128 8.02 6.60 36.02
CA PRO B 128 7.05 5.93 35.15
C PRO B 128 7.22 6.39 33.71
N ARG B 129 6.79 5.57 32.76
CA ARG B 129 6.90 5.90 31.35
C ARG B 129 5.63 5.45 30.63
N GLU B 130 5.15 6.29 29.72
CA GLU B 130 3.92 6.00 28.97
C GLU B 130 4.07 5.04 27.82
N PRO B 131 3.20 4.01 27.77
CA PRO B 131 3.23 3.00 26.72
C PRO B 131 2.67 3.54 25.41
N GLN B 132 3.22 3.07 24.29
CA GLN B 132 2.74 3.47 22.98
C GLN B 132 2.11 2.19 22.48
N VAL B 133 0.90 2.29 21.96
CA VAL B 133 0.17 1.13 21.48
C VAL B 133 0.12 1.06 19.97
N TYR B 134 0.55 -0.07 19.41
CA TYR B 134 0.53 -0.28 17.95
C TYR B 134 -0.22 -1.58 17.54
N THR B 135 -1.26 -1.43 16.72
CA THR B 135 -2.00 -2.59 16.23
C THR B 135 -1.40 -3.02 14.89
N LEU B 136 -1.16 -4.32 14.75
CA LEU B 136 -0.57 -4.89 13.55
C LEU B 136 -1.53 -5.87 12.88
N PRO B 137 -1.83 -5.67 11.60
CA PRO B 137 -2.74 -6.55 10.85
C PRO B 137 -2.12 -7.92 10.58
N PRO B 138 -2.93 -8.92 10.23
CA PRO B 138 -2.36 -10.24 9.97
C PRO B 138 -1.45 -10.12 8.78
N SER B 139 -0.44 -10.98 8.72
CA SER B 139 0.45 -10.99 7.58
C SER B 139 -0.43 -11.58 6.48
N ARG B 140 -0.25 -11.09 5.27
CA ARG B 140 -1.06 -11.52 4.15
C ARG B 140 -1.06 -13.01 3.83
N ASP B 141 -0.01 -13.73 4.18
CA ASP B 141 0.00 -15.15 3.89
C ASP B 141 -0.71 -15.95 4.96
N GLU B 142 -0.98 -15.33 6.12
CA GLU B 142 -1.70 -16.04 7.17
C GLU B 142 -3.15 -16.03 6.79
N LEU B 143 -3.46 -15.29 5.73
CA LEU B 143 -4.83 -15.19 5.28
C LEU B 143 -5.33 -16.38 4.52
N THR B 144 -4.55 -17.47 4.47
CA THR B 144 -5.02 -18.67 3.79
C THR B 144 -5.49 -19.68 4.84
N LYS B 145 -5.22 -19.37 6.10
CA LYS B 145 -5.67 -20.18 7.23
C LYS B 145 -7.10 -19.69 7.46
N ASN B 146 -7.94 -20.46 8.16
CA ASN B 146 -9.30 -19.98 8.38
C ASN B 146 -9.43 -19.18 9.66
N GLN B 147 -8.30 -18.76 10.20
CA GLN B 147 -8.23 -17.93 11.38
C GLN B 147 -6.98 -17.04 11.30
N VAL B 148 -7.14 -15.76 11.61
CA VAL B 148 -6.00 -14.84 11.56
C VAL B 148 -5.60 -14.24 12.89
N SER B 149 -4.39 -13.66 12.90
CA SER B 149 -3.84 -13.05 14.09
C SER B 149 -3.87 -11.55 14.00
N LEU B 150 -4.42 -10.93 15.03
CA LEU B 150 -4.46 -9.49 15.08
C LEU B 150 -3.50 -9.29 16.21
N THR B 151 -2.41 -8.55 15.99
CA THR B 151 -1.49 -8.38 17.09
C THR B 151 -1.41 -6.97 17.59
N CYS B 152 -1.25 -6.85 18.91
CA CYS B 152 -1.15 -5.56 19.59
C CYS B 152 0.18 -5.39 20.31
N LEU B 153 1.01 -4.45 19.81
CA LEU B 153 2.32 -4.16 20.38
C LEU B 153 2.23 -3.06 21.43
N VAL B 154 2.65 -3.33 22.65
CA VAL B 154 2.59 -2.31 23.71
C VAL B 154 4.00 -2.07 24.21
N LYS B 155 4.60 -0.95 23.83
CA LYS B 155 5.98 -0.72 24.23
C LYS B 155 6.32 0.56 24.95
N GLY B 156 7.56 0.57 25.44
CA GLY B 156 8.07 1.71 26.14
C GLY B 156 7.39 2.04 27.45
N PHE B 157 6.85 1.05 28.15
CA PHE B 157 6.21 1.39 29.41
C PHE B 157 7.00 0.99 30.64
N TYR B 158 6.73 1.68 31.72
CA TYR B 158 7.36 1.43 32.99
C TYR B 158 6.49 2.11 34.01
N PRO B 159 6.18 1.41 35.13
CA PRO B 159 6.64 0.05 35.40
C PRO B 159 5.93 -1.00 34.54
N SER B 160 6.25 -2.27 34.79
CA SER B 160 5.67 -3.37 34.03
C SER B 160 4.21 -3.69 34.35
N ASP B 161 3.66 -3.15 35.44
CA ASP B 161 2.27 -3.40 35.79
C ASP B 161 1.43 -2.90 34.66
N ILE B 162 0.63 -3.77 34.05
CA ILE B 162 -0.21 -3.34 32.94
C ILE B 162 -1.35 -4.34 32.65
N ALA B 163 -2.41 -3.86 32.00
CA ALA B 163 -3.51 -4.74 31.67
C ALA B 163 -3.86 -4.47 30.23
N VAL B 164 -4.12 -5.53 29.48
CA VAL B 164 -4.43 -5.38 28.08
C VAL B 164 -5.49 -6.36 27.72
N GLU B 165 -6.53 -5.91 27.03
CA GLU B 165 -7.56 -6.82 26.62
C GLU B 165 -8.14 -6.38 25.31
N TRP B 166 -8.68 -7.33 24.57
CA TRP B 166 -9.26 -7.07 23.27
C TRP B 166 -10.77 -7.00 23.27
N GLU B 167 -11.34 -6.43 22.22
CA GLU B 167 -12.78 -6.39 22.13
C GLU B 167 -13.28 -5.84 20.82
N SER B 168 -14.55 -6.12 20.55
CA SER B 168 -15.24 -5.68 19.35
C SER B 168 -16.70 -5.53 19.74
N ASN B 169 -17.39 -4.58 19.11
CA ASN B 169 -18.80 -4.33 19.37
C ASN B 169 -19.19 -4.34 20.84
N GLY B 170 -18.55 -3.47 21.61
CA GLY B 170 -18.80 -3.36 23.03
C GLY B 170 -18.34 -4.57 23.81
N GLN B 171 -18.86 -5.74 23.41
CA GLN B 171 -18.51 -6.98 24.07
C GLN B 171 -17.05 -7.34 23.94
N PRO B 172 -16.47 -7.95 24.98
CA PRO B 172 -15.07 -8.34 24.97
C PRO B 172 -14.81 -9.66 24.27
N GLU B 173 -13.70 -9.73 23.53
CA GLU B 173 -13.30 -10.92 22.81
C GLU B 173 -12.68 -11.86 23.82
N ASN B 174 -12.59 -13.14 23.49
CA ASN B 174 -12.03 -14.08 24.46
C ASN B 174 -10.76 -14.78 23.98
N ASN B 175 -10.77 -15.18 22.72
CA ASN B 175 -9.63 -15.89 22.17
C ASN B 175 -8.44 -15.00 21.86
N TYR B 176 -7.78 -14.54 22.90
CA TYR B 176 -6.61 -13.69 22.74
C TYR B 176 -5.59 -14.02 23.83
N LYS B 177 -4.31 -13.81 23.54
CA LYS B 177 -3.25 -14.09 24.50
C LYS B 177 -2.26 -12.94 24.61
N THR B 178 -1.80 -12.68 25.82
CA THR B 178 -0.85 -11.60 26.01
C THR B 178 0.44 -12.12 26.61
N THR B 179 1.56 -11.72 26.04
CA THR B 179 2.85 -12.15 26.53
C THR B 179 3.16 -11.39 27.82
N PRO B 180 4.16 -11.87 28.56
CA PRO B 180 4.58 -11.24 29.82
C PRO B 180 5.31 -9.95 29.45
N PRO B 181 5.42 -9.00 30.39
CA PRO B 181 6.12 -7.77 30.03
C PRO B 181 7.55 -8.14 29.80
N VAL B 182 8.18 -7.57 28.79
CA VAL B 182 9.57 -7.89 28.51
C VAL B 182 10.47 -6.68 28.72
N LEU B 183 11.58 -6.87 29.43
CA LEU B 183 12.50 -5.77 29.67
C LEU B 183 13.20 -5.43 28.40
N ASP B 184 12.96 -4.24 27.90
CA ASP B 184 13.57 -3.85 26.65
C ASP B 184 14.99 -3.40 26.88
N SER B 185 15.63 -2.91 25.83
CA SER B 185 17.01 -2.47 25.93
C SER B 185 17.15 -1.10 26.57
N ASP B 186 16.23 -0.19 26.27
CA ASP B 186 16.28 1.17 26.82
C ASP B 186 15.76 1.32 28.24
N GLY B 187 15.50 0.21 28.91
CA GLY B 187 15.02 0.28 30.29
C GLY B 187 13.52 0.16 30.51
N SER B 188 12.75 0.28 29.43
CA SER B 188 11.30 0.14 29.54
C SER B 188 10.87 -1.29 29.22
N PHE B 189 9.58 -1.56 29.35
CA PHE B 189 9.07 -2.88 29.04
C PHE B 189 8.20 -2.79 27.79
N PHE B 190 7.92 -3.95 27.20
CA PHE B 190 7.05 -4.05 26.04
C PHE B 190 6.47 -5.44 26.10
N LEU B 191 5.40 -5.64 25.34
CA LEU B 191 4.76 -6.93 25.28
C LEU B 191 3.90 -6.92 24.06
N TYR B 192 3.39 -8.09 23.71
CA TYR B 192 2.52 -8.25 22.56
C TYR B 192 1.30 -8.99 23.03
N SER B 193 0.17 -8.69 22.41
CA SER B 193 -1.08 -9.33 22.74
C SER B 193 -1.63 -9.80 21.39
N LYS B 194 -1.88 -11.11 21.30
CA LYS B 194 -2.39 -11.69 20.07
C LYS B 194 -3.85 -12.15 20.19
N LEU B 195 -4.70 -11.62 19.32
CA LEU B 195 -6.11 -11.97 19.29
C LEU B 195 -6.29 -12.81 18.06
N THR B 196 -7.12 -13.83 18.14
CA THR B 196 -7.38 -14.70 17.01
C THR B 196 -8.83 -14.56 16.61
N VAL B 197 -9.08 -14.24 15.35
CA VAL B 197 -10.44 -14.10 14.88
C VAL B 197 -10.63 -14.87 13.58
N ASP B 198 -11.82 -15.37 13.34
CA ASP B 198 -12.09 -16.10 12.11
C ASP B 198 -11.85 -15.20 10.91
N LYS B 199 -11.11 -15.72 9.94
CA LYS B 199 -10.78 -14.98 8.73
C LYS B 199 -11.96 -14.20 8.16
N SER B 200 -13.14 -14.80 8.22
CA SER B 200 -14.36 -14.17 7.70
C SER B 200 -14.72 -12.90 8.46
N ARG B 201 -14.54 -12.90 9.77
CA ARG B 201 -14.87 -11.71 10.53
C ARG B 201 -13.89 -10.61 10.18
N TRP B 202 -12.65 -10.96 9.89
CA TRP B 202 -11.66 -9.96 9.54
C TRP B 202 -11.89 -9.44 8.12
N GLN B 203 -12.00 -10.34 7.16
CA GLN B 203 -12.23 -9.97 5.77
C GLN B 203 -13.45 -9.04 5.61
N GLN B 204 -14.46 -9.27 6.44
CA GLN B 204 -15.70 -8.50 6.43
C GLN B 204 -15.50 -7.07 6.87
N GLY B 205 -14.42 -6.80 7.58
CA GLY B 205 -14.18 -5.43 8.03
C GLY B 205 -14.67 -5.05 9.42
N ASN B 206 -14.74 -5.99 10.34
CA ASN B 206 -15.19 -5.66 11.69
C ASN B 206 -14.00 -5.12 12.43
N VAL B 207 -14.24 -4.12 13.25
CA VAL B 207 -13.17 -3.50 13.97
C VAL B 207 -12.89 -4.25 15.24
N PHE B 208 -11.64 -4.21 15.66
CA PHE B 208 -11.23 -4.84 16.89
C PHE B 208 -10.44 -3.81 17.65
N SER B 209 -10.44 -3.90 18.97
CA SER B 209 -9.76 -2.92 19.78
C SER B 209 -8.87 -3.51 20.82
N CYS B 210 -7.75 -2.85 21.03
CA CYS B 210 -6.76 -3.24 22.00
C CYS B 210 -6.95 -2.18 23.04
N SER B 211 -7.22 -2.60 24.27
CA SER B 211 -7.41 -1.65 25.35
C SER B 211 -6.33 -1.87 26.36
N VAL B 212 -5.62 -0.80 26.69
CA VAL B 212 -4.54 -0.89 27.64
C VAL B 212 -4.76 -0.02 28.86
N MET B 213 -4.53 -0.59 30.04
CA MET B 213 -4.66 0.15 31.28
C MET B 213 -3.30 0.18 31.92
N HIS B 214 -2.87 1.37 32.32
CA HIS B 214 -1.57 1.56 32.93
C HIS B 214 -1.53 2.93 33.63
N GLU B 215 -0.78 3.03 34.72
CA GLU B 215 -0.73 4.28 35.46
C GLU B 215 -0.26 5.50 34.68
N ALA B 216 0.80 5.36 33.91
CA ALA B 216 1.34 6.47 33.14
C ALA B 216 0.48 6.96 31.98
N LEU B 217 -0.64 6.30 31.74
CA LEU B 217 -1.53 6.71 30.64
C LEU B 217 -2.60 7.66 31.15
N HIS B 218 -2.89 8.71 30.40
CA HIS B 218 -3.92 9.65 30.86
C HIS B 218 -5.19 8.89 31.18
N ASN B 219 -5.78 9.18 32.32
CA ASN B 219 -7.01 8.52 32.72
C ASN B 219 -6.79 6.99 32.81
N HIS B 220 -5.53 6.59 33.04
CA HIS B 220 -5.14 5.17 33.17
C HIS B 220 -5.71 4.26 32.08
N TYR B 221 -5.89 4.77 30.87
CA TYR B 221 -6.48 3.93 29.85
C TYR B 221 -6.45 4.49 28.46
N THR B 222 -5.99 3.69 27.51
CA THR B 222 -6.00 4.11 26.11
C THR B 222 -6.57 2.98 25.26
N GLN B 223 -6.90 3.26 24.01
CA GLN B 223 -7.43 2.21 23.16
C GLN B 223 -6.97 2.37 21.71
N LYS B 224 -6.80 1.24 21.01
CA LYS B 224 -6.37 1.26 19.61
C LYS B 224 -7.17 0.25 18.84
N SER B 225 -7.86 0.71 17.81
CA SER B 225 -8.68 -0.16 16.99
C SER B 225 -7.88 -0.62 15.79
N LEU B 226 -8.28 -1.78 15.24
CA LEU B 226 -7.63 -2.39 14.10
C LEU B 226 -8.72 -2.96 13.20
N SER B 227 -8.59 -2.80 11.88
CA SER B 227 -9.61 -3.35 10.98
C SER B 227 -9.29 -3.18 9.51
N LEU B 228 -9.75 -4.13 8.72
CA LEU B 228 -9.53 -4.12 7.29
C LEU B 228 -10.18 -2.90 6.69
N SER B 229 -9.35 -1.93 6.29
CA SER B 229 -9.86 -0.69 5.69
C SER B 229 -10.44 -1.07 4.32
N PRO B 230 -11.73 -0.79 4.11
CA PRO B 230 -12.47 -1.09 2.86
C PRO B 230 -11.88 -0.49 1.57
N GLY B 231 -11.26 -1.23 0.80
N GLN C 12 12.68 -4.69 -16.26
CA GLN C 12 12.69 -4.71 -14.77
C GLN C 12 12.72 -6.14 -14.20
N LEU C 13 11.55 -6.71 -13.96
CA LEU C 13 11.48 -8.07 -13.42
C LEU C 13 10.93 -9.01 -14.49
N GLN C 14 11.55 -10.18 -14.63
CA GLN C 14 11.09 -11.14 -15.63
C GLN C 14 11.30 -12.58 -15.19
N LEU C 15 10.49 -13.47 -15.74
CA LEU C 15 10.58 -14.89 -15.42
C LEU C 15 10.57 -15.69 -16.72
N GLN C 16 11.55 -16.58 -16.88
CA GLN C 16 11.67 -17.39 -18.08
C GLN C 16 11.59 -18.87 -17.79
N GLU C 17 10.61 -19.55 -18.38
CA GLU C 17 10.48 -20.99 -18.18
C GLU C 17 11.53 -21.68 -19.04
N SER C 18 11.92 -22.89 -18.65
CA SER C 18 12.91 -23.68 -19.38
C SER C 18 12.59 -25.15 -19.20
N GLY C 19 12.49 -25.87 -20.30
CA GLY C 19 12.19 -27.29 -20.17
C GLY C 19 11.96 -28.09 -21.44
N PRO C 20 12.01 -29.42 -21.31
CA PRO C 20 11.81 -30.33 -22.44
C PRO C 20 10.42 -30.15 -23.06
N GLY C 21 10.37 -29.66 -24.29
CA GLY C 21 9.10 -29.46 -24.96
C GLY C 21 8.33 -30.77 -25.12
N LEU C 22 8.93 -31.86 -24.65
CA LEU C 22 8.29 -33.17 -24.75
C LEU C 22 8.48 -34.07 -23.53
N VAL C 23 7.49 -34.94 -23.31
CA VAL C 23 7.49 -35.87 -22.19
C VAL C 23 6.61 -37.08 -22.55
N LYS C 24 7.18 -38.27 -22.49
CA LYS C 24 6.44 -39.48 -22.83
C LYS C 24 5.66 -39.97 -21.63
N PRO C 25 4.48 -40.57 -21.87
CA PRO C 25 3.61 -41.10 -20.81
C PRO C 25 4.33 -41.76 -19.66
N SER C 26 3.72 -41.71 -18.48
CA SER C 26 4.28 -42.27 -17.26
C SER C 26 5.57 -41.60 -16.78
N GLU C 27 6.24 -40.85 -17.66
CA GLU C 27 7.47 -40.17 -17.28
C GLU C 27 7.14 -39.06 -16.28
N THR C 28 8.10 -38.16 -16.08
CA THR C 28 7.93 -37.05 -15.15
C THR C 28 8.44 -35.75 -15.79
N LEU C 29 7.56 -34.77 -15.93
CA LEU C 29 7.91 -33.48 -16.51
C LEU C 29 8.89 -32.74 -15.61
N SER C 30 9.66 -31.83 -16.20
CA SER C 30 10.62 -31.08 -15.43
C SER C 30 10.97 -29.74 -16.04
N LEU C 31 10.52 -28.67 -15.39
CA LEU C 31 10.78 -27.32 -15.87
C LEU C 31 11.57 -26.51 -14.85
N THR C 32 12.02 -25.33 -15.27
CA THR C 32 12.78 -24.44 -14.42
C THR C 32 12.47 -22.99 -14.78
N CYS C 33 12.48 -22.11 -13.79
CA CYS C 33 12.16 -20.70 -14.00
C CYS C 33 13.29 -19.82 -13.51
N THR C 34 13.75 -18.92 -14.38
CA THR C 34 14.82 -18.02 -14.01
C THR C 34 14.26 -16.63 -13.86
N VAL C 35 14.64 -15.97 -12.77
CA VAL C 35 14.15 -14.63 -12.51
C VAL C 35 15.27 -13.63 -12.78
N SER C 36 14.91 -12.49 -13.34
CA SER C 36 15.86 -11.44 -13.64
C SER C 36 15.24 -10.11 -13.25
N GLY C 37 16.04 -9.24 -12.63
CA GLY C 37 15.54 -7.93 -12.22
C GLY C 37 14.68 -8.06 -10.97
N GLY C 38 15.04 -9.01 -10.12
CA GLY C 38 14.34 -9.27 -8.89
C GLY C 38 14.96 -10.50 -8.27
N SER C 39 15.29 -10.45 -6.97
CA SER C 39 15.91 -11.59 -6.34
C SER C 39 14.99 -12.35 -5.41
N ILE C 40 14.58 -13.55 -5.82
CA ILE C 40 13.70 -14.38 -5.02
C ILE C 40 14.18 -14.36 -3.57
N SER C 41 15.47 -14.19 -3.39
CA SER C 41 16.06 -14.16 -2.06
C SER C 41 15.58 -13.00 -1.16
N ARG C 42 14.95 -11.98 -1.75
CA ARG C 42 14.47 -10.84 -0.97
C ARG C 42 13.47 -11.28 0.09
N GLY C 43 12.73 -12.34 -0.23
CA GLY C 43 11.77 -12.88 0.72
C GLY C 43 10.56 -12.04 1.05
N SER C 44 9.94 -11.47 0.03
CA SER C 44 8.77 -10.65 0.25
C SER C 44 7.64 -11.15 -0.64
N HIS C 45 7.92 -12.19 -1.42
CA HIS C 45 6.93 -12.73 -2.33
C HIS C 45 7.08 -14.21 -2.51
N TYR C 46 6.01 -14.84 -2.96
CA TYR C 46 6.00 -16.26 -3.23
C TYR C 46 6.03 -16.38 -4.74
N TRP C 47 6.52 -17.52 -5.22
CA TRP C 47 6.64 -17.80 -6.63
C TRP C 47 5.97 -19.11 -6.95
N GLY C 48 5.27 -19.17 -8.08
CA GLY C 48 4.58 -20.39 -8.41
C GLY C 48 4.47 -20.74 -9.88
N TRP C 49 3.74 -21.81 -10.15
CA TRP C 49 3.54 -22.30 -11.50
C TRP C 49 2.06 -22.45 -11.85
N ILE C 50 1.70 -22.03 -13.06
CA ILE C 50 0.31 -22.16 -13.50
C ILE C 50 0.30 -22.79 -14.88
N ARG C 51 -0.54 -23.79 -15.10
CA ARG C 51 -0.62 -24.42 -16.41
C ARG C 51 -1.98 -24.19 -17.04
N GLN C 52 -2.06 -24.34 -18.35
CA GLN C 52 -3.30 -24.14 -19.07
C GLN C 52 -3.40 -24.96 -20.33
N PRO C 53 -4.15 -26.08 -20.28
CA PRO C 53 -4.32 -26.94 -21.47
C PRO C 53 -4.81 -26.10 -22.64
N PRO C 54 -4.13 -26.17 -23.79
CA PRO C 54 -4.48 -25.41 -24.99
C PRO C 54 -5.97 -25.00 -25.08
N GLY C 55 -6.85 -25.98 -25.01
CA GLY C 55 -8.27 -25.69 -25.09
C GLY C 55 -8.81 -24.92 -23.90
N LYS C 56 -8.94 -25.61 -22.77
CA LYS C 56 -9.48 -25.03 -21.55
C LYS C 56 -8.76 -23.78 -21.00
N GLY C 57 -9.04 -23.48 -19.73
CA GLY C 57 -8.45 -22.33 -19.08
C GLY C 57 -7.27 -22.58 -18.14
N LEU C 58 -7.04 -21.62 -17.25
CA LEU C 58 -5.93 -21.67 -16.31
C LEU C 58 -6.09 -22.58 -15.09
N GLU C 59 -4.96 -23.09 -14.59
CA GLU C 59 -4.95 -23.92 -13.40
C GLU C 59 -3.68 -23.71 -12.57
N TRP C 60 -3.89 -23.42 -11.28
CA TRP C 60 -2.78 -23.19 -10.35
C TRP C 60 -2.22 -24.54 -9.91
N ILE C 61 -0.89 -24.60 -9.78
CA ILE C 61 -0.21 -25.82 -9.39
C ILE C 61 0.39 -25.69 -7.99
N GLY C 62 1.31 -24.75 -7.84
CA GLY C 62 1.94 -24.55 -6.55
C GLY C 62 2.78 -23.29 -6.44
N SER C 63 3.06 -22.89 -5.20
CA SER C 63 3.87 -21.71 -4.93
C SER C 63 4.91 -22.11 -3.91
N ILE C 64 6.03 -21.42 -3.92
CA ILE C 64 7.12 -21.69 -2.99
C ILE C 64 7.76 -20.39 -2.52
N TYR C 65 8.24 -20.39 -1.28
CA TYR C 65 8.90 -19.23 -0.68
C TYR C 65 10.40 -19.48 -0.78
N TYR C 66 11.22 -18.45 -0.85
CA TYR C 66 12.65 -18.67 -0.96
C TYR C 66 13.22 -19.62 0.10
N SER C 67 12.63 -19.63 1.29
CA SER C 67 13.13 -20.50 2.36
C SER C 67 12.73 -21.96 2.22
N GLY C 68 11.96 -22.29 1.19
CA GLY C 68 11.56 -23.68 1.02
C GLY C 68 10.08 -23.96 1.11
N ASN C 69 9.44 -23.56 2.22
CA ASN C 69 8.00 -23.75 2.43
C ASN C 69 7.20 -23.57 1.12
N THR C 70 6.47 -24.60 0.72
CA THR C 70 5.69 -24.56 -0.52
C THR C 70 4.21 -24.91 -0.31
N TYR C 71 3.37 -24.44 -1.24
CA TYR C 71 1.93 -24.70 -1.19
C TYR C 71 1.52 -25.34 -2.50
N PHE C 72 0.86 -26.49 -2.42
CA PHE C 72 0.44 -27.21 -3.61
C PHE C 72 -1.05 -27.20 -3.86
N ASN C 73 -1.43 -27.63 -5.04
CA ASN C 73 -2.84 -27.71 -5.39
C ASN C 73 -3.29 -29.15 -5.08
N PRO C 74 -4.19 -29.31 -4.10
CA PRO C 74 -4.72 -30.62 -3.68
C PRO C 74 -5.09 -31.55 -4.83
N SER C 75 -5.54 -30.95 -5.94
CA SER C 75 -5.93 -31.73 -7.10
C SER C 75 -4.77 -32.59 -7.59
N LEU C 76 -3.53 -32.15 -7.36
CA LEU C 76 -2.39 -32.90 -7.85
C LEU C 76 -1.08 -32.80 -7.08
N LYS C 77 -1.15 -32.54 -5.78
CA LYS C 77 0.08 -32.43 -4.97
C LYS C 77 0.88 -33.71 -4.86
N SER C 78 0.17 -34.83 -4.74
CA SER C 78 0.79 -36.15 -4.62
C SER C 78 1.81 -36.45 -5.70
N ARG C 79 1.71 -35.74 -6.83
CA ARG C 79 2.64 -35.97 -7.94
C ARG C 79 3.40 -34.74 -8.43
N VAL C 80 3.52 -33.73 -7.59
CA VAL C 80 4.23 -32.52 -7.97
C VAL C 80 5.38 -32.24 -7.00
N THR C 81 6.38 -31.51 -7.49
CA THR C 81 7.56 -31.19 -6.70
C THR C 81 8.08 -29.80 -7.09
N ILE C 82 8.17 -28.91 -6.12
CA ILE C 82 8.67 -27.57 -6.42
C ILE C 82 9.87 -27.23 -5.54
N SER C 83 10.81 -26.49 -6.11
CA SER C 83 12.02 -26.13 -5.37
C SER C 83 12.64 -24.86 -5.91
N VAL C 84 13.43 -24.22 -5.06
CA VAL C 84 14.14 -23.00 -5.42
C VAL C 84 15.63 -23.13 -5.13
N ASP C 85 16.42 -22.37 -5.88
CA ASP C 85 17.84 -22.35 -5.66
C ASP C 85 18.17 -20.88 -5.65
N THR C 86 18.46 -20.36 -4.47
CA THR C 86 18.78 -18.96 -4.30
C THR C 86 20.01 -18.59 -5.11
N SER C 87 21.03 -19.45 -5.02
CA SER C 87 22.28 -19.23 -5.71
C SER C 87 22.11 -18.89 -7.19
N LYS C 88 21.35 -19.72 -7.90
CA LYS C 88 21.14 -19.49 -9.32
C LYS C 88 19.91 -18.61 -9.57
N ASN C 89 19.26 -18.22 -8.48
CA ASN C 89 18.03 -17.39 -8.51
C ASN C 89 16.95 -17.94 -9.44
N GLN C 90 16.46 -19.12 -9.11
CA GLN C 90 15.43 -19.72 -9.92
C GLN C 90 14.71 -20.84 -9.17
N PHE C 91 13.47 -21.10 -9.57
CA PHE C 91 12.70 -22.17 -8.96
C PHE C 91 12.29 -23.15 -10.05
N SER C 92 11.80 -24.31 -9.64
CA SER C 92 11.48 -25.32 -10.63
C SER C 92 10.28 -26.19 -10.31
N LEU C 93 9.85 -26.95 -11.32
CA LEU C 93 8.69 -27.81 -11.19
C LEU C 93 8.96 -29.24 -11.66
N LYS C 94 8.25 -30.19 -11.08
CA LYS C 94 8.38 -31.58 -11.46
C LYS C 94 7.02 -32.23 -11.36
N LEU C 95 6.53 -32.68 -12.50
CA LEU C 95 5.23 -33.34 -12.55
C LEU C 95 5.53 -34.78 -12.95
N SER C 96 5.19 -35.73 -12.09
CA SER C 96 5.47 -37.13 -12.39
C SER C 96 4.25 -37.90 -12.90
N SER C 97 4.52 -39.05 -13.53
CA SER C 97 3.48 -39.92 -14.08
C SER C 97 2.60 -39.20 -15.08
N VAL C 98 3.20 -38.34 -15.88
CA VAL C 98 2.48 -37.57 -16.88
C VAL C 98 1.59 -38.37 -17.85
N THR C 99 0.40 -37.85 -18.09
CA THR C 99 -0.55 -38.47 -19.02
C THR C 99 -0.89 -37.39 -20.04
N ALA C 100 -2.03 -37.55 -20.72
CA ALA C 100 -2.45 -36.60 -21.74
C ALA C 100 -3.01 -35.32 -21.12
N ALA C 101 -3.54 -35.43 -19.91
CA ALA C 101 -4.10 -34.26 -19.24
C ALA C 101 -2.99 -33.24 -19.03
N ASP C 102 -1.92 -33.65 -18.38
CA ASP C 102 -0.79 -32.80 -18.09
C ASP C 102 -0.12 -32.17 -19.32
N THR C 103 -0.90 -31.95 -20.37
CA THR C 103 -0.36 -31.37 -21.59
C THR C 103 -0.81 -29.92 -21.76
N ALA C 104 0.07 -28.96 -21.51
CA ALA C 104 -0.30 -27.56 -21.65
C ALA C 104 0.86 -26.61 -21.64
N VAL C 105 0.57 -25.32 -21.52
CA VAL C 105 1.62 -24.30 -21.46
C VAL C 105 1.84 -24.03 -19.98
N TYR C 106 3.11 -24.11 -19.55
CA TYR C 106 3.46 -23.90 -18.16
C TYR C 106 4.09 -22.54 -17.89
N TYR C 107 3.38 -21.70 -17.16
CA TYR C 107 3.86 -20.36 -16.82
C TYR C 107 4.40 -20.31 -15.39
N CYS C 108 5.39 -19.46 -15.17
CA CYS C 108 5.89 -19.29 -13.82
C CYS C 108 5.72 -17.83 -13.56
N ALA C 109 5.03 -17.50 -12.47
CA ALA C 109 4.77 -16.12 -12.14
C ALA C 109 5.11 -15.83 -10.70
N ARG C 110 5.14 -14.55 -10.36
CA ARG C 110 5.39 -14.16 -8.99
C ARG C 110 3.98 -13.94 -8.45
N LEU C 111 3.79 -14.24 -7.17
CA LEU C 111 2.47 -14.09 -6.57
C LEU C 111 2.09 -12.67 -6.19
N GLY C 112 0.91 -12.27 -6.69
CA GLY C 112 0.27 -10.98 -6.47
C GLY C 112 1.16 -9.81 -6.17
N PRO C 113 0.68 -8.57 -6.29
CA PRO C 113 1.54 -7.42 -6.00
C PRO C 113 1.92 -7.18 -4.54
N ASP C 114 1.08 -7.62 -3.61
CA ASP C 114 1.35 -7.40 -2.21
C ASP C 114 2.27 -8.44 -1.63
N ASP C 115 3.10 -8.04 -0.67
CA ASP C 115 4.04 -8.95 -0.02
C ASP C 115 3.29 -10.13 0.56
N TYR C 116 3.88 -11.31 0.43
CA TYR C 116 3.31 -12.55 0.92
C TYR C 116 1.96 -12.94 0.33
N THR C 117 1.58 -12.32 -0.79
CA THR C 117 0.33 -12.68 -1.46
C THR C 117 0.46 -14.16 -1.80
N LEU C 118 -0.65 -14.89 -1.77
CA LEU C 118 -0.64 -16.30 -2.08
C LEU C 118 -1.85 -16.66 -2.97
N ASP C 119 -2.53 -15.65 -3.49
CA ASP C 119 -3.71 -15.91 -4.30
C ASP C 119 -3.78 -15.14 -5.61
N GLY C 120 -2.73 -14.44 -5.97
CA GLY C 120 -2.76 -13.70 -7.22
C GLY C 120 -1.39 -13.71 -7.84
N MET C 121 -1.26 -13.53 -9.16
CA MET C 121 0.06 -13.49 -9.80
C MET C 121 0.19 -12.19 -10.59
N ASP C 122 1.06 -11.29 -10.14
CA ASP C 122 1.18 -10.01 -10.83
C ASP C 122 2.13 -10.00 -12.02
N VAL C 123 3.17 -10.83 -11.96
CA VAL C 123 4.13 -10.91 -13.05
C VAL C 123 4.30 -12.34 -13.54
N TRP C 124 4.01 -12.55 -14.82
CA TRP C 124 4.08 -13.88 -15.44
C TRP C 124 5.24 -14.11 -16.42
N GLY C 125 5.62 -15.37 -16.56
CA GLY C 125 6.69 -15.73 -17.47
C GLY C 125 6.15 -15.78 -18.88
N GLN C 126 7.06 -15.89 -19.85
CA GLN C 126 6.71 -15.93 -21.27
C GLN C 126 5.75 -17.07 -21.59
N GLY C 127 5.98 -18.22 -20.96
CA GLY C 127 5.13 -19.38 -21.20
C GLY C 127 5.99 -20.50 -21.75
N THR C 128 5.49 -21.73 -21.69
CA THR C 128 6.25 -22.87 -22.19
C THR C 128 5.31 -24.02 -22.47
N THR C 129 5.36 -24.57 -23.69
CA THR C 129 4.48 -25.66 -24.00
C THR C 129 5.10 -26.98 -23.59
N VAL C 130 4.25 -27.95 -23.29
CA VAL C 130 4.71 -29.27 -22.88
C VAL C 130 3.70 -30.32 -23.30
N THR C 131 4.06 -30.99 -24.40
CA THR C 131 3.27 -32.05 -25.02
C THR C 131 3.74 -33.42 -24.57
N VAL C 132 2.81 -34.24 -24.11
CA VAL C 132 3.14 -35.59 -23.68
C VAL C 132 3.03 -36.53 -24.89
N SER C 133 4.08 -36.54 -25.71
CA SER C 133 4.13 -37.39 -26.90
C SER C 133 4.63 -38.79 -26.56
N SER C 134 4.90 -39.59 -27.59
CA SER C 134 5.37 -40.97 -27.36
C SER C 134 6.34 -41.48 -28.43
N GLY C 135 6.51 -40.71 -29.50
CA GLY C 135 7.40 -41.14 -30.57
C GLY C 135 8.81 -40.60 -30.50
N SER C 136 9.03 -39.62 -29.64
CA SER C 136 10.33 -38.97 -29.46
C SER C 136 10.54 -37.84 -30.46
N ALA C 137 11.25 -36.81 -30.03
CA ALA C 137 11.53 -35.64 -30.84
C ALA C 137 12.19 -35.97 -32.16
N SER C 138 12.42 -34.93 -32.96
CA SER C 138 13.06 -35.05 -34.26
C SER C 138 13.11 -33.68 -34.94
N ALA C 139 14.26 -33.36 -35.51
CA ALA C 139 14.46 -32.08 -36.19
C ALA C 139 13.58 -31.99 -37.44
N PRO C 140 13.57 -30.81 -38.10
CA PRO C 140 12.76 -30.60 -39.31
C PRO C 140 13.50 -30.81 -40.65
N THR C 141 12.74 -30.78 -41.74
CA THR C 141 13.28 -30.93 -43.09
C THR C 141 12.58 -29.92 -44.00
N LEU C 142 13.30 -28.86 -44.36
CA LEU C 142 12.76 -27.79 -45.20
C LEU C 142 12.74 -28.09 -46.70
N PHE C 143 11.86 -27.38 -47.43
CA PHE C 143 11.73 -27.52 -48.87
C PHE C 143 11.35 -26.19 -49.52
N PRO C 144 12.24 -25.64 -50.35
CA PRO C 144 11.98 -24.35 -51.02
C PRO C 144 10.69 -24.40 -51.85
N LEU C 145 9.71 -23.60 -51.45
CA LEU C 145 8.41 -23.54 -52.11
C LEU C 145 8.41 -22.77 -53.43
N VAL C 146 7.29 -22.83 -54.14
CA VAL C 146 7.12 -22.17 -55.43
C VAL C 146 6.60 -20.74 -55.25
N SER C 151 2.93 -7.37 -59.91
CA SER C 151 3.50 -6.72 -58.73
C SER C 151 3.05 -7.43 -57.46
N SER C 152 3.95 -7.47 -56.47
CA SER C 152 3.68 -8.11 -55.18
C SER C 152 3.69 -9.64 -55.22
N VAL C 153 4.86 -10.22 -55.46
CA VAL C 153 5.00 -11.68 -55.52
C VAL C 153 5.85 -12.16 -54.35
N ALA C 154 5.64 -13.41 -53.93
CA ALA C 154 6.40 -13.97 -52.81
C ALA C 154 6.31 -15.48 -52.72
N VAL C 155 7.09 -16.04 -51.79
CA VAL C 155 7.13 -17.48 -51.55
C VAL C 155 7.55 -17.79 -50.12
N GLY C 156 7.56 -19.08 -49.78
CA GLY C 156 7.95 -19.50 -48.44
C GLY C 156 8.83 -20.72 -48.42
N CYS C 157 8.77 -21.47 -47.32
CA CYS C 157 9.57 -22.68 -47.18
C CYS C 157 8.99 -23.68 -46.19
N LEU C 158 8.17 -24.58 -46.71
CA LEU C 158 7.53 -25.62 -45.91
C LEU C 158 8.55 -26.36 -45.06
N ALA C 159 8.06 -27.27 -44.20
CA ALA C 159 8.93 -28.04 -43.33
C ALA C 159 8.10 -29.02 -42.50
N GLN C 160 8.34 -30.32 -42.70
CA GLN C 160 7.62 -31.35 -41.95
C GLN C 160 8.63 -32.12 -41.10
N ASP C 161 8.24 -33.33 -40.68
CA ASP C 161 9.11 -34.20 -39.87
C ASP C 161 9.13 -33.88 -38.37
N PHE C 162 9.52 -32.66 -38.01
CA PHE C 162 9.61 -32.27 -36.60
C PHE C 162 8.35 -32.53 -35.79
N LEU C 163 8.56 -32.92 -34.52
CA LEU C 163 7.46 -33.25 -33.60
C LEU C 163 7.14 -32.15 -32.58
N PRO C 164 8.08 -31.84 -31.66
CA PRO C 164 7.78 -30.78 -30.68
C PRO C 164 7.75 -29.39 -31.33
N ASP C 165 6.57 -28.95 -31.74
CA ASP C 165 6.40 -27.65 -32.38
C ASP C 165 7.10 -26.52 -31.66
N SER C 166 7.90 -25.76 -32.38
CA SER C 166 8.64 -24.63 -31.84
C SER C 166 9.72 -24.26 -32.86
N ILE C 167 9.28 -23.70 -33.99
CA ILE C 167 10.20 -23.31 -35.05
C ILE C 167 10.27 -21.80 -35.30
N THR C 168 11.29 -21.17 -34.73
CA THR C 168 11.50 -19.72 -34.86
C THR C 168 11.81 -19.30 -36.30
N PHE C 169 10.78 -19.22 -37.13
CA PHE C 169 10.95 -18.83 -38.51
C PHE C 169 11.46 -17.40 -38.64
N SER C 170 11.97 -17.09 -39.83
CA SER C 170 12.50 -15.77 -40.16
C SER C 170 13.12 -15.88 -41.55
N TRP C 171 13.58 -14.76 -42.11
CA TRP C 171 14.17 -14.80 -43.45
C TRP C 171 15.41 -13.93 -43.62
N LYS C 172 16.21 -14.26 -44.63
CA LYS C 172 17.43 -13.53 -44.92
C LYS C 172 17.60 -13.35 -46.42
N TYR C 173 17.67 -12.09 -46.85
CA TYR C 173 17.82 -11.75 -48.27
C TYR C 173 19.08 -12.34 -48.89
N LYS C 174 19.46 -11.80 -50.04
CA LYS C 174 20.64 -12.25 -50.77
C LYS C 174 21.91 -12.06 -49.94
N ASN C 175 22.39 -10.83 -49.89
CA ASN C 175 23.60 -10.50 -49.14
C ASN C 175 23.40 -10.56 -47.64
N ASN C 176 22.66 -11.56 -47.18
CA ASN C 176 22.40 -11.73 -45.75
C ASN C 176 21.81 -10.45 -45.15
N SER C 177 20.51 -10.24 -45.38
CA SER C 177 19.80 -9.06 -44.87
C SER C 177 18.52 -9.44 -44.13
N ASP C 178 18.06 -8.57 -43.24
CA ASP C 178 16.85 -8.82 -42.47
C ASP C 178 15.60 -8.34 -43.21
N ILE C 179 14.79 -9.28 -43.64
CA ILE C 179 13.56 -8.97 -44.36
C ILE C 179 12.52 -8.41 -43.41
N SER C 180 12.14 -7.15 -43.63
CA SER C 180 11.15 -6.50 -42.79
C SER C 180 9.79 -7.18 -42.95
N SER C 181 9.81 -8.39 -43.51
CA SER C 181 8.61 -9.16 -43.72
C SER C 181 8.79 -10.60 -43.25
N THR C 182 7.89 -11.05 -42.39
CA THR C 182 7.92 -12.41 -41.85
C THR C 182 6.51 -12.82 -41.44
N ARG C 183 6.28 -14.14 -41.34
CA ARG C 183 4.98 -14.67 -40.93
C ARG C 183 5.10 -16.02 -40.24
N GLY C 184 4.14 -16.30 -39.36
CA GLY C 184 4.14 -17.56 -38.64
C GLY C 184 2.80 -18.25 -38.69
N PHE C 185 2.66 -19.23 -39.57
CA PHE C 185 1.41 -19.96 -39.72
C PHE C 185 1.25 -21.12 -38.75
N PRO C 186 -0.01 -21.51 -38.47
CA PRO C 186 -0.31 -22.59 -37.56
C PRO C 186 0.27 -23.90 -38.04
N SER C 187 0.93 -24.62 -37.15
CA SER C 187 1.52 -25.89 -37.48
C SER C 187 0.42 -26.93 -37.44
N VAL C 188 0.46 -27.89 -38.38
CA VAL C 188 -0.54 -28.94 -38.43
C VAL C 188 0.07 -30.29 -38.15
N LEU C 189 -0.63 -31.09 -37.35
CA LEU C 189 -0.16 -32.41 -36.98
C LEU C 189 -0.73 -33.48 -37.90
N ARG C 190 0.15 -34.12 -38.67
CA ARG C 190 -0.24 -35.19 -39.58
C ARG C 190 0.54 -36.43 -39.15
N GLY C 191 -0.16 -37.37 -38.50
CA GLY C 191 0.48 -38.60 -38.07
C GLY C 191 1.55 -38.47 -37.00
N GLY C 192 1.21 -37.84 -35.88
CA GLY C 192 2.17 -37.68 -34.79
C GLY C 192 3.41 -36.86 -35.11
N LYS C 193 3.26 -35.90 -36.02
CA LYS C 193 4.37 -35.03 -36.41
C LYS C 193 3.76 -33.75 -36.96
N TYR C 194 4.45 -32.63 -36.79
CA TYR C 194 3.92 -31.35 -37.27
C TYR C 194 4.62 -30.92 -38.54
N ALA C 195 4.15 -29.84 -39.14
CA ALA C 195 4.73 -29.30 -40.37
C ALA C 195 4.02 -28.00 -40.73
N ALA C 196 4.74 -26.87 -40.63
CA ALA C 196 4.14 -25.58 -40.96
C ALA C 196 4.86 -24.83 -42.09
N THR C 197 4.16 -23.90 -42.70
CA THR C 197 4.72 -23.11 -43.80
C THR C 197 5.14 -21.73 -43.31
N SER C 198 5.18 -20.77 -44.22
CA SER C 198 5.53 -19.38 -43.92
C SER C 198 5.75 -18.57 -45.19
N GLN C 199 4.77 -17.72 -45.51
CA GLN C 199 4.84 -16.88 -46.70
C GLN C 199 5.42 -15.51 -46.35
N VAL C 200 6.12 -14.90 -47.30
CA VAL C 200 6.71 -13.58 -47.08
C VAL C 200 6.60 -12.70 -48.32
N LEU C 201 5.58 -11.85 -48.33
CA LEU C 201 5.33 -10.93 -49.44
C LEU C 201 6.59 -10.13 -49.79
N LEU C 202 6.74 -9.80 -51.07
CA LEU C 202 7.90 -9.04 -51.53
C LEU C 202 7.53 -8.16 -52.73
N PRO C 203 8.33 -7.10 -52.99
CA PRO C 203 8.10 -6.17 -54.10
C PRO C 203 8.00 -6.83 -55.47
N SER C 204 8.70 -6.28 -56.46
CA SER C 204 8.70 -6.83 -57.80
C SER C 204 10.12 -7.22 -58.17
N LYS C 205 11.08 -6.64 -57.44
CA LYS C 205 12.51 -6.87 -57.61
C LYS C 205 13.27 -5.58 -57.30
N ASP C 206 13.23 -5.16 -56.04
CA ASP C 206 13.91 -3.93 -55.63
C ASP C 206 14.57 -3.95 -54.25
N VAL C 207 13.74 -3.93 -53.20
CA VAL C 207 14.20 -3.94 -51.81
C VAL C 207 15.40 -2.99 -51.58
N MET C 208 16.19 -3.27 -50.56
CA MET C 208 17.36 -2.45 -50.25
C MET C 208 18.66 -3.21 -50.43
N GLN C 209 18.72 -4.41 -49.86
CA GLN C 209 19.90 -5.27 -49.94
C GLN C 209 19.55 -6.69 -50.40
N GLY C 210 18.75 -6.78 -51.46
CA GLY C 210 18.36 -8.08 -51.96
C GLY C 210 18.53 -8.19 -53.47
N THR C 211 19.59 -8.89 -53.89
CA THR C 211 19.86 -9.07 -55.32
C THR C 211 18.71 -9.84 -55.96
N ASP C 212 18.92 -11.14 -56.20
CA ASP C 212 17.87 -11.96 -56.81
C ASP C 212 18.13 -13.47 -56.72
N GLU C 213 19.36 -13.86 -56.43
CA GLU C 213 19.69 -15.28 -56.31
C GLU C 213 19.08 -15.88 -55.05
N HIS C 214 17.81 -16.30 -55.16
CA HIS C 214 17.08 -16.90 -54.04
C HIS C 214 17.26 -16.18 -52.70
N VAL C 215 16.77 -16.79 -51.62
CA VAL C 215 16.88 -16.20 -50.29
C VAL C 215 17.16 -17.24 -49.20
N VAL C 216 17.19 -16.80 -47.96
CA VAL C 216 17.46 -17.67 -46.81
C VAL C 216 16.22 -17.95 -45.96
N CYS C 217 16.10 -19.19 -45.50
CA CYS C 217 14.97 -19.61 -44.67
C CYS C 217 15.51 -20.11 -43.33
N LYS C 218 15.70 -19.19 -42.38
CA LYS C 218 16.21 -19.55 -41.06
C LYS C 218 15.11 -20.21 -40.24
N VAL C 219 15.25 -21.50 -39.97
CA VAL C 219 14.26 -22.24 -39.20
C VAL C 219 14.86 -22.82 -37.92
N GLN C 220 14.54 -22.20 -36.79
CA GLN C 220 15.03 -22.63 -35.48
C GLN C 220 14.25 -23.82 -34.93
N HIS C 221 14.79 -24.44 -33.89
CA HIS C 221 14.16 -25.60 -33.27
C HIS C 221 15.11 -26.19 -32.22
N PRO C 222 14.56 -26.66 -31.10
CA PRO C 222 15.35 -27.26 -30.01
C PRO C 222 16.16 -28.48 -30.42
N ASN C 223 15.68 -29.19 -31.44
CA ASN C 223 16.38 -30.39 -31.93
C ASN C 223 17.09 -30.15 -33.25
N GLY C 224 17.51 -28.91 -33.49
CA GLY C 224 18.21 -28.58 -34.71
C GLY C 224 17.55 -27.46 -35.50
N ASN C 225 18.34 -26.53 -36.00
CA ASN C 225 17.83 -25.40 -36.75
C ASN C 225 18.19 -25.48 -38.23
N LYS C 226 17.39 -26.23 -39.00
CA LYS C 226 17.62 -26.41 -40.43
C LYS C 226 17.33 -25.15 -41.25
N GLU C 227 18.13 -24.95 -42.31
CA GLU C 227 17.98 -23.79 -43.18
C GLU C 227 17.95 -24.23 -44.65
N LYS C 228 17.26 -23.45 -45.48
CA LYS C 228 17.17 -23.74 -46.92
C LYS C 228 16.91 -22.48 -47.74
N ASN C 229 17.31 -22.51 -49.00
CA ASN C 229 17.12 -21.39 -49.91
C ASN C 229 15.94 -21.62 -50.83
N VAL C 230 15.19 -20.55 -51.09
CA VAL C 230 14.01 -20.62 -51.95
C VAL C 230 14.25 -19.89 -53.26
N PRO C 231 14.17 -20.61 -54.39
CA PRO C 231 14.38 -20.04 -55.73
C PRO C 231 13.36 -18.97 -56.12
N GLN D 12 -17.88 9.17 -0.76
CA GLN D 12 -18.86 8.89 0.34
C GLN D 12 -18.45 9.64 1.61
N LEU D 13 -17.15 9.75 1.83
CA LEU D 13 -16.61 10.43 3.00
C LEU D 13 -16.50 11.94 2.76
N GLN D 14 -17.07 12.73 3.63
CA GLN D 14 -17.02 14.17 3.49
C GLN D 14 -16.91 14.82 4.85
N LEU D 15 -16.22 15.96 4.87
CA LEU D 15 -16.01 16.71 6.09
C LEU D 15 -16.55 18.13 5.98
N GLN D 16 -17.26 18.55 7.02
CA GLN D 16 -17.86 19.87 7.04
C GLN D 16 -17.34 20.72 8.21
N GLU D 17 -16.64 21.80 7.89
CA GLU D 17 -16.13 22.69 8.93
C GLU D 17 -17.27 23.56 9.39
N SER D 18 -17.25 23.94 10.67
CA SER D 18 -18.28 24.79 11.26
C SER D 18 -17.61 25.68 12.28
N GLY D 19 -17.93 26.97 12.19
CA GLY D 19 -17.38 27.92 13.11
C GLY D 19 -17.80 29.31 12.72
N PRO D 20 -17.88 30.24 13.69
CA PRO D 20 -18.26 31.62 13.40
C PRO D 20 -17.13 32.22 12.60
N GLY D 21 -17.45 32.89 11.51
CA GLY D 21 -16.42 33.46 10.66
C GLY D 21 -15.74 34.67 11.24
N LEU D 22 -16.27 35.18 12.34
CA LEU D 22 -15.70 36.35 12.99
C LEU D 22 -15.33 36.08 14.43
N VAL D 23 -14.14 36.53 14.80
CA VAL D 23 -13.65 36.37 16.16
C VAL D 23 -12.75 37.54 16.52
N LYS D 24 -12.95 38.08 17.72
CA LYS D 24 -12.19 39.23 18.19
C LYS D 24 -10.82 38.86 18.71
N PRO D 25 -9.87 39.80 18.67
CA PRO D 25 -8.52 39.50 19.17
C PRO D 25 -8.57 39.05 20.62
N SER D 26 -7.63 38.19 21.01
CA SER D 26 -7.56 37.69 22.36
C SER D 26 -8.68 36.71 22.69
N GLU D 27 -9.80 36.76 21.98
CA GLU D 27 -10.86 35.79 22.23
C GLU D 27 -10.36 34.46 21.73
N THR D 28 -11.14 33.39 21.84
CA THR D 28 -10.63 32.11 21.35
C THR D 28 -11.47 31.49 20.24
N LEU D 29 -10.78 31.01 19.21
CA LEU D 29 -11.36 30.38 18.03
C LEU D 29 -11.84 28.97 18.30
N SER D 30 -13.09 28.69 17.95
CA SER D 30 -13.64 27.37 18.18
C SER D 30 -14.37 26.81 16.95
N LEU D 31 -13.80 25.77 16.38
CA LEU D 31 -14.36 25.12 15.18
C LEU D 31 -14.74 23.68 15.43
N THR D 32 -15.75 23.19 14.71
CA THR D 32 -16.15 21.79 14.84
C THR D 32 -16.23 21.19 13.45
N CYS D 33 -15.72 19.99 13.28
CA CYS D 33 -15.78 19.31 11.98
C CYS D 33 -16.80 18.19 12.10
N THR D 34 -17.69 18.11 11.12
CA THR D 34 -18.71 17.08 11.10
C THR D 34 -18.42 16.10 9.97
N VAL D 35 -18.14 14.86 10.35
CA VAL D 35 -17.80 13.80 9.43
C VAL D 35 -18.98 12.93 9.03
N SER D 36 -19.14 12.70 7.73
CA SER D 36 -20.22 11.86 7.21
C SER D 36 -19.69 10.83 6.24
N GLY D 37 -20.28 9.63 6.24
CA GLY D 37 -19.82 8.56 5.36
C GLY D 37 -18.48 8.01 5.79
N GLY D 38 -18.37 7.67 7.06
CA GLY D 38 -17.13 7.15 7.61
C GLY D 38 -17.13 7.48 9.09
N SER D 39 -16.82 6.51 9.92
CA SER D 39 -16.84 6.77 11.35
C SER D 39 -15.48 6.93 11.95
N ILE D 40 -15.27 8.08 12.59
CA ILE D 40 -14.02 8.42 13.24
C ILE D 40 -13.65 7.36 14.28
N SER D 41 -14.67 6.69 14.83
CA SER D 41 -14.42 5.68 15.84
C SER D 41 -13.86 4.39 15.23
N ARG D 42 -13.85 4.29 13.90
CA ARG D 42 -13.29 3.12 13.23
C ARG D 42 -11.83 3.00 13.64
N GLY D 43 -11.28 4.09 14.13
CA GLY D 43 -9.91 4.08 14.59
C GLY D 43 -8.89 3.68 13.57
N SER D 44 -9.24 3.77 12.29
CA SER D 44 -8.31 3.41 11.21
C SER D 44 -7.35 4.54 10.91
N HIS D 45 -7.82 5.78 10.92
CA HIS D 45 -6.94 6.92 10.67
C HIS D 45 -7.01 8.06 11.70
N TYR D 46 -6.08 9.01 11.57
CA TYR D 46 -6.04 10.21 12.40
C TYR D 46 -6.83 11.31 11.67
N TRP D 47 -7.08 12.44 12.33
CA TRP D 47 -7.85 13.55 11.73
C TRP D 47 -7.22 14.87 12.16
N GLY D 48 -7.25 15.88 11.30
CA GLY D 48 -6.60 17.12 11.69
C GLY D 48 -7.12 18.42 11.16
N TRP D 49 -6.40 19.48 11.48
CA TRP D 49 -6.75 20.81 11.07
C TRP D 49 -5.57 21.44 10.36
N ILE D 50 -5.85 22.20 9.33
CA ILE D 50 -4.82 22.90 8.56
C ILE D 50 -5.43 24.24 8.18
N ARG D 51 -4.64 25.30 8.31
CA ARG D 51 -5.15 26.61 7.99
C ARG D 51 -4.38 27.21 6.84
N GLN D 52 -4.93 28.28 6.28
CA GLN D 52 -4.32 28.93 5.13
C GLN D 52 -4.58 30.44 5.06
N PRO D 53 -3.61 31.24 5.50
CA PRO D 53 -3.73 32.69 5.48
C PRO D 53 -4.18 33.17 4.09
N PRO D 54 -5.05 34.19 4.03
CA PRO D 54 -5.58 34.73 2.77
C PRO D 54 -4.76 34.53 1.50
N GLY D 55 -3.57 35.10 1.42
CA GLY D 55 -2.81 34.92 0.21
C GLY D 55 -1.57 34.09 0.44
N LYS D 56 -1.61 33.22 1.44
CA LYS D 56 -0.45 32.42 1.75
C LYS D 56 -0.64 30.92 1.63
N GLY D 57 0.38 30.18 2.05
CA GLY D 57 0.38 28.73 1.96
C GLY D 57 -0.41 27.92 2.98
N LEU D 58 0.19 26.82 3.44
CA LEU D 58 -0.46 25.94 4.39
C LEU D 58 0.30 25.73 5.70
N GLU D 59 -0.44 25.45 6.77
CA GLU D 59 0.19 25.22 8.06
C GLU D 59 -0.60 24.17 8.80
N TRP D 60 0.06 23.05 9.11
CA TRP D 60 -0.61 21.95 9.82
C TRP D 60 -0.82 22.42 11.25
N ILE D 61 -2.03 22.26 11.77
CA ILE D 61 -2.30 22.69 13.14
C ILE D 61 -2.15 21.53 14.11
N GLY D 62 -2.73 20.39 13.76
CA GLY D 62 -2.62 19.25 14.64
C GLY D 62 -3.49 18.07 14.24
N SER D 63 -3.20 16.91 14.80
CA SER D 63 -4.00 15.74 14.48
C SER D 63 -4.44 15.02 15.73
N ILE D 64 -5.50 14.24 15.63
CA ILE D 64 -6.00 13.51 16.79
C ILE D 64 -6.61 12.19 16.38
N TYR D 65 -6.55 11.24 17.31
CA TYR D 65 -7.05 9.89 17.10
C TYR D 65 -8.30 9.77 17.96
N TYR D 66 -9.28 8.99 17.52
CA TYR D 66 -10.53 8.87 18.28
C TYR D 66 -10.33 8.57 19.77
N SER D 67 -9.35 7.72 20.07
CA SER D 67 -9.06 7.32 21.43
C SER D 67 -8.65 8.50 22.28
N GLY D 68 -8.45 9.65 21.63
CA GLY D 68 -8.06 10.85 22.36
C GLY D 68 -6.62 11.34 22.20
N ASN D 69 -5.69 10.48 21.80
CA ASN D 69 -4.30 10.90 21.65
C ASN D 69 -4.10 11.90 20.51
N THR D 70 -3.20 12.87 20.70
CA THR D 70 -2.97 13.89 19.68
C THR D 70 -1.57 14.49 19.47
N TYR D 71 -1.38 15.07 18.28
CA TYR D 71 -0.12 15.72 17.88
C TYR D 71 -0.43 17.14 17.40
N PHE D 72 0.39 18.11 17.82
CA PHE D 72 0.18 19.49 17.41
C PHE D 72 1.42 20.04 16.79
N ASN D 73 1.25 21.06 15.96
CA ASN D 73 2.41 21.70 15.36
C ASN D 73 2.99 22.45 16.54
N PRO D 74 4.25 22.18 16.89
CA PRO D 74 4.93 22.83 18.01
C PRO D 74 4.89 24.36 17.98
N SER D 75 4.81 24.93 16.78
CA SER D 75 4.76 26.38 16.65
C SER D 75 3.51 27.00 17.27
N LEU D 76 2.62 26.19 17.82
CA LEU D 76 1.40 26.74 18.42
C LEU D 76 0.58 25.79 19.31
N LYS D 77 1.24 24.81 19.89
CA LYS D 77 0.56 23.85 20.76
C LYS D 77 0.12 24.49 22.08
N SER D 78 0.63 25.68 22.34
CA SER D 78 0.31 26.38 23.56
C SER D 78 -1.12 26.92 23.59
N ARG D 79 -1.62 27.29 22.42
CA ARG D 79 -2.98 27.85 22.31
C ARG D 79 -3.92 26.89 21.60
N VAL D 80 -3.39 25.76 21.14
CA VAL D 80 -4.17 24.78 20.41
C VAL D 80 -4.80 23.66 21.20
N THR D 81 -6.00 23.30 20.80
CA THR D 81 -6.71 22.19 21.42
C THR D 81 -7.53 21.53 20.35
N ILE D 82 -7.49 20.20 20.36
CA ILE D 82 -8.24 19.42 19.38
C ILE D 82 -8.90 18.34 20.18
N SER D 83 -10.15 18.04 19.88
CA SER D 83 -10.83 17.01 20.63
C SER D 83 -11.81 16.28 19.74
N VAL D 84 -12.25 15.10 20.18
CA VAL D 84 -13.20 14.38 19.38
C VAL D 84 -14.42 13.93 20.18
N ASP D 85 -15.57 13.91 19.52
CA ASP D 85 -16.79 13.48 20.15
C ASP D 85 -17.44 12.41 19.30
N THR D 86 -17.01 11.17 19.55
CA THR D 86 -17.52 9.99 18.88
C THR D 86 -19.04 10.03 18.72
N SER D 87 -19.73 10.11 19.86
CA SER D 87 -21.19 10.15 19.92
C SER D 87 -21.86 11.02 18.84
N LYS D 88 -21.13 11.99 18.29
CA LYS D 88 -21.64 12.88 17.26
C LYS D 88 -20.84 12.76 15.97
N ASN D 89 -19.77 11.96 16.03
CA ASN D 89 -18.87 11.76 14.90
C ASN D 89 -18.27 13.09 14.44
N GLN D 90 -17.70 13.83 15.39
CA GLN D 90 -17.07 15.11 15.09
C GLN D 90 -15.82 15.37 15.92
N PHE D 91 -14.86 16.10 15.37
CA PHE D 91 -13.71 16.45 16.16
C PHE D 91 -13.63 17.97 16.09
N SER D 92 -12.98 18.61 17.06
CA SER D 92 -12.92 20.07 17.08
C SER D 92 -11.56 20.70 17.29
N LEU D 93 -11.52 22.02 17.11
CA LEU D 93 -10.31 22.80 17.29
C LEU D 93 -10.64 23.98 18.18
N LYS D 94 -9.65 24.44 18.93
CA LYS D 94 -9.81 25.56 19.82
C LYS D 94 -8.52 26.33 19.84
N LEU D 95 -8.45 27.39 19.05
CA LEU D 95 -7.25 28.21 19.02
C LEU D 95 -7.55 29.31 20.00
N SER D 96 -6.58 29.72 20.82
CA SER D 96 -6.88 30.80 21.78
C SER D 96 -5.95 31.99 21.68
N SER D 97 -6.39 33.10 22.29
CA SER D 97 -5.63 34.35 22.30
C SER D 97 -5.18 34.64 20.89
N VAL D 98 -6.14 34.83 20.01
CA VAL D 98 -5.87 35.08 18.61
C VAL D 98 -5.41 36.47 18.26
N THR D 99 -4.76 36.54 17.11
CA THR D 99 -4.22 37.78 16.54
C THR D 99 -4.47 37.73 15.03
N ALA D 100 -4.55 38.88 14.39
CA ALA D 100 -4.80 38.95 12.94
C ALA D 100 -4.10 37.82 12.22
N ALA D 101 -2.96 37.40 12.76
CA ALA D 101 -2.19 36.32 12.16
C ALA D 101 -3.01 35.03 12.03
N ASP D 102 -4.06 34.88 12.83
CA ASP D 102 -4.88 33.70 12.80
C ASP D 102 -6.06 33.81 11.85
N THR D 103 -6.12 34.90 11.11
CA THR D 103 -7.17 35.10 10.13
C THR D 103 -6.78 34.15 9.00
N ALA D 104 -7.68 33.24 8.66
CA ALA D 104 -7.41 32.27 7.62
C ALA D 104 -8.64 31.45 7.27
N VAL D 105 -8.42 30.40 6.50
CA VAL D 105 -9.49 29.50 6.12
C VAL D 105 -9.05 28.24 6.79
N TYR D 106 -9.84 27.73 7.72
CA TYR D 106 -9.44 26.52 8.41
C TYR D 106 -10.02 25.29 7.74
N TYR D 107 -9.18 24.28 7.57
CA TYR D 107 -9.58 23.05 6.92
C TYR D 107 -9.52 21.87 7.86
N CYS D 108 -10.47 20.96 7.76
CA CYS D 108 -10.38 19.75 8.55
C CYS D 108 -10.23 18.63 7.54
N ALA D 109 -9.34 17.68 7.82
CA ALA D 109 -9.11 16.60 6.87
C ALA D 109 -8.83 15.28 7.53
N ARG D 110 -8.70 14.24 6.72
CA ARG D 110 -8.41 12.92 7.25
C ARG D 110 -6.97 12.59 6.92
N LEU D 111 -6.19 12.25 7.93
CA LEU D 111 -4.80 11.92 7.71
C LEU D 111 -4.58 10.74 6.78
N GLY D 112 -3.65 11.01 5.84
CA GLY D 112 -3.16 10.11 4.81
C GLY D 112 -4.10 9.07 4.28
N PRO D 113 -3.69 8.28 3.26
CA PRO D 113 -4.60 7.25 2.77
C PRO D 113 -4.39 5.97 3.57
N ASP D 114 -3.13 5.62 3.84
CA ASP D 114 -2.81 4.41 4.60
C ASP D 114 -3.34 4.51 6.03
N ASP D 115 -3.39 3.38 6.74
CA ASP D 115 -3.89 3.42 8.09
C ASP D 115 -2.84 3.99 9.03
N TYR D 116 -3.29 4.76 10.01
CA TYR D 116 -2.40 5.38 11.00
C TYR D 116 -1.39 6.33 10.39
N THR D 117 -1.74 6.92 9.25
CA THR D 117 -0.87 7.85 8.57
C THR D 117 -0.88 9.14 9.33
N LEU D 118 0.30 9.75 9.52
CA LEU D 118 0.38 10.99 10.27
C LEU D 118 0.94 12.16 9.49
N ASP D 119 1.36 11.93 8.26
CA ASP D 119 1.96 12.99 7.46
C ASP D 119 1.21 13.47 6.21
N GLY D 120 0.14 12.78 5.82
CA GLY D 120 -0.61 13.21 4.66
C GLY D 120 -2.07 13.42 5.00
N MET D 121 -2.86 13.96 4.09
CA MET D 121 -4.28 14.15 4.34
C MET D 121 -4.89 13.74 3.03
N ASP D 122 -5.85 12.83 3.04
CA ASP D 122 -6.43 12.41 1.78
C ASP D 122 -7.80 12.99 1.48
N VAL D 123 -8.62 13.16 2.50
CA VAL D 123 -9.95 13.75 2.29
C VAL D 123 -9.95 15.11 3.01
N TRP D 124 -10.27 16.18 2.28
CA TRP D 124 -10.32 17.50 2.90
C TRP D 124 -11.73 18.02 2.97
N GLY D 125 -12.00 18.86 3.95
CA GLY D 125 -13.32 19.44 4.07
C GLY D 125 -13.32 20.56 3.06
N GLN D 126 -14.39 21.35 3.02
CA GLN D 126 -14.48 22.44 2.08
C GLN D 126 -13.75 23.68 2.57
N GLY D 127 -13.64 23.82 3.89
CA GLY D 127 -12.99 24.97 4.46
C GLY D 127 -14.01 25.90 5.08
N THR D 128 -13.55 26.79 5.96
CA THR D 128 -14.42 27.75 6.64
C THR D 128 -13.54 28.99 6.80
N THR D 129 -14.08 30.17 6.53
CA THR D 129 -13.25 31.37 6.66
C THR D 129 -13.35 31.99 8.04
N VAL D 130 -12.22 32.43 8.56
CA VAL D 130 -12.23 33.06 9.87
C VAL D 130 -11.43 34.33 9.81
N THR D 131 -12.11 35.45 10.01
CA THR D 131 -11.46 36.75 10.01
C THR D 131 -11.37 37.22 11.45
N VAL D 132 -10.15 37.50 11.91
CA VAL D 132 -9.96 37.97 13.26
C VAL D 132 -10.03 39.48 13.27
N SER D 133 -11.17 40.01 13.68
CA SER D 133 -11.36 41.45 13.75
C SER D 133 -11.84 41.89 15.12
N SER D 134 -11.73 43.18 15.41
CA SER D 134 -12.16 43.70 16.69
C SER D 134 -13.37 44.60 16.59
N GLY D 135 -13.95 44.67 15.39
CA GLY D 135 -15.10 45.53 15.17
C GLY D 135 -16.47 44.95 14.94
N SER D 136 -16.62 43.63 15.09
CA SER D 136 -17.92 42.98 14.90
C SER D 136 -18.63 43.32 13.59
N ALA D 137 -19.51 42.41 13.17
CA ALA D 137 -20.28 42.56 11.93
C ALA D 137 -20.80 43.98 11.74
N SER D 138 -21.22 44.30 10.52
CA SER D 138 -21.72 45.62 10.23
C SER D 138 -22.17 45.73 8.80
N ALA D 139 -22.44 46.95 8.36
CA ALA D 139 -22.88 47.21 7.00
C ALA D 139 -21.95 48.24 6.37
N PRO D 140 -21.75 48.14 5.05
CA PRO D 140 -20.89 49.02 4.26
C PRO D 140 -21.40 50.44 4.05
N THR D 141 -20.50 51.40 4.15
CA THR D 141 -20.86 52.79 3.90
C THR D 141 -20.44 52.97 2.45
N LEU D 142 -21.29 53.59 1.64
CA LEU D 142 -20.98 53.76 0.22
C LEU D 142 -20.55 55.17 -0.18
N PHE D 143 -19.57 55.24 -1.08
CA PHE D 143 -19.05 56.52 -1.57
C PHE D 143 -18.88 56.51 -3.08
N PRO D 144 -19.29 57.60 -3.76
CA PRO D 144 -19.17 57.68 -5.22
C PRO D 144 -17.76 58.00 -5.70
N LEU D 145 -17.33 57.33 -6.77
CA LEU D 145 -16.01 57.57 -7.33
C LEU D 145 -16.12 58.23 -8.69
N VAL D 146 -15.90 59.54 -8.72
CA VAL D 146 -15.98 60.33 -9.94
C VAL D 146 -15.14 59.78 -11.09
N SER D 147 -14.13 60.54 -11.52
CA SER D 147 -13.25 60.12 -12.61
C SER D 147 -12.07 61.06 -12.80
N CYS D 148 -12.29 62.35 -12.57
CA CYS D 148 -11.24 63.35 -12.71
C CYS D 148 -11.52 64.55 -11.82
N ASP D 149 -11.26 63.25 -27.18
CA ASP D 149 -12.39 62.99 -26.29
C ASP D 149 -12.30 61.56 -25.74
N THR D 150 -13.14 61.24 -24.76
CA THR D 150 -13.13 59.93 -24.13
C THR D 150 -14.18 58.97 -24.72
N SER D 151 -13.73 58.05 -25.57
CA SER D 151 -14.62 57.07 -26.17
C SER D 151 -15.09 56.14 -25.05
N SER D 152 -16.14 56.57 -24.35
CA SER D 152 -16.71 55.83 -23.22
C SER D 152 -15.89 56.02 -21.95
N VAL D 153 -16.33 56.94 -21.10
CA VAL D 153 -15.67 57.22 -19.83
C VAL D 153 -16.39 56.41 -18.76
N ALA D 154 -15.92 56.44 -17.51
CA ALA D 154 -16.57 55.65 -16.47
C ALA D 154 -16.60 56.23 -15.07
N VAL D 155 -17.55 55.74 -14.28
CA VAL D 155 -17.76 56.15 -12.90
C VAL D 155 -17.78 54.91 -12.00
N GLY D 156 -17.50 55.11 -10.71
CA GLY D 156 -17.48 53.96 -9.80
C GLY D 156 -18.24 54.09 -8.50
N CYS D 157 -18.10 53.07 -7.65
CA CYS D 157 -18.77 53.01 -6.36
C CYS D 157 -17.90 52.33 -5.33
N LEU D 158 -17.64 53.03 -4.24
CA LEU D 158 -16.81 52.51 -3.16
C LEU D 158 -17.66 51.96 -2.02
N ALA D 159 -17.18 50.88 -1.42
CA ALA D 159 -17.88 50.24 -0.30
C ALA D 159 -16.87 49.93 0.79
N GLN D 160 -17.04 50.56 1.95
CA GLN D 160 -16.13 50.36 3.06
C GLN D 160 -16.85 50.04 4.37
N ASP D 161 -16.05 49.78 5.40
CA ASP D 161 -16.55 49.52 6.73
C ASP D 161 -17.38 48.25 6.95
N PHE D 162 -17.90 47.62 5.89
CA PHE D 162 -18.69 46.40 6.10
C PHE D 162 -17.78 45.29 6.61
N LEU D 163 -18.28 44.44 7.48
CA LEU D 163 -17.39 43.41 8.00
C LEU D 163 -17.53 42.04 7.34
N PRO D 164 -18.32 41.11 7.93
CA PRO D 164 -18.34 39.84 7.19
C PRO D 164 -18.48 40.11 5.70
N ASP D 165 -17.43 39.78 4.96
CA ASP D 165 -17.41 40.00 3.51
C ASP D 165 -18.44 39.12 2.81
N SER D 166 -19.40 39.76 2.15
CA SER D 166 -20.45 39.05 1.44
C SER D 166 -21.26 39.99 0.55
N ILE D 167 -20.68 41.14 0.23
CA ILE D 167 -21.34 42.12 -0.64
C ILE D 167 -21.77 41.53 -1.96
N THR D 168 -22.49 42.32 -2.74
CA THR D 168 -22.98 41.92 -4.05
C THR D 168 -23.44 43.20 -4.73
N PHE D 169 -22.59 43.75 -5.60
CA PHE D 169 -22.93 44.99 -6.30
C PHE D 169 -23.99 44.85 -7.40
N SER D 170 -24.43 46.00 -7.92
CA SER D 170 -25.45 46.07 -8.96
C SER D 170 -25.66 47.54 -9.30
N TRP D 171 -26.16 47.80 -10.50
CA TRP D 171 -26.39 49.18 -10.90
C TRP D 171 -27.77 49.47 -11.46
N LYS D 172 -28.24 50.69 -11.22
CA LYS D 172 -29.55 51.14 -11.70
C LYS D 172 -29.39 52.55 -12.24
N TYR D 173 -29.94 52.82 -13.44
CA TYR D 173 -29.85 54.15 -14.04
C TYR D 173 -30.69 55.16 -13.26
N LYS D 174 -31.00 56.27 -13.91
CA LYS D 174 -31.83 57.30 -13.30
C LYS D 174 -33.26 56.80 -13.32
N ASN D 175 -33.49 55.73 -14.07
CA ASN D 175 -34.82 55.14 -14.21
C ASN D 175 -34.85 53.63 -13.92
N ASN D 176 -34.55 53.27 -12.68
CA ASN D 176 -34.53 51.87 -12.24
C ASN D 176 -34.22 50.83 -13.32
N SER D 177 -33.25 51.16 -14.17
CA SER D 177 -32.83 50.26 -15.25
C SER D 177 -31.59 49.50 -14.78
N ASP D 178 -31.43 48.28 -15.28
CA ASP D 178 -30.27 47.47 -14.90
C ASP D 178 -29.07 47.87 -15.75
N ILE D 179 -27.86 47.56 -15.29
CA ILE D 179 -26.65 47.90 -16.04
C ILE D 179 -25.75 46.67 -16.23
N SER D 180 -25.33 46.42 -17.48
CA SER D 180 -24.48 45.28 -17.79
C SER D 180 -22.99 45.63 -17.77
N SER D 181 -22.69 46.92 -17.84
CA SER D 181 -21.32 47.38 -17.81
C SER D 181 -20.82 47.30 -16.37
N THR D 182 -20.87 46.09 -15.81
CA THR D 182 -20.48 45.87 -14.43
C THR D 182 -19.25 44.99 -14.25
N ARG D 183 -18.32 45.45 -13.42
CA ARG D 183 -17.10 44.69 -13.13
C ARG D 183 -16.86 44.66 -11.63
N GLY D 184 -16.99 43.47 -11.06
CA GLY D 184 -16.80 43.30 -9.64
C GLY D 184 -15.36 42.99 -9.30
N PHE D 185 -14.88 43.60 -8.22
CA PHE D 185 -13.51 43.41 -7.77
C PHE D 185 -13.45 42.71 -6.42
N PRO D 186 -12.29 42.14 -6.06
CA PRO D 186 -12.12 41.45 -4.79
C PRO D 186 -12.01 42.46 -3.67
N SER D 187 -12.42 42.07 -2.47
CA SER D 187 -12.38 42.96 -1.32
C SER D 187 -11.00 43.08 -0.69
N VAL D 188 -10.78 44.18 0.01
CA VAL D 188 -9.52 44.43 0.68
C VAL D 188 -9.79 44.40 2.18
N LEU D 189 -8.93 43.72 2.93
CA LEU D 189 -9.09 43.62 4.38
C LEU D 189 -8.21 44.64 5.07
N ARG D 190 -8.81 45.75 5.49
CA ARG D 190 -8.08 46.82 6.17
C ARG D 190 -8.45 46.84 7.64
N GLY D 191 -7.46 46.64 8.51
CA GLY D 191 -7.69 46.66 9.94
C GLY D 191 -9.04 46.17 10.45
N GLY D 192 -9.28 44.86 10.32
CA GLY D 192 -10.52 44.28 10.80
C GLY D 192 -11.79 44.43 9.96
N LYS D 193 -11.78 45.34 8.99
CA LYS D 193 -12.95 45.54 8.15
C LYS D 193 -12.58 45.40 6.67
N TYR D 194 -13.56 45.05 5.84
CA TYR D 194 -13.34 44.88 4.40
C TYR D 194 -13.80 46.08 3.59
N ALA D 195 -13.41 46.09 2.32
CA ALA D 195 -13.76 47.16 1.38
C ALA D 195 -13.73 46.62 -0.04
N ALA D 196 -14.71 46.99 -0.85
CA ALA D 196 -14.77 46.52 -2.23
C ALA D 196 -15.35 47.57 -3.16
N THR D 197 -15.00 47.49 -4.45
CA THR D 197 -15.49 48.45 -5.43
C THR D 197 -15.97 47.77 -6.69
N SER D 198 -16.89 48.43 -7.39
CA SER D 198 -17.41 47.93 -8.66
C SER D 198 -17.31 49.09 -9.62
N GLN D 199 -17.35 48.79 -10.92
CA GLN D 199 -17.24 49.86 -11.92
C GLN D 199 -18.20 49.71 -13.09
N VAL D 200 -18.54 50.84 -13.71
CA VAL D 200 -19.44 50.87 -14.85
C VAL D 200 -18.92 51.80 -15.95
N LEU D 201 -19.07 51.37 -17.19
CA LEU D 201 -18.62 52.14 -18.36
C LEU D 201 -19.83 52.71 -19.11
N LEU D 202 -19.71 53.93 -19.63
CA LEU D 202 -20.80 54.55 -20.36
C LEU D 202 -20.36 55.46 -21.52
N PRO D 203 -20.90 55.23 -22.72
CA PRO D 203 -20.61 55.96 -23.97
C PRO D 203 -20.69 57.50 -23.90
N SER D 204 -21.90 58.03 -23.77
CA SER D 204 -22.12 59.48 -23.69
C SER D 204 -23.58 59.78 -23.36
N LYS D 205 -24.47 59.19 -24.17
CA LYS D 205 -25.91 59.32 -24.04
C LYS D 205 -26.50 58.23 -24.94
N ASP D 206 -25.65 57.26 -25.28
CA ASP D 206 -26.01 56.15 -26.16
C ASP D 206 -26.94 55.10 -25.54
N VAL D 207 -26.47 53.85 -25.53
CA VAL D 207 -27.22 52.72 -24.99
C VAL D 207 -28.73 52.78 -25.28
N MET D 208 -29.54 52.69 -24.23
CA MET D 208 -31.00 52.74 -24.39
C MET D 208 -31.61 53.66 -23.34
N GLN D 209 -31.79 53.14 -22.13
CA GLN D 209 -32.36 53.91 -21.02
C GLN D 209 -31.28 54.75 -20.37
N GLY D 210 -30.07 54.69 -20.93
CA GLY D 210 -28.96 55.45 -20.38
C GLY D 210 -29.03 56.92 -20.70
N THR D 211 -29.88 57.63 -19.96
CA THR D 211 -30.07 59.06 -20.13
C THR D 211 -28.75 59.82 -19.94
N ASP D 212 -28.77 60.85 -19.11
CA ASP D 212 -27.57 61.64 -18.84
C ASP D 212 -27.60 62.33 -17.47
N GLU D 213 -28.01 61.60 -16.44
CA GLU D 213 -28.07 62.11 -15.07
C GLU D 213 -27.74 61.03 -14.04
N HIS D 214 -26.61 61.20 -13.35
CA HIS D 214 -26.10 60.28 -12.34
C HIS D 214 -26.52 58.81 -12.41
N VAL D 215 -26.14 58.02 -11.40
CA VAL D 215 -26.48 56.60 -11.37
C VAL D 215 -26.71 56.08 -9.95
N VAL D 216 -27.05 54.80 -9.83
CA VAL D 216 -27.32 54.20 -8.53
C VAL D 216 -26.52 52.93 -8.27
N CYS D 217 -25.87 52.89 -7.12
CA CYS D 217 -25.07 51.73 -6.72
C CYS D 217 -25.89 50.87 -5.79
N LYS D 218 -25.92 49.56 -6.03
CA LYS D 218 -26.68 48.63 -5.21
C LYS D 218 -25.75 47.69 -4.45
N VAL D 219 -25.93 47.59 -3.14
CA VAL D 219 -25.09 46.72 -2.32
C VAL D 219 -25.92 45.77 -1.44
N GLN D 220 -25.58 44.48 -1.50
CA GLN D 220 -26.25 43.47 -0.70
C GLN D 220 -25.29 43.12 0.43
N HIS D 221 -25.81 42.56 1.53
CA HIS D 221 -25.01 42.19 2.68
C HIS D 221 -25.97 41.63 3.73
N PRO D 222 -25.60 40.56 4.42
CA PRO D 222 -26.50 40.00 5.43
C PRO D 222 -26.91 41.05 6.45
N ASN D 223 -25.92 41.81 6.92
CA ASN D 223 -26.12 42.84 7.91
C ASN D 223 -26.55 44.21 7.40
N GLY D 224 -27.56 44.25 6.54
CA GLY D 224 -28.04 45.53 6.03
C GLY D 224 -27.53 45.99 4.68
N ASN D 225 -28.45 46.40 3.81
CA ASN D 225 -28.08 46.87 2.49
C ASN D 225 -27.81 48.37 2.47
N LYS D 226 -27.54 48.90 1.27
CA LYS D 226 -27.25 50.31 1.10
C LYS D 226 -27.34 50.67 -0.38
N GLU D 227 -27.64 51.95 -0.63
CA GLU D 227 -27.74 52.46 -1.99
C GLU D 227 -27.11 53.83 -2.07
N LYS D 228 -26.34 54.04 -3.11
CA LYS D 228 -25.66 55.31 -3.30
C LYS D 228 -25.85 55.89 -4.70
N ASN D 229 -26.13 57.20 -4.74
CA ASN D 229 -26.31 57.91 -5.99
C ASN D 229 -24.92 58.40 -6.42
N VAL D 230 -24.49 57.95 -7.60
CA VAL D 230 -23.20 58.35 -8.12
C VAL D 230 -23.39 59.37 -9.23
N PRO D 231 -23.21 60.66 -8.90
CA PRO D 231 -23.35 61.74 -9.87
C PRO D 231 -22.36 61.60 -11.03
N GLN E 20 -20.28 -24.11 -4.84
CA GLN E 20 -19.61 -24.21 -3.51
C GLN E 20 -18.08 -24.27 -3.62
N SER E 21 -17.56 -24.68 -4.77
CA SER E 21 -16.11 -24.78 -4.95
C SER E 21 -15.54 -24.32 -6.28
N VAL E 22 -16.30 -23.60 -7.08
CA VAL E 22 -15.76 -23.13 -8.35
C VAL E 22 -16.48 -21.93 -8.94
N LEU E 23 -15.69 -20.96 -9.40
CA LEU E 23 -16.21 -19.74 -9.99
C LEU E 23 -16.74 -20.02 -11.39
N THR E 24 -17.85 -19.37 -11.71
CA THR E 24 -18.49 -19.52 -13.01
C THR E 24 -18.67 -18.16 -13.65
N GLN E 25 -18.09 -18.01 -14.83
CA GLN E 25 -18.24 -16.77 -15.58
C GLN E 25 -18.92 -17.08 -16.91
N PRO E 26 -19.38 -16.06 -17.62
CA PRO E 26 -20.04 -16.30 -18.90
C PRO E 26 -19.02 -16.78 -19.94
N PRO E 27 -19.28 -17.95 -20.55
CA PRO E 27 -18.39 -18.51 -21.56
C PRO E 27 -17.91 -17.48 -22.59
N SER E 28 -18.71 -16.44 -22.81
CA SER E 28 -18.35 -15.41 -23.78
C SER E 28 -19.07 -14.09 -23.49
N ALA E 29 -18.66 -13.03 -24.17
CA ALA E 29 -19.28 -11.73 -23.94
C ALA E 29 -19.56 -10.88 -25.19
N SER E 30 -18.50 -10.30 -25.78
CA SER E 30 -18.59 -9.47 -26.99
C SER E 30 -19.41 -8.17 -26.86
N GLY E 31 -18.95 -7.12 -27.52
CA GLY E 31 -19.66 -5.85 -27.51
C GLY E 31 -19.42 -5.08 -28.80
N THR E 32 -19.22 -3.76 -28.69
CA THR E 32 -18.93 -2.91 -29.86
C THR E 32 -18.17 -1.69 -29.35
N PRO E 33 -17.11 -1.27 -30.08
CA PRO E 33 -16.28 -0.11 -29.70
C PRO E 33 -16.97 1.04 -29.00
N GLY E 34 -16.21 1.78 -28.19
CA GLY E 34 -16.74 2.92 -27.45
C GLY E 34 -17.73 2.58 -26.34
N GLN E 35 -18.29 1.38 -26.42
CA GLN E 35 -19.29 0.89 -25.45
C GLN E 35 -18.71 0.53 -24.06
N ARG E 36 -19.47 -0.27 -23.33
CA ARG E 36 -19.09 -0.70 -21.98
C ARG E 36 -19.73 -2.06 -21.67
N VAL E 37 -18.90 -3.01 -21.25
CA VAL E 37 -19.36 -4.36 -20.93
C VAL E 37 -18.90 -4.84 -19.57
N THR E 38 -19.61 -5.83 -19.03
CA THR E 38 -19.31 -6.40 -17.72
C THR E 38 -19.24 -7.90 -17.76
N ILE E 39 -18.29 -8.47 -17.02
CA ILE E 39 -18.16 -9.91 -16.97
C ILE E 39 -18.33 -10.33 -15.50
N SER E 40 -19.25 -11.24 -15.23
CA SER E 40 -19.51 -11.71 -13.87
C SER E 40 -18.76 -13.00 -13.52
N CYS E 41 -18.57 -13.21 -12.22
CA CYS E 41 -17.87 -14.38 -11.70
C CYS E 41 -18.71 -14.90 -10.53
N SER E 42 -19.61 -15.83 -10.80
CA SER E 42 -20.47 -16.35 -9.75
C SER E 42 -19.72 -17.38 -8.93
N GLY E 43 -19.55 -17.11 -7.64
CA GLY E 43 -18.83 -18.04 -6.79
C GLY E 43 -19.57 -18.53 -5.57
N SER E 44 -18.80 -18.94 -4.55
CA SER E 44 -19.33 -19.47 -3.30
C SER E 44 -18.83 -18.69 -2.09
N SER E 45 -19.28 -19.08 -0.91
CA SER E 45 -18.85 -18.41 0.30
C SER E 45 -17.47 -18.89 0.68
N SER E 46 -17.17 -20.12 0.29
CA SER E 46 -15.87 -20.70 0.59
C SER E 46 -14.77 -20.08 -0.25
N ASN E 47 -15.13 -19.15 -1.13
CA ASN E 47 -14.13 -18.52 -1.99
C ASN E 47 -14.35 -17.05 -2.30
N ILE E 48 -14.89 -16.81 -3.48
CA ILE E 48 -15.12 -15.47 -3.97
C ILE E 48 -15.91 -14.60 -3.00
N GLY E 49 -16.43 -15.21 -1.94
CA GLY E 49 -17.21 -14.47 -0.96
C GLY E 49 -16.44 -14.06 0.29
N SER E 50 -15.27 -14.66 0.49
CA SER E 50 -14.45 -14.36 1.66
C SER E 50 -13.01 -13.98 1.36
N ASN E 51 -12.66 -13.86 0.08
CA ASN E 51 -11.29 -13.49 -0.27
C ASN E 51 -11.24 -12.48 -1.38
N TYR E 52 -10.05 -11.93 -1.60
CA TYR E 52 -9.89 -10.93 -2.66
C TYR E 52 -9.99 -11.60 -4.02
N VAL E 53 -10.63 -10.91 -4.94
CA VAL E 53 -10.78 -11.42 -6.29
C VAL E 53 -9.70 -10.84 -7.20
N TYR E 54 -9.25 -11.63 -8.16
CA TYR E 54 -8.24 -11.19 -9.12
C TYR E 54 -8.76 -11.33 -10.53
N TRP E 55 -8.37 -10.42 -11.41
CA TRP E 55 -8.81 -10.48 -12.81
C TRP E 55 -7.63 -10.42 -13.77
N TYR E 56 -7.47 -11.47 -14.58
CA TYR E 56 -6.39 -11.51 -15.55
C TYR E 56 -6.95 -11.47 -16.97
N GLN E 57 -6.20 -10.78 -17.83
CA GLN E 57 -6.54 -10.64 -19.24
C GLN E 57 -5.58 -11.50 -20.07
N GLN E 58 -6.09 -12.16 -21.10
CA GLN E 58 -5.26 -13.01 -21.95
C GLN E 58 -5.53 -12.82 -23.45
N LEU E 59 -4.73 -11.96 -24.08
CA LEU E 59 -4.87 -11.72 -25.53
C LEU E 59 -4.29 -12.95 -26.20
N PRO E 60 -5.02 -13.53 -27.18
CA PRO E 60 -4.64 -14.73 -27.94
C PRO E 60 -3.16 -15.13 -27.95
N GLY E 61 -2.90 -16.36 -27.48
CA GLY E 61 -1.55 -16.88 -27.44
C GLY E 61 -0.58 -15.99 -26.69
N THR E 62 -0.84 -15.82 -25.41
CA THR E 62 -0.01 -14.96 -24.56
C THR E 62 -0.15 -15.37 -23.11
N ALA E 63 0.86 -15.04 -22.32
CA ALA E 63 0.80 -15.34 -20.90
C ALA E 63 -0.25 -14.37 -20.35
N PRO E 64 -1.12 -14.86 -19.45
CA PRO E 64 -2.16 -14.03 -18.86
C PRO E 64 -1.55 -12.78 -18.24
N LYS E 65 -2.30 -11.69 -18.23
CA LYS E 65 -1.83 -10.44 -17.66
C LYS E 65 -2.70 -10.06 -16.47
N LEU E 66 -2.06 -9.65 -15.37
CA LEU E 66 -2.83 -9.24 -14.21
C LEU E 66 -3.57 -7.99 -14.60
N LEU E 67 -4.87 -7.96 -14.36
CA LEU E 67 -5.71 -6.82 -14.72
C LEU E 67 -6.22 -6.08 -13.48
N ILE E 68 -6.65 -6.85 -12.49
CA ILE E 68 -7.15 -6.27 -11.25
C ILE E 68 -6.86 -7.17 -10.07
N TYR E 69 -6.37 -6.57 -8.98
CA TYR E 69 -6.08 -7.32 -7.78
C TYR E 69 -6.88 -6.76 -6.60
N ARG E 70 -7.12 -7.62 -5.60
CA ARG E 70 -7.88 -7.25 -4.41
C ARG E 70 -9.24 -6.62 -4.75
N ASN E 71 -10.01 -7.34 -5.55
CA ASN E 71 -11.33 -6.91 -5.94
C ASN E 71 -11.39 -5.79 -6.95
N ASN E 72 -10.65 -4.71 -6.72
CA ASN E 72 -10.73 -3.58 -7.64
C ASN E 72 -9.52 -2.69 -7.75
N GLN E 73 -8.33 -3.22 -7.54
CA GLN E 73 -7.16 -2.38 -7.66
C GLN E 73 -6.55 -2.60 -9.04
N ARG E 74 -6.19 -1.50 -9.69
CA ARG E 74 -5.59 -1.55 -11.01
C ARG E 74 -4.08 -1.35 -10.92
N PRO E 75 -3.30 -2.37 -11.28
CA PRO E 75 -1.85 -2.21 -11.20
C PRO E 75 -1.38 -1.17 -12.23
N SER E 76 -0.72 -0.13 -11.75
CA SER E 76 -0.20 0.94 -12.62
C SER E 76 0.27 0.42 -13.96
N GLY E 77 -0.53 0.71 -15.00
CA GLY E 77 -0.19 0.24 -16.33
C GLY E 77 -1.43 -0.40 -16.90
N VAL E 78 -2.55 -0.21 -16.21
CA VAL E 78 -3.84 -0.73 -16.63
C VAL E 78 -4.80 0.43 -16.75
N PRO E 79 -5.57 0.50 -17.84
CA PRO E 79 -6.56 1.55 -18.14
C PRO E 79 -7.66 1.76 -17.09
N ASP E 80 -8.04 3.03 -16.93
CA ASP E 80 -9.08 3.41 -15.98
C ASP E 80 -10.40 2.77 -16.41
N ARG E 81 -10.47 2.41 -17.69
CA ARG E 81 -11.67 1.79 -18.23
C ARG E 81 -11.92 0.44 -17.59
N PHE E 82 -10.85 -0.15 -17.05
CA PHE E 82 -10.96 -1.45 -16.40
C PHE E 82 -11.24 -1.27 -14.91
N SER E 83 -12.33 -1.87 -14.44
CA SER E 83 -12.71 -1.76 -13.04
C SER E 83 -13.22 -3.09 -12.50
N GLY E 84 -12.92 -3.34 -11.24
CA GLY E 84 -13.38 -4.56 -10.61
C GLY E 84 -14.30 -4.28 -9.44
N SER E 85 -15.07 -5.27 -9.03
CA SER E 85 -15.99 -5.10 -7.91
C SER E 85 -16.52 -6.42 -7.44
N LYS E 86 -16.87 -6.46 -6.16
CA LYS E 86 -17.40 -7.66 -5.57
C LYS E 86 -18.59 -7.25 -4.71
N SER E 87 -19.45 -8.20 -4.40
CA SER E 87 -20.61 -7.96 -3.58
C SER E 87 -21.25 -9.33 -3.44
N GLY E 88 -21.52 -9.73 -2.21
CA GLY E 88 -22.10 -11.05 -1.97
C GLY E 88 -21.05 -12.07 -2.34
N THR E 89 -21.45 -13.13 -3.04
CA THR E 89 -20.49 -14.14 -3.44
C THR E 89 -20.20 -14.02 -4.92
N SER E 90 -20.13 -12.79 -5.41
CA SER E 90 -19.85 -12.58 -6.82
C SER E 90 -19.08 -11.32 -7.09
N ALA E 91 -18.41 -11.30 -8.23
CA ALA E 91 -17.63 -10.16 -8.62
C ALA E 91 -17.83 -9.97 -10.11
N SER E 92 -17.38 -8.82 -10.60
CA SER E 92 -17.51 -8.54 -12.00
C SER E 92 -16.52 -7.49 -12.44
N LEU E 93 -16.04 -7.67 -13.66
CA LEU E 93 -15.08 -6.80 -14.30
C LEU E 93 -15.90 -5.94 -15.26
N ALA E 94 -15.52 -4.69 -15.42
CA ALA E 94 -16.27 -3.83 -16.33
C ALA E 94 -15.35 -3.00 -17.21
N ILE E 95 -15.51 -3.16 -18.52
CA ILE E 95 -14.70 -2.42 -19.50
C ILE E 95 -15.55 -1.27 -20.06
N SER E 96 -14.98 -0.07 -20.09
CA SER E 96 -15.67 1.08 -20.63
C SER E 96 -14.84 1.65 -21.76
N GLY E 97 -15.48 2.24 -22.75
CA GLY E 97 -14.75 2.80 -23.88
C GLY E 97 -14.04 1.68 -24.63
N LEU E 98 -14.73 0.54 -24.74
CA LEU E 98 -14.23 -0.65 -25.40
C LEU E 98 -13.44 -0.34 -26.68
N ARG E 99 -12.45 -1.18 -26.97
CA ARG E 99 -11.65 -1.00 -28.16
C ARG E 99 -11.47 -2.37 -28.80
N SER E 100 -10.66 -2.47 -29.86
CA SER E 100 -10.46 -3.77 -30.49
C SER E 100 -9.35 -4.50 -29.75
N GLU E 101 -8.42 -3.73 -29.19
CA GLU E 101 -7.30 -4.30 -28.45
C GLU E 101 -7.78 -4.83 -27.10
N ASP E 102 -9.06 -5.16 -27.02
CA ASP E 102 -9.64 -5.66 -25.78
C ASP E 102 -10.32 -6.99 -25.94
N GLU E 103 -10.44 -7.48 -27.17
CA GLU E 103 -11.06 -8.79 -27.32
C GLU E 103 -9.99 -9.82 -27.03
N ALA E 104 -10.15 -10.49 -25.90
CA ALA E 104 -9.23 -11.51 -25.45
C ALA E 104 -10.00 -12.36 -24.47
N ASP E 105 -9.33 -13.18 -23.68
CA ASP E 105 -10.04 -13.99 -22.71
C ASP E 105 -9.77 -13.42 -21.34
N TYR E 106 -10.79 -13.38 -20.50
CA TYR E 106 -10.65 -12.85 -19.15
C TYR E 106 -11.01 -13.88 -18.12
N TYR E 107 -10.29 -13.86 -17.00
CA TYR E 107 -10.51 -14.82 -15.91
C TYR E 107 -10.51 -14.18 -14.52
N CYS E 108 -11.33 -14.72 -13.63
CA CYS E 108 -11.40 -14.28 -12.25
C CYS E 108 -10.79 -15.37 -11.40
N ALA E 109 -10.17 -14.99 -10.29
CA ALA E 109 -9.56 -15.97 -9.42
C ALA E 109 -9.46 -15.45 -8.00
N THR E 110 -9.56 -16.38 -7.04
CA THR E 110 -9.45 -16.08 -5.61
C THR E 110 -9.04 -17.36 -4.94
N TRP E 111 -8.81 -17.27 -3.64
CA TRP E 111 -8.44 -18.42 -2.86
C TRP E 111 -9.73 -19.07 -2.44
N ASP E 112 -9.77 -20.40 -2.35
CA ASP E 112 -10.97 -21.09 -1.93
C ASP E 112 -10.63 -21.83 -0.65
N ASP E 113 -11.17 -21.37 0.49
CA ASP E 113 -10.86 -21.98 1.77
C ASP E 113 -11.34 -23.40 1.94
N SER E 114 -12.21 -23.85 1.06
CA SER E 114 -12.71 -25.21 1.13
C SER E 114 -11.66 -26.16 0.59
N LEU E 115 -11.10 -25.80 -0.57
CA LEU E 115 -10.09 -26.64 -1.20
C LEU E 115 -8.69 -26.25 -0.75
N SER E 116 -8.53 -25.03 -0.24
CA SER E 116 -7.24 -24.51 0.21
C SER E 116 -6.30 -24.41 -0.98
N ALA E 117 -6.76 -23.73 -2.02
CA ALA E 117 -5.99 -23.57 -3.25
C ALA E 117 -6.55 -22.44 -4.11
N VAL E 118 -5.72 -21.92 -5.00
CA VAL E 118 -6.15 -20.85 -5.91
C VAL E 118 -7.08 -21.55 -6.89
N ILE E 119 -8.01 -20.78 -7.47
CA ILE E 119 -9.00 -21.32 -8.41
C ILE E 119 -9.33 -20.24 -9.44
N PHE E 120 -9.63 -20.65 -10.67
CA PHE E 120 -10.01 -19.69 -11.72
C PHE E 120 -11.37 -20.07 -12.23
N GLY E 121 -12.00 -19.15 -12.93
CA GLY E 121 -13.30 -19.45 -13.50
C GLY E 121 -13.00 -20.18 -14.79
N GLY E 122 -14.03 -20.46 -15.58
CA GLY E 122 -13.78 -21.14 -16.83
C GLY E 122 -13.09 -20.20 -17.80
N GLY E 123 -13.53 -18.95 -17.79
CA GLY E 123 -12.99 -17.94 -18.68
C GLY E 123 -14.13 -17.35 -19.47
N THR E 124 -13.91 -16.16 -20.01
CA THR E 124 -14.94 -15.50 -20.80
C THR E 124 -14.34 -15.01 -22.12
N LYS E 125 -14.99 -15.35 -23.23
CA LYS E 125 -14.50 -14.97 -24.54
C LYS E 125 -14.44 -13.48 -24.83
N LEU E 126 -15.59 -12.86 -25.09
CA LEU E 126 -15.59 -11.42 -25.37
C LEU E 126 -14.86 -11.07 -26.67
N THR E 127 -15.63 -10.57 -27.64
CA THR E 127 -15.08 -10.18 -28.93
C THR E 127 -15.74 -8.89 -29.42
N VAL E 128 -14.98 -7.82 -29.48
CA VAL E 128 -15.51 -6.53 -29.93
C VAL E 128 -15.97 -6.67 -31.39
N LEU E 129 -17.28 -6.68 -31.60
CA LEU E 129 -17.86 -6.83 -32.93
C LEU E 129 -17.65 -5.61 -33.83
N GLY E 130 -17.10 -5.87 -35.02
CA GLY E 130 -16.84 -4.81 -35.99
C GLY E 130 -16.03 -5.28 -37.18
N GLN E 131 -15.28 -4.36 -37.79
CA GLN E 131 -14.44 -4.65 -38.95
C GLN E 131 -15.04 -5.71 -39.86
N PRO E 132 -16.08 -5.37 -40.64
CA PRO E 132 -16.70 -6.35 -41.54
C PRO E 132 -15.83 -6.70 -42.75
N LYS E 133 -14.61 -6.16 -42.77
CA LYS E 133 -13.67 -6.38 -43.86
C LYS E 133 -12.75 -7.58 -43.63
N ALA E 134 -13.05 -8.70 -44.30
CA ALA E 134 -12.26 -9.93 -44.20
C ALA E 134 -11.80 -10.39 -45.58
N ALA E 135 -10.67 -9.86 -46.04
CA ALA E 135 -10.13 -10.22 -47.35
C ALA E 135 -9.11 -11.35 -47.26
N PRO E 136 -9.57 -12.60 -47.39
CA PRO E 136 -8.68 -13.76 -47.33
C PRO E 136 -7.79 -13.90 -48.57
N SER E 137 -6.61 -13.27 -48.52
CA SER E 137 -5.67 -13.31 -49.63
C SER E 137 -5.00 -14.69 -49.75
N VAL E 138 -5.81 -15.68 -50.13
CA VAL E 138 -5.36 -17.06 -50.27
C VAL E 138 -4.16 -17.21 -51.22
N THR E 139 -3.39 -18.27 -50.99
CA THR E 139 -2.20 -18.56 -51.79
C THR E 139 -1.93 -20.06 -51.83
N LEU E 140 -1.64 -20.59 -53.02
CA LEU E 140 -1.37 -22.01 -53.19
C LEU E 140 0.06 -22.23 -53.66
N PHE E 141 0.68 -23.31 -53.19
CA PHE E 141 2.05 -23.64 -53.58
C PHE E 141 2.19 -25.08 -54.08
N PRO E 142 2.77 -25.27 -55.27
CA PRO E 142 2.97 -26.61 -55.86
C PRO E 142 4.16 -27.29 -55.17
N PRO E 143 4.09 -28.61 -54.95
CA PRO E 143 5.21 -29.30 -54.29
C PRO E 143 6.59 -28.90 -54.81
N SER E 144 7.63 -29.31 -54.08
CA SER E 144 9.01 -29.01 -54.47
C SER E 144 9.63 -30.16 -55.27
N SER E 145 10.77 -29.90 -55.89
CA SER E 145 11.45 -30.93 -56.67
C SER E 145 12.11 -31.93 -55.72
N GLU E 146 12.57 -31.44 -54.57
CA GLU E 146 13.19 -32.29 -53.58
C GLU E 146 12.15 -33.21 -52.96
N GLU E 147 10.90 -32.75 -52.96
CA GLU E 147 9.80 -33.54 -52.41
C GLU E 147 9.44 -34.68 -53.36
N LEU E 148 9.21 -34.34 -54.63
CA LEU E 148 8.88 -35.35 -55.61
C LEU E 148 10.02 -36.37 -55.66
N GLN E 149 11.24 -35.88 -55.47
CA GLN E 149 12.40 -36.76 -55.44
C GLN E 149 12.42 -37.43 -54.08
N ALA E 150 11.23 -37.67 -53.54
CA ALA E 150 11.07 -38.30 -52.23
C ALA E 150 9.62 -38.69 -51.96
N ASN E 151 8.88 -39.04 -53.01
CA ASN E 151 7.49 -39.45 -52.87
C ASN E 151 6.72 -38.57 -51.90
N LYS E 152 6.43 -37.33 -52.30
CA LYS E 152 5.70 -36.43 -51.41
C LYS E 152 5.12 -35.24 -52.17
N ALA E 153 3.81 -35.26 -52.39
CA ALA E 153 3.12 -34.18 -53.08
C ALA E 153 2.39 -33.35 -52.03
N THR E 154 3.13 -32.47 -51.36
CA THR E 154 2.57 -31.63 -50.32
C THR E 154 2.24 -30.22 -50.84
N LEU E 155 0.96 -29.96 -51.06
CA LEU E 155 0.49 -28.66 -51.54
C LEU E 155 0.13 -27.79 -50.34
N VAL E 156 0.57 -26.53 -50.37
CA VAL E 156 0.31 -25.61 -49.27
C VAL E 156 -0.57 -24.42 -49.64
N CYS E 157 -1.78 -24.39 -49.12
CA CYS E 157 -2.71 -23.30 -49.37
C CYS E 157 -2.62 -22.37 -48.16
N LEU E 158 -1.79 -21.34 -48.26
CA LEU E 158 -1.61 -20.38 -47.18
C LEU E 158 -2.60 -19.23 -47.25
N ILE E 159 -3.68 -19.31 -46.46
CA ILE E 159 -4.69 -18.27 -46.42
C ILE E 159 -4.40 -17.31 -45.27
N SER E 160 -4.13 -16.05 -45.61
CA SER E 160 -3.79 -15.03 -44.63
C SER E 160 -4.91 -14.60 -43.68
N ASP E 161 -5.20 -13.30 -43.64
CA ASP E 161 -6.21 -12.74 -42.74
C ASP E 161 -7.65 -12.84 -43.22
N PHE E 162 -8.58 -12.68 -42.27
CA PHE E 162 -10.01 -12.72 -42.53
C PHE E 162 -10.82 -12.70 -41.23
N PHE E 163 -11.65 -11.69 -41.08
CA PHE E 163 -12.48 -11.51 -39.88
C PHE E 163 -13.95 -11.63 -40.27
N PRO E 164 -14.69 -12.57 -39.65
CA PRO E 164 -14.27 -13.53 -38.63
C PRO E 164 -13.42 -14.68 -39.16
N GLY E 165 -12.76 -15.37 -38.23
CA GLY E 165 -11.92 -16.49 -38.61
C GLY E 165 -12.69 -17.79 -38.73
N ALA E 166 -13.20 -18.05 -39.92
CA ALA E 166 -13.97 -19.26 -40.18
C ALA E 166 -14.30 -19.40 -41.65
N VAL E 167 -13.84 -20.49 -42.26
CA VAL E 167 -14.08 -20.76 -43.67
C VAL E 167 -14.14 -22.26 -43.92
N THR E 168 -14.84 -22.65 -44.98
CA THR E 168 -14.96 -24.06 -45.33
C THR E 168 -14.10 -24.31 -46.55
N VAL E 169 -12.78 -24.24 -46.37
CA VAL E 169 -11.85 -24.46 -47.45
C VAL E 169 -12.25 -25.73 -48.20
N ALA E 170 -12.10 -25.71 -49.52
CA ALA E 170 -12.45 -26.85 -50.35
C ALA E 170 -11.33 -27.24 -51.30
N TRP E 171 -11.03 -28.53 -51.34
CA TRP E 171 -10.00 -29.05 -52.22
C TRP E 171 -10.63 -30.05 -53.18
N LYS E 172 -10.36 -29.87 -54.46
CA LYS E 172 -10.90 -30.75 -55.49
C LYS E 172 -9.98 -30.84 -56.70
N ALA E 173 -10.03 -31.98 -57.39
CA ALA E 173 -9.20 -32.21 -58.57
C ALA E 173 -10.00 -32.05 -59.85
N ASP E 174 -9.64 -31.04 -60.64
CA ASP E 174 -10.30 -30.76 -61.91
C ASP E 174 -11.73 -30.25 -61.72
N GLY E 175 -12.61 -31.10 -61.22
CA GLY E 175 -13.99 -30.71 -61.00
C GLY E 175 -14.62 -31.35 -59.77
N ALA E 176 -14.46 -32.67 -59.65
CA ALA E 176 -15.01 -33.41 -58.52
C ALA E 176 -14.07 -33.35 -57.32
N PRO E 177 -14.61 -33.03 -56.13
CA PRO E 177 -13.83 -32.94 -54.90
C PRO E 177 -13.39 -34.30 -54.35
N VAL E 178 -12.16 -34.36 -53.84
CA VAL E 178 -11.61 -35.60 -53.29
C VAL E 178 -11.94 -35.75 -51.80
N LYS E 179 -12.08 -37.01 -51.36
CA LYS E 179 -12.39 -37.33 -49.97
C LYS E 179 -11.49 -36.56 -48.99
N ALA E 180 -10.45 -37.24 -48.51
CA ALA E 180 -9.51 -36.64 -47.57
C ALA E 180 -8.10 -36.56 -48.14
N GLY E 181 -7.11 -36.56 -47.26
CA GLY E 181 -5.72 -36.46 -47.69
C GLY E 181 -5.22 -35.06 -47.43
N VAL E 182 -6.16 -34.14 -47.27
CA VAL E 182 -5.86 -32.74 -47.00
C VAL E 182 -6.21 -32.39 -45.55
N GLU E 183 -5.28 -31.75 -44.85
CA GLU E 183 -5.48 -31.38 -43.45
C GLU E 183 -5.47 -29.88 -43.25
N THR E 184 -6.49 -29.36 -42.57
CA THR E 184 -6.58 -27.92 -42.31
C THR E 184 -6.63 -27.59 -40.82
N THR E 185 -5.92 -26.54 -40.43
CA THR E 185 -5.87 -26.11 -39.05
C THR E 185 -7.08 -25.26 -38.65
N LYS E 186 -6.87 -24.38 -37.66
CA LYS E 186 -7.92 -23.50 -37.16
C LYS E 186 -7.42 -22.06 -37.28
N PRO E 187 -8.33 -21.09 -37.16
CA PRO E 187 -7.94 -19.67 -37.25
C PRO E 187 -6.84 -19.30 -36.24
N SER E 188 -6.31 -18.10 -36.37
CA SER E 188 -5.26 -17.61 -35.48
C SER E 188 -5.05 -16.10 -35.66
N LYS E 189 -5.42 -15.32 -34.66
CA LYS E 189 -5.28 -13.87 -34.73
C LYS E 189 -3.84 -13.44 -35.02
N GLN E 190 -3.65 -12.78 -36.16
CA GLN E 190 -2.34 -12.30 -36.58
C GLN E 190 -1.98 -10.96 -35.93
N SER E 191 -0.99 -10.29 -36.52
CA SER E 191 -0.54 -8.99 -36.04
C SER E 191 -1.56 -7.95 -36.51
N ASN E 192 -2.18 -8.23 -37.65
CA ASN E 192 -3.18 -7.34 -38.22
C ASN E 192 -4.45 -7.55 -37.42
N ASN E 193 -4.36 -8.40 -36.40
CA ASN E 193 -5.49 -8.72 -35.54
C ASN E 193 -6.61 -9.31 -36.39
N LYS E 194 -6.22 -10.27 -37.22
CA LYS E 194 -7.13 -10.98 -38.11
C LYS E 194 -6.80 -12.47 -38.05
N TYR E 195 -7.81 -13.29 -37.80
CA TYR E 195 -7.61 -14.73 -37.72
C TYR E 195 -7.03 -15.25 -39.04
N ALA E 196 -6.17 -16.26 -38.95
CA ALA E 196 -5.55 -16.85 -40.14
C ALA E 196 -5.42 -18.35 -40.01
N ALA E 197 -5.19 -19.03 -41.13
CA ALA E 197 -5.06 -20.48 -41.13
C ALA E 197 -4.22 -20.96 -42.31
N SER E 198 -4.27 -22.26 -42.57
CA SER E 198 -3.53 -22.86 -43.67
C SER E 198 -3.91 -24.33 -43.80
N SER E 199 -3.82 -24.86 -45.02
CA SER E 199 -4.17 -26.25 -45.29
C SER E 199 -3.12 -26.94 -46.16
N TYR E 200 -3.01 -28.26 -46.01
CA TYR E 200 -2.05 -29.03 -46.78
C TYR E 200 -2.72 -30.27 -47.37
N LEU E 201 -2.39 -30.58 -48.62
CA LEU E 201 -2.96 -31.75 -49.29
C LEU E 201 -1.88 -32.80 -49.55
N SER E 202 -2.20 -34.05 -49.22
CA SER E 202 -1.27 -35.15 -49.43
C SER E 202 -1.37 -35.71 -50.84
N LEU E 203 -1.88 -36.93 -50.95
CA LEU E 203 -2.04 -37.60 -52.24
C LEU E 203 -0.68 -37.85 -52.93
N THR E 204 -0.39 -39.11 -53.21
CA THR E 204 0.86 -39.53 -53.84
C THR E 204 1.37 -38.59 -54.95
N PRO E 205 2.71 -38.48 -55.10
CA PRO E 205 3.33 -37.62 -56.12
C PRO E 205 2.95 -38.04 -57.53
N GLU E 206 2.43 -39.26 -57.64
CA GLU E 206 2.00 -39.83 -58.93
C GLU E 206 0.60 -39.34 -59.23
N GLN E 207 0.32 -38.12 -58.79
CA GLN E 207 -0.99 -37.51 -59.00
C GLN E 207 -0.82 -36.03 -59.38
N TRP E 208 0.29 -35.42 -58.97
CA TRP E 208 0.53 -34.02 -59.29
C TRP E 208 0.78 -33.93 -60.80
N LYS E 209 1.44 -34.95 -61.33
CA LYS E 209 1.73 -35.00 -62.76
C LYS E 209 0.64 -35.78 -63.48
N SER E 210 -0.08 -36.61 -62.74
CA SER E 210 -1.17 -37.42 -63.30
C SER E 210 -2.38 -36.56 -63.66
N HIS E 211 -2.85 -35.76 -62.71
CA HIS E 211 -4.00 -34.89 -62.93
C HIS E 211 -3.54 -33.46 -63.26
N ARG E 212 -4.49 -32.61 -63.65
CA ARG E 212 -4.16 -31.22 -63.99
C ARG E 212 -4.97 -30.21 -63.20
N SER E 213 -4.29 -29.17 -62.72
CA SER E 213 -4.92 -28.10 -61.94
C SER E 213 -5.58 -28.53 -60.64
N TYR E 214 -5.14 -27.92 -59.54
CA TYR E 214 -5.68 -28.19 -58.21
C TYR E 214 -6.16 -26.87 -57.61
N SER E 215 -7.41 -26.84 -57.17
CA SER E 215 -7.98 -25.62 -56.60
C SER E 215 -8.17 -25.66 -55.08
N CYS E 216 -8.02 -24.50 -54.45
CA CYS E 216 -8.19 -24.37 -53.00
C CYS E 216 -9.28 -23.32 -52.73
N GLN E 217 -10.53 -23.76 -52.77
CA GLN E 217 -11.66 -22.87 -52.52
C GLN E 217 -11.72 -22.52 -51.04
N VAL E 218 -12.26 -21.34 -50.73
CA VAL E 218 -12.39 -20.89 -49.36
C VAL E 218 -13.65 -20.05 -49.22
N THR E 219 -14.78 -20.70 -49.02
CA THR E 219 -16.04 -19.99 -48.89
C THR E 219 -16.10 -19.25 -47.56
N HIS E 220 -15.77 -17.96 -47.60
CA HIS E 220 -15.80 -17.10 -46.42
C HIS E 220 -17.14 -16.37 -46.43
N GLU E 221 -18.20 -17.09 -46.08
CA GLU E 221 -19.54 -16.52 -46.06
C GLU E 221 -19.89 -15.99 -47.45
N GLY E 222 -19.97 -16.91 -48.42
CA GLY E 222 -20.28 -16.53 -49.77
C GLY E 222 -19.05 -16.48 -50.67
N SER E 223 -18.28 -15.41 -50.55
CA SER E 223 -17.07 -15.21 -51.35
C SER E 223 -16.07 -16.36 -51.21
N THR E 224 -15.97 -17.18 -52.26
CA THR E 224 -15.06 -18.32 -52.27
C THR E 224 -13.76 -17.98 -53.00
N VAL E 225 -13.08 -16.93 -52.56
CA VAL E 225 -11.82 -16.51 -53.17
C VAL E 225 -10.89 -17.74 -53.24
N GLU E 226 -10.34 -18.01 -54.42
CA GLU E 226 -9.47 -19.17 -54.59
C GLU E 226 -8.34 -19.05 -55.64
N LYS E 227 -7.39 -19.96 -55.55
CA LYS E 227 -6.24 -20.02 -56.46
C LYS E 227 -6.02 -21.45 -56.95
N THR E 228 -5.29 -21.59 -58.05
CA THR E 228 -5.00 -22.92 -58.63
C THR E 228 -3.55 -23.05 -59.09
N VAL E 229 -3.06 -24.30 -59.14
CA VAL E 229 -1.70 -24.60 -59.56
C VAL E 229 -1.68 -25.60 -60.73
N ALA E 230 -0.80 -25.36 -61.70
CA ALA E 230 -0.68 -26.22 -62.87
C ALA E 230 0.29 -27.38 -62.64
N PRO E 231 -0.09 -28.61 -63.07
CA PRO E 231 0.73 -29.82 -62.93
C PRO E 231 2.04 -29.73 -63.72
N THR E 232 2.34 -28.52 -64.17
CA THR E 232 3.54 -28.25 -64.94
C THR E 232 4.14 -26.92 -64.50
N GLU E 233 3.50 -25.88 -64.74
N GLN F 20 16.55 23.15 5.85
CA GLN F 20 16.71 22.00 6.79
C GLN F 20 15.40 21.61 7.48
N SER F 21 14.47 22.55 7.56
CA SER F 21 13.20 22.27 8.22
C SER F 21 12.04 22.94 7.49
N VAL F 22 12.24 23.25 6.22
CA VAL F 22 11.19 23.89 5.42
C VAL F 22 11.34 23.62 3.94
N LEU F 23 10.40 22.86 3.40
CA LEU F 23 10.41 22.53 1.97
C LEU F 23 10.34 23.80 1.14
N THR F 24 11.10 23.84 0.05
CA THR F 24 11.12 25.00 -0.84
C THR F 24 10.84 24.62 -2.29
N GLN F 25 9.91 25.32 -2.91
CA GLN F 25 9.56 25.08 -4.30
C GLN F 25 9.57 26.39 -5.08
N PRO F 26 9.78 26.31 -6.40
CA PRO F 26 9.80 27.53 -7.21
C PRO F 26 8.47 28.25 -7.11
N PRO F 27 8.48 29.48 -6.58
CA PRO F 27 7.27 30.28 -6.42
C PRO F 27 6.42 30.35 -7.69
N SER F 28 7.07 30.22 -8.84
CA SER F 28 6.38 30.30 -10.13
C SER F 28 6.62 29.15 -11.10
N ALA F 29 5.58 28.81 -11.85
CA ALA F 29 5.66 27.74 -12.84
C ALA F 29 4.94 28.17 -14.11
N SER F 30 3.89 27.43 -14.47
CA SER F 30 3.10 27.75 -15.65
C SER F 30 3.83 27.48 -16.99
N GLY F 31 3.12 26.86 -17.92
CA GLY F 31 3.67 26.54 -19.23
C GLY F 31 2.56 26.28 -20.23
N THR F 32 2.93 26.10 -21.50
CA THR F 32 1.95 25.84 -22.57
C THR F 32 1.23 24.51 -22.43
N PRO F 33 -0.01 24.42 -22.97
CA PRO F 33 -0.82 23.20 -22.92
C PRO F 33 -0.24 22.08 -23.77
N GLY F 34 0.11 20.98 -23.13
CA GLY F 34 0.70 19.85 -23.81
C GLY F 34 2.12 19.69 -23.31
N GLN F 35 2.78 20.83 -23.15
CA GLN F 35 4.16 20.87 -22.66
C GLN F 35 4.28 20.03 -21.37
N ARG F 36 5.49 19.62 -21.02
CA ARG F 36 5.71 18.86 -19.82
C ARG F 36 6.44 19.70 -18.79
N VAL F 37 5.69 20.17 -17.78
CA VAL F 37 6.22 21.02 -16.71
C VAL F 37 6.72 20.20 -15.52
N THR F 38 7.67 20.76 -14.81
CA THR F 38 8.28 20.09 -13.66
C THR F 38 8.42 21.00 -12.44
N ILE F 39 7.74 20.65 -11.35
CA ILE F 39 7.82 21.42 -10.12
C ILE F 39 8.69 20.66 -9.14
N SER F 40 9.59 21.37 -8.46
CA SER F 40 10.47 20.72 -7.51
C SER F 40 10.22 21.13 -6.07
N CYS F 41 10.74 20.33 -5.15
CA CYS F 41 10.60 20.53 -3.72
C CYS F 41 11.95 20.13 -3.11
N SER F 42 12.71 21.09 -2.60
CA SER F 42 14.01 20.76 -2.03
C SER F 42 14.05 20.96 -0.52
N GLY F 43 14.81 20.12 0.17
CA GLY F 43 14.89 20.24 1.62
C GLY F 43 16.07 19.57 2.27
N SER F 44 15.87 19.14 3.51
CA SER F 44 16.91 18.49 4.30
C SER F 44 16.66 17.00 4.47
N SER F 45 17.62 16.33 5.08
CA SER F 45 17.52 14.90 5.35
C SER F 45 16.42 14.75 6.40
N SER F 46 16.49 15.62 7.41
CA SER F 46 15.54 15.65 8.51
C SER F 46 14.08 15.49 8.09
N ASN F 47 13.76 15.81 6.84
CA ASN F 47 12.38 15.67 6.39
C ASN F 47 12.26 14.93 5.07
N ILE F 48 12.05 15.67 3.98
CA ILE F 48 11.91 15.04 2.67
C ILE F 48 13.03 14.04 2.37
N GLY F 49 14.10 14.14 3.13
CA GLY F 49 15.18 13.21 2.94
C GLY F 49 14.78 11.87 3.50
N SER F 50 14.38 11.86 4.77
CA SER F 50 13.99 10.62 5.45
C SER F 50 12.51 10.22 5.56
N ASN F 51 11.59 10.99 4.99
CA ASN F 51 10.18 10.60 5.08
C ASN F 51 9.47 10.72 3.76
N TYR F 52 8.35 10.02 3.61
CA TYR F 52 7.59 10.07 2.35
C TYR F 52 7.26 11.50 1.97
N VAL F 53 6.89 11.71 0.72
CA VAL F 53 6.53 13.05 0.26
C VAL F 53 5.12 13.02 -0.29
N TYR F 54 4.34 14.06 0.02
CA TYR F 54 2.95 14.14 -0.42
C TYR F 54 2.80 15.38 -1.29
N TRP F 55 1.95 15.30 -2.31
CA TRP F 55 1.74 16.43 -3.21
C TRP F 55 0.28 16.79 -3.26
N TYR F 56 -0.01 18.05 -2.97
CA TYR F 56 -1.37 18.52 -2.98
C TYR F 56 -1.64 19.58 -4.05
N GLN F 57 -2.76 19.44 -4.73
CA GLN F 57 -3.15 20.38 -5.77
C GLN F 57 -4.35 21.19 -5.30
N GLN F 58 -4.15 22.49 -5.15
CA GLN F 58 -5.24 23.37 -4.71
C GLN F 58 -5.76 24.24 -5.85
N LEU F 59 -6.95 23.92 -6.35
CA LEU F 59 -7.52 24.70 -7.44
C LEU F 59 -7.86 26.10 -6.93
N PRO F 60 -7.39 27.17 -7.61
CA PRO F 60 -7.71 28.51 -7.15
C PRO F 60 -9.17 28.62 -6.69
N GLY F 61 -9.35 28.97 -5.43
CA GLY F 61 -10.69 29.11 -4.89
C GLY F 61 -11.25 27.87 -4.23
N THR F 62 -10.41 26.85 -4.05
CA THR F 62 -10.91 25.64 -3.45
C THR F 62 -9.94 24.92 -2.53
N ALA F 63 -10.48 23.93 -1.83
CA ALA F 63 -9.74 23.12 -0.88
C ALA F 63 -8.67 22.24 -1.50
N PRO F 64 -7.46 22.24 -0.91
CA PRO F 64 -6.37 21.42 -1.41
C PRO F 64 -6.88 20.03 -1.70
N LYS F 65 -6.18 19.30 -2.56
CA LYS F 65 -6.56 17.95 -2.91
C LYS F 65 -5.31 17.10 -2.88
N LEU F 66 -5.45 15.84 -2.48
CA LEU F 66 -4.30 14.94 -2.43
C LEU F 66 -4.06 14.48 -3.86
N LEU F 67 -2.83 14.69 -4.32
CA LEU F 67 -2.45 14.31 -5.67
C LEU F 67 -1.52 13.10 -5.61
N ILE F 68 -0.38 13.29 -4.94
CA ILE F 68 0.61 12.24 -4.81
C ILE F 68 0.93 11.90 -3.36
N TYR F 69 0.86 10.61 -3.03
CA TYR F 69 1.15 10.16 -1.68
C TYR F 69 2.21 9.08 -1.68
N ARG F 70 2.94 8.98 -0.59
CA ARG F 70 4.01 7.99 -0.48
C ARG F 70 4.95 8.14 -1.68
N ASN F 71 5.60 9.32 -1.78
CA ASN F 71 6.54 9.59 -2.86
C ASN F 71 5.99 9.66 -4.29
N ASN F 72 5.28 8.63 -4.74
CA ASN F 72 4.77 8.65 -6.12
C ASN F 72 3.54 7.79 -6.42
N GLN F 73 2.57 7.82 -5.52
CA GLN F 73 1.33 7.07 -5.68
C GLN F 73 0.20 8.03 -6.00
N ARG F 74 -0.72 7.63 -6.87
CA ARG F 74 -1.83 8.50 -7.23
C ARG F 74 -3.18 7.93 -6.83
N PRO F 75 -3.94 8.68 -6.01
CA PRO F 75 -5.25 8.18 -5.60
C PRO F 75 -6.27 8.06 -6.73
N SER F 76 -7.35 7.32 -6.48
CA SER F 76 -8.40 7.14 -7.47
C SER F 76 -9.03 8.47 -7.81
N GLY F 77 -9.22 8.72 -9.10
CA GLY F 77 -9.79 9.97 -9.54
C GLY F 77 -8.64 10.93 -9.76
N VAL F 78 -7.57 10.42 -10.35
CA VAL F 78 -6.40 11.24 -10.63
C VAL F 78 -5.81 10.89 -12.00
N PRO F 79 -5.64 11.91 -12.87
CA PRO F 79 -5.08 11.76 -14.21
C PRO F 79 -3.77 10.99 -14.19
N ASP F 80 -3.48 10.35 -15.32
CA ASP F 80 -2.28 9.55 -15.48
C ASP F 80 -1.06 10.43 -15.82
N ARG F 81 -1.33 11.69 -16.12
CA ARG F 81 -0.28 12.66 -16.47
C ARG F 81 0.60 12.93 -15.26
N PHE F 82 -0.01 12.83 -14.09
CA PHE F 82 0.64 13.11 -12.81
C PHE F 82 1.52 11.98 -12.30
N SER F 83 2.66 12.37 -11.75
CA SER F 83 3.61 11.42 -11.19
C SER F 83 4.73 12.20 -10.52
N GLY F 84 5.21 11.66 -9.40
CA GLY F 84 6.28 12.32 -8.67
C GLY F 84 7.43 11.40 -8.39
N SER F 85 8.43 11.89 -7.67
CA SER F 85 9.59 11.09 -7.35
C SER F 85 10.49 11.76 -6.34
N LYS F 86 11.05 10.97 -5.44
CA LYS F 86 11.93 11.49 -4.40
C LYS F 86 13.39 11.28 -4.84
N SER F 87 14.32 11.82 -4.06
CA SER F 87 15.73 11.70 -4.37
C SER F 87 16.54 12.44 -3.31
N GLY F 88 17.55 11.76 -2.78
CA GLY F 88 18.38 12.37 -1.76
C GLY F 88 17.62 13.15 -0.70
N THR F 89 17.43 14.45 -0.95
CA THR F 89 16.70 15.30 -0.02
C THR F 89 15.95 16.35 -0.80
N SER F 90 15.41 15.93 -1.94
CA SER F 90 14.64 16.81 -2.81
C SER F 90 13.85 15.89 -3.72
N ALA F 91 12.58 16.20 -3.96
CA ALA F 91 11.79 15.37 -4.85
C ALA F 91 11.06 16.33 -5.75
N SER F 92 10.18 15.82 -6.61
CA SER F 92 9.47 16.74 -7.48
C SER F 92 8.29 16.15 -8.23
N LEU F 93 7.27 17.00 -8.39
CA LEU F 93 6.07 16.64 -9.11
C LEU F 93 6.27 17.10 -10.55
N ALA F 94 5.68 16.38 -11.48
CA ALA F 94 5.80 16.73 -12.87
C ALA F 94 4.53 16.39 -13.63
N ILE F 95 4.02 17.36 -14.35
CA ILE F 95 2.81 17.17 -15.12
C ILE F 95 3.19 17.04 -16.60
N SER F 96 2.98 15.84 -17.15
CA SER F 96 3.29 15.57 -18.56
C SER F 96 2.01 15.83 -19.34
N GLY F 97 2.13 16.62 -20.40
CA GLY F 97 0.97 16.93 -21.21
C GLY F 97 0.20 18.03 -20.53
N LEU F 98 0.96 18.92 -19.87
CA LEU F 98 0.43 20.06 -19.13
C LEU F 98 -0.86 20.56 -19.77
N ARG F 99 -1.85 20.90 -18.96
CA ARG F 99 -3.11 21.37 -19.51
C ARG F 99 -3.67 22.64 -18.88
N SER F 100 -4.94 22.92 -19.19
CA SER F 100 -5.64 24.09 -18.69
C SER F 100 -6.18 23.86 -17.29
N GLU F 101 -7.01 22.84 -17.14
CA GLU F 101 -7.58 22.52 -15.84
C GLU F 101 -6.53 21.82 -14.98
N ASP F 102 -5.28 22.20 -15.21
CA ASP F 102 -4.12 21.68 -14.49
C ASP F 102 -3.41 22.87 -13.85
N GLU F 103 -4.00 24.05 -14.00
CA GLU F 103 -3.42 25.25 -13.44
C GLU F 103 -4.02 25.44 -12.05
N ALA F 104 -3.13 25.58 -11.07
CA ALA F 104 -3.55 25.76 -9.69
C ALA F 104 -2.29 25.83 -8.87
N ASP F 105 -2.43 25.87 -7.55
CA ASP F 105 -1.25 25.90 -6.71
C ASP F 105 -0.89 24.46 -6.38
N TYR F 106 0.41 24.18 -6.32
CA TYR F 106 0.86 22.85 -6.02
C TYR F 106 1.77 22.86 -4.81
N TYR F 107 1.29 22.31 -3.72
CA TYR F 107 2.07 22.25 -2.48
C TYR F 107 2.61 20.82 -2.32
N CYS F 108 3.82 20.71 -1.78
CA CYS F 108 4.45 19.43 -1.52
C CYS F 108 4.70 19.44 -0.03
N ALA F 109 4.54 18.29 0.62
CA ALA F 109 4.73 18.25 2.06
C ALA F 109 5.26 16.92 2.56
N THR F 110 5.89 16.98 3.74
CA THR F 110 6.45 15.80 4.37
C THR F 110 6.54 16.00 5.87
N TRP F 111 6.82 14.93 6.58
CA TRP F 111 6.93 15.01 8.03
C TRP F 111 8.37 15.41 8.36
N ASP F 112 8.58 16.26 9.34
CA ASP F 112 9.93 16.66 9.70
C ASP F 112 10.35 16.14 11.06
N ASP F 113 11.25 15.15 11.05
CA ASP F 113 11.72 14.49 12.27
C ASP F 113 12.40 15.37 13.30
N SER F 114 12.69 16.62 12.96
CA SER F 114 13.36 17.53 13.88
C SER F 114 12.36 18.48 14.53
N LEU F 115 11.28 18.77 13.81
CA LEU F 115 10.23 19.65 14.31
C LEU F 115 9.16 18.80 14.97
N SER F 116 8.99 17.59 14.43
CA SER F 116 8.01 16.64 14.92
C SER F 116 6.66 17.13 14.45
N ALA F 117 6.58 17.50 13.18
CA ALA F 117 5.35 18.02 12.60
C ALA F 117 5.40 17.97 11.10
N VAL F 118 4.22 17.97 10.48
CA VAL F 118 4.13 17.96 9.03
C VAL F 118 4.66 19.31 8.59
N ILE F 119 5.27 19.35 7.41
CA ILE F 119 5.82 20.59 6.87
C ILE F 119 5.32 20.77 5.47
N PHE F 120 4.81 21.94 5.17
CA PHE F 120 4.32 22.23 3.82
C PHE F 120 5.32 23.13 3.10
N GLY F 121 5.46 22.94 1.79
CA GLY F 121 6.35 23.77 1.02
C GLY F 121 5.74 25.16 0.88
N GLY F 122 6.45 26.03 0.17
CA GLY F 122 5.96 27.38 -0.03
C GLY F 122 4.75 27.34 -0.93
N GLY F 123 4.77 26.42 -1.88
CA GLY F 123 3.69 26.29 -2.83
C GLY F 123 4.19 26.81 -4.16
N THR F 124 3.68 26.25 -5.25
CA THR F 124 4.07 26.70 -6.57
C THR F 124 2.85 26.94 -7.43
N LYS F 125 2.67 28.20 -7.82
CA LYS F 125 1.53 28.59 -8.64
C LYS F 125 1.85 28.29 -10.11
N LEU F 126 0.84 27.84 -10.84
CA LEU F 126 1.00 27.50 -12.24
C LEU F 126 -0.29 27.69 -13.04
N THR F 127 -0.17 28.46 -14.13
CA THR F 127 -1.30 28.74 -15.00
C THR F 127 -1.07 28.10 -16.36
N VAL F 128 -2.15 27.95 -17.12
CA VAL F 128 -2.06 27.38 -18.46
C VAL F 128 -1.93 28.58 -19.41
N LEU F 129 -1.38 28.34 -20.60
CA LEU F 129 -1.23 29.41 -21.56
C LEU F 129 -2.31 29.41 -22.63
N GLY F 130 -2.82 30.59 -22.95
CA GLY F 130 -3.84 30.74 -23.96
C GLY F 130 -4.26 32.20 -24.03
N GLN F 131 -4.46 32.73 -25.24
CA GLN F 131 -4.86 34.13 -25.41
C GLN F 131 -4.11 35.04 -24.44
N PRO F 132 -2.77 35.10 -24.54
CA PRO F 132 -1.93 35.94 -23.67
C PRO F 132 -1.89 37.44 -23.94
N LYS F 133 -3.04 38.04 -24.24
CA LYS F 133 -3.10 39.48 -24.50
C LYS F 133 -3.46 40.27 -23.26
N ALA F 134 -2.44 40.81 -22.60
CA ALA F 134 -2.61 41.58 -21.37
C ALA F 134 -2.96 43.04 -21.58
N ALA F 135 -4.24 43.38 -21.38
CA ALA F 135 -4.70 44.75 -21.54
C ALA F 135 -5.05 45.39 -20.18
N PRO F 136 -4.07 45.46 -19.26
CA PRO F 136 -4.32 46.06 -17.93
C PRO F 136 -4.88 47.48 -17.97
N SER F 137 -6.15 47.59 -18.34
CA SER F 137 -6.85 48.86 -18.44
C SER F 137 -7.00 49.48 -17.04
N VAL F 138 -5.90 50.03 -16.52
CA VAL F 138 -5.91 50.64 -15.20
C VAL F 138 -6.74 51.93 -15.17
N THR F 139 -7.33 52.21 -14.00
CA THR F 139 -8.13 53.42 -13.80
C THR F 139 -7.91 53.88 -12.35
N LEU F 140 -7.98 55.19 -12.12
CA LEU F 140 -7.78 55.74 -10.78
C LEU F 140 -8.88 56.75 -10.43
N PHE F 141 -9.52 56.56 -9.28
CA PHE F 141 -10.57 57.46 -8.80
C PHE F 141 -10.11 58.15 -7.52
N PRO F 142 -10.07 59.49 -7.51
CA PRO F 142 -9.65 60.27 -6.34
C PRO F 142 -10.65 60.16 -5.19
N PRO F 143 -10.32 60.74 -4.02
CA PRO F 143 -11.22 60.67 -2.86
C PRO F 143 -12.61 61.26 -3.13
N SER F 144 -13.63 60.59 -2.61
CA SER F 144 -15.02 61.03 -2.77
C SER F 144 -15.25 62.39 -2.14
N SER F 145 -16.31 63.05 -2.59
CA SER F 145 -16.66 64.35 -2.06
C SER F 145 -17.04 64.17 -0.59
N GLU F 146 -17.95 63.23 -0.36
CA GLU F 146 -18.44 62.91 0.96
C GLU F 146 -17.38 62.24 1.81
N GLU F 147 -16.46 61.54 1.16
CA GLU F 147 -15.38 60.87 1.87
C GLU F 147 -14.48 61.89 2.52
N LEU F 148 -14.02 62.86 1.73
CA LEU F 148 -13.14 63.92 2.23
C LEU F 148 -13.73 64.59 3.45
N GLN F 149 -14.99 64.29 3.74
CA GLN F 149 -15.67 64.87 4.88
C GLN F 149 -15.38 64.07 6.14
N ALA F 150 -15.67 62.77 6.11
CA ALA F 150 -15.44 61.90 7.26
C ALA F 150 -13.95 61.78 7.64
N ASN F 151 -13.13 62.70 7.15
CA ASN F 151 -11.69 62.72 7.42
C ASN F 151 -10.91 61.62 6.70
N LYS F 152 -11.39 61.23 5.53
CA LYS F 152 -10.74 60.19 4.75
C LYS F 152 -10.23 60.67 3.39
N ALA F 153 -9.44 59.82 2.75
CA ALA F 153 -8.88 60.13 1.45
C ALA F 153 -8.48 58.83 0.73
N THR F 154 -9.41 57.87 0.70
CA THR F 154 -9.14 56.60 0.06
C THR F 154 -8.93 56.73 -1.44
N LEU F 155 -7.76 56.33 -1.89
CA LEU F 155 -7.42 56.37 -3.31
C LEU F 155 -7.58 54.98 -3.92
N VAL F 156 -8.44 54.89 -4.93
CA VAL F 156 -8.71 53.62 -5.61
C VAL F 156 -8.01 53.54 -6.95
N CYS F 157 -7.60 52.34 -7.33
CA CYS F 157 -6.94 52.11 -8.61
C CYS F 157 -7.55 50.82 -9.12
N LEU F 158 -8.55 50.95 -10.00
CA LEU F 158 -9.25 49.80 -10.55
C LEU F 158 -8.61 49.17 -11.79
N ILE F 159 -7.51 48.48 -11.59
CA ILE F 159 -6.82 47.81 -12.69
C ILE F 159 -7.71 46.70 -13.25
N SER F 160 -8.46 47.03 -14.30
CA SER F 160 -9.41 46.12 -14.95
C SER F 160 -8.91 44.75 -15.41
N ASP F 161 -9.38 44.32 -16.58
CA ASP F 161 -9.04 43.00 -17.12
C ASP F 161 -7.71 42.87 -17.88
N PHE F 162 -7.13 41.68 -17.82
CA PHE F 162 -5.84 41.39 -18.46
C PHE F 162 -5.53 39.88 -18.50
N PHE F 163 -4.25 39.54 -18.70
CA PHE F 163 -3.82 38.14 -18.78
C PHE F 163 -2.32 38.13 -19.07
N PRO F 164 -1.54 37.28 -18.38
CA PRO F 164 -1.94 36.33 -17.34
C PRO F 164 -2.24 36.97 -15.98
N GLY F 165 -2.94 36.20 -15.14
CA GLY F 165 -3.30 36.69 -13.82
C GLY F 165 -2.16 36.91 -12.86
N ALA F 166 -1.64 38.13 -12.86
CA ALA F 166 -0.54 38.52 -11.99
C ALA F 166 -0.02 39.88 -12.42
N VAL F 167 0.14 40.78 -11.46
CA VAL F 167 0.65 42.12 -11.73
C VAL F 167 1.37 42.64 -10.48
N THR F 168 1.46 43.96 -10.36
CA THR F 168 2.11 44.58 -9.21
C THR F 168 1.69 46.03 -9.16
N VAL F 169 1.87 46.68 -8.02
CA VAL F 169 1.50 48.08 -7.87
C VAL F 169 2.51 48.85 -7.03
N ALA F 170 2.48 50.18 -7.17
CA ALA F 170 3.38 51.06 -6.42
C ALA F 170 2.88 52.50 -6.51
N TRP F 171 2.49 53.04 -5.36
CA TRP F 171 1.99 54.42 -5.30
C TRP F 171 3.09 55.38 -4.84
N LYS F 172 3.00 56.62 -5.29
CA LYS F 172 4.01 57.61 -4.94
C LYS F 172 3.51 59.05 -4.96
N ALA F 173 4.10 59.88 -4.12
CA ALA F 173 3.75 61.30 -4.05
C ALA F 173 4.84 62.08 -4.79
N ASP F 174 4.48 62.62 -5.95
CA ASP F 174 5.40 63.38 -6.82
C ASP F 174 6.29 62.37 -7.56
N GLY F 175 7.34 61.95 -6.87
CA GLY F 175 8.29 60.98 -7.43
C GLY F 175 8.66 60.01 -6.33
N ALA F 176 8.71 60.51 -5.09
CA ALA F 176 9.04 59.68 -3.93
C ALA F 176 7.85 58.81 -3.54
N PRO F 177 7.96 57.48 -3.78
CA PRO F 177 6.91 56.50 -3.47
C PRO F 177 6.59 56.30 -1.98
N VAL F 178 5.30 56.31 -1.67
CA VAL F 178 4.84 56.13 -0.29
C VAL F 178 4.95 54.65 0.08
N LYS F 179 5.45 54.39 1.29
CA LYS F 179 5.61 53.02 1.77
C LYS F 179 4.28 52.29 1.91
N ALA F 180 4.11 51.58 3.01
CA ALA F 180 2.88 50.82 3.26
C ALA F 180 1.61 51.67 3.15
N GLY F 181 0.52 51.14 3.69
CA GLY F 181 -0.75 51.86 3.61
C GLY F 181 -1.37 51.64 2.26
N VAL F 182 -0.67 50.90 1.41
CA VAL F 182 -1.15 50.60 0.07
C VAL F 182 -1.56 49.13 -0.07
N GLU F 183 -2.54 48.72 0.73
CA GLU F 183 -3.02 47.35 0.68
C GLU F 183 -3.61 47.14 -0.72
N THR F 184 -3.20 46.05 -1.37
CA THR F 184 -3.67 45.75 -2.72
C THR F 184 -4.27 44.35 -2.85
N THR F 185 -5.43 44.26 -3.48
CA THR F 185 -6.13 42.99 -3.66
C THR F 185 -5.37 42.11 -4.65
N LYS F 186 -5.52 40.80 -4.53
CA LYS F 186 -4.85 39.87 -5.42
C LYS F 186 -5.63 39.76 -6.73
N PRO F 187 -4.97 39.27 -7.79
CA PRO F 187 -5.65 39.14 -9.08
C PRO F 187 -6.91 38.30 -8.89
N SER F 188 -7.77 38.26 -9.92
CA SER F 188 -9.01 37.49 -9.84
C SER F 188 -9.61 37.32 -11.22
N LYS F 189 -9.89 36.08 -11.58
CA LYS F 189 -10.46 35.76 -12.88
C LYS F 189 -11.89 36.26 -13.10
N GLN F 190 -12.22 36.52 -14.36
CA GLN F 190 -13.54 36.98 -14.77
C GLN F 190 -14.12 35.93 -15.74
N SER F 191 -15.21 36.30 -16.40
CA SER F 191 -15.81 35.41 -17.39
C SER F 191 -14.84 35.48 -18.55
N ASN F 192 -14.25 36.65 -18.73
CA ASN F 192 -13.27 36.89 -19.78
C ASN F 192 -12.10 35.94 -19.60
N ASN F 193 -12.04 35.26 -18.46
CA ASN F 193 -10.92 34.37 -18.17
C ASN F 193 -9.73 35.29 -18.09
N LYS F 194 -10.01 36.57 -18.27
CA LYS F 194 -9.01 37.63 -18.17
C LYS F 194 -9.16 37.96 -16.70
N TYR F 195 -8.09 38.35 -16.04
CA TYR F 195 -8.20 38.64 -14.64
C TYR F 195 -8.53 40.10 -14.37
N ALA F 196 -8.70 40.44 -13.09
CA ALA F 196 -9.00 41.80 -12.67
C ALA F 196 -8.71 41.93 -11.19
N ALA F 197 -8.18 43.07 -10.80
CA ALA F 197 -7.85 43.33 -9.41
C ALA F 197 -7.95 44.82 -9.16
N SER F 198 -7.37 45.29 -8.06
CA SER F 198 -7.41 46.71 -7.75
C SER F 198 -6.46 47.02 -6.59
N SER F 199 -6.34 48.29 -6.24
CA SER F 199 -5.48 48.70 -5.14
C SER F 199 -5.93 50.03 -4.56
N TYR F 200 -5.83 50.14 -3.24
CA TYR F 200 -6.24 51.35 -2.54
C TYR F 200 -5.03 51.97 -1.85
N LEU F 201 -5.17 53.22 -1.45
CA LEU F 201 -4.12 53.93 -0.73
C LEU F 201 -4.81 54.78 0.34
N SER F 202 -4.42 54.58 1.59
CA SER F 202 -5.02 55.31 2.70
C SER F 202 -4.88 56.81 2.56
N LEU F 203 -3.99 57.42 3.34
CA LEU F 203 -3.77 58.86 3.28
C LEU F 203 -5.00 59.65 3.72
N THR F 204 -4.81 60.63 4.59
CA THR F 204 -5.91 61.47 5.08
C THR F 204 -6.16 62.61 4.08
N PRO F 205 -7.17 63.45 4.34
CA PRO F 205 -7.42 64.56 3.39
C PRO F 205 -6.32 65.61 3.46
N GLU F 206 -5.82 65.85 4.66
CA GLU F 206 -4.76 66.84 4.88
C GLU F 206 -3.49 66.45 4.13
N GLN F 207 -3.50 65.27 3.52
CA GLN F 207 -2.35 64.78 2.77
C GLN F 207 -2.59 64.94 1.26
N TRP F 208 -3.85 64.81 0.85
CA TRP F 208 -4.21 64.91 -0.56
C TRP F 208 -4.31 66.36 -1.05
N LYS F 209 -5.16 67.14 -0.39
CA LYS F 209 -5.35 68.54 -0.77
C LYS F 209 -4.05 69.34 -0.72
N SER F 210 -2.98 68.71 -0.23
CA SER F 210 -1.67 69.35 -0.13
C SER F 210 -0.74 69.00 -1.29
N HIS F 211 -0.03 67.88 -1.15
CA HIS F 211 0.94 67.38 -2.15
C HIS F 211 0.56 67.59 -3.62
N ARG F 212 1.53 67.36 -4.51
CA ARG F 212 1.31 67.53 -5.95
C ARG F 212 1.03 66.23 -6.70
N SER F 213 -0.21 65.74 -6.58
CA SER F 213 -0.65 64.53 -7.26
C SER F 213 0.08 63.23 -6.88
N TYR F 214 -0.70 62.16 -6.77
CA TYR F 214 -0.16 60.84 -6.45
C TYR F 214 -0.25 59.98 -7.70
N SER F 215 0.39 58.81 -7.69
CA SER F 215 0.36 57.95 -8.88
C SER F 215 0.25 56.45 -8.60
N CYS F 216 -0.53 55.75 -9.43
CA CYS F 216 -0.72 54.31 -9.32
C CYS F 216 -0.04 53.63 -10.51
N GLN F 217 1.11 53.01 -10.24
CA GLN F 217 1.87 52.33 -11.27
C GLN F 217 1.70 50.82 -11.23
N VAL F 218 1.03 50.29 -12.25
CA VAL F 218 0.80 48.85 -12.35
C VAL F 218 1.99 48.27 -13.13
N THR F 219 2.10 46.94 -13.15
CA THR F 219 3.18 46.28 -13.87
C THR F 219 2.79 44.88 -14.34
N HIS F 220 2.34 44.77 -15.58
CA HIS F 220 1.93 43.49 -16.13
C HIS F 220 3.05 42.94 -17.02
N GLU F 221 3.90 42.11 -16.44
CA GLU F 221 5.03 41.52 -17.16
C GLU F 221 5.79 42.54 -17.99
N GLY F 222 6.57 43.38 -17.30
CA GLY F 222 7.36 44.40 -17.98
C GLY F 222 6.77 45.79 -18.05
N SER F 223 5.77 45.95 -18.92
CA SER F 223 5.10 47.23 -19.12
C SER F 223 4.60 47.83 -17.81
N THR F 224 5.12 49.00 -17.44
CA THR F 224 4.71 49.68 -16.23
C THR F 224 3.57 50.65 -16.52
N VAL F 225 2.47 50.11 -17.06
CA VAL F 225 1.30 50.91 -17.38
C VAL F 225 0.89 51.71 -16.15
N GLU F 226 0.75 53.02 -16.30
CA GLU F 226 0.38 53.86 -15.16
C GLU F 226 -0.39 55.12 -15.54
N LYS F 227 -1.28 55.54 -14.64
CA LYS F 227 -2.08 56.75 -14.83
C LYS F 227 -1.94 57.59 -13.57
N THR F 228 -2.52 58.78 -13.57
CA THR F 228 -2.41 59.65 -12.41
C THR F 228 -3.63 60.53 -12.19
N VAL F 229 -3.80 60.99 -10.95
CA VAL F 229 -4.88 61.87 -10.57
C VAL F 229 -4.23 63.08 -9.93
N ALA F 230 -4.88 64.23 -10.03
CA ALA F 230 -4.32 65.46 -9.47
C ALA F 230 -5.31 66.17 -8.55
N PRO F 231 -4.80 67.05 -7.66
CA PRO F 231 -5.68 67.79 -6.74
C PRO F 231 -6.56 68.78 -7.50
N THR F 232 -6.61 68.60 -8.82
CA THR F 232 -7.42 69.44 -9.70
C THR F 232 -8.88 69.38 -9.27
N GLU F 233 -9.50 70.54 -9.09
CA GLU F 233 -10.90 70.58 -8.66
C GLU F 233 -11.89 70.47 -9.81
N CYS F 234 -11.61 69.55 -10.73
CA CYS F 234 -12.48 69.31 -11.88
C CYS F 234 -12.08 68.02 -12.57
#